data_2IVY
# 
_entry.id   2IVY 
# 
_audit_conform.dict_name       mmcif_pdbx.dic 
_audit_conform.dict_version    5.382 
_audit_conform.dict_location   http://mmcif.pdb.org/dictionaries/ascii/mmcif_pdbx.dic 
# 
loop_
_database_2.database_id 
_database_2.database_code 
_database_2.pdbx_database_accession 
_database_2.pdbx_DOI 
PDB   2IVY         pdb_00002ivy 10.2210/pdb2ivy/pdb 
PDBE  EBI-29174    ?            ?                   
WWPDB D_1290029174 ?            ?                   
# 
_pdbx_database_status.status_code                     REL 
_pdbx_database_status.entry_id                        2IVY 
_pdbx_database_status.deposit_site                    PDBE 
_pdbx_database_status.process_site                    PDBE 
_pdbx_database_status.SG_entry                        . 
_pdbx_database_status.recvd_initial_deposition_date   2006-06-22 
_pdbx_database_status.pdb_format_compatible           Y 
_pdbx_database_status.status_code_sf                  REL 
_pdbx_database_status.status_code_mr                  ? 
_pdbx_database_status.status_code_cs                  ? 
_pdbx_database_status.methods_development_category    ? 
_pdbx_database_status.status_code_nmr_data            ? 
# 
loop_
_audit_author.name 
_audit_author.pdbx_ordinal 
'Yan, X.'        1 
'Carter, L.G.'   2 
'Dorward, M.'    3 
'Liu, H.'        4 
'McMahon, S.A.'  5 
'Oke, M.'        6 
'Powers, H.'     7 
'White, M.F.'    8 
'Naismith, J.H.' 9 
# 
_citation.id                        primary 
_citation.title                     'The Scottish Structural Proteomics Facility: Targets, Methods and Outputs.' 
_citation.journal_abbrev            J.Struct.Funct.Genomics 
_citation.journal_volume            11 
_citation.page_first                167 
_citation.page_last                 ? 
_citation.year                      2010 
_citation.journal_id_ASTM           ? 
_citation.country                   NE 
_citation.journal_id_ISSN           1345-711X 
_citation.journal_id_CSD            ? 
_citation.book_publisher            ? 
_citation.pdbx_database_id_PubMed   20419351 
_citation.pdbx_database_id_DOI      10.1007/S10969-010-9090-Y 
# 
loop_
_citation_author.citation_id 
_citation_author.name 
_citation_author.ordinal 
_citation_author.identifier_ORCID 
primary 'Oke, M.'             1  ? 
primary 'Carter, L.G.'        2  ? 
primary 'Johnson, K.A.'       3  ? 
primary 'Liu, H.'             4  ? 
primary 'Mcmahon, S.A.'       5  ? 
primary 'Yan, X.'             6  ? 
primary 'Kerou, M.'           7  ? 
primary 'Weikart, N.D.'       8  ? 
primary 'Kadi, N.'            9  ? 
primary 'Sheikh, M.A.'        10 ? 
primary 'Schmelz, S.'         11 ? 
primary 'Dorward, M.'         12 ? 
primary 'Zawadzki, M.'        13 ? 
primary 'Cozens, C.'          14 ? 
primary 'Falconer, H.'        15 ? 
primary 'Powers, H.'          16 ? 
primary 'Overton, I.M.'       17 ? 
primary 'Van Niekerk, C.A.J.' 18 ? 
primary 'Peng, X.'            19 ? 
primary 'Patel, P.'           20 ? 
primary 'Garrett, R.A.'       21 ? 
primary 'Prangishvili, D.'    22 ? 
primary 'Botting, C.H.'       23 ? 
primary 'Coote, P.J.'         24 ? 
primary 'Dryden, D.T.F.'      25 ? 
primary 'Barton, G.J.'        26 ? 
primary 'Schwarz-Linek, U.'   27 ? 
primary 'Challis, G.L.'       28 ? 
primary 'Taylor, G.L.'        29 ? 
primary 'White, M.F.'         30 ? 
primary 'Naismith, J.H.'      31 ? 
# 
_cell.entry_id           2IVY 
_cell.length_a           64.493 
_cell.length_b           64.493 
_cell.length_c           39.219 
_cell.angle_alpha        90.00 
_cell.angle_beta         90.00 
_cell.angle_gamma        120.00 
_cell.Z_PDB              6 
_cell.pdbx_unique_axis   ? 
# 
_symmetry.entry_id                         2IVY 
_symmetry.space_group_name_H-M             'P 62' 
_symmetry.pdbx_full_space_group_name_H-M   ? 
_symmetry.cell_setting                     ? 
_symmetry.Int_Tables_number                171 
# 
loop_
_entity.id 
_entity.type 
_entity.src_method 
_entity.pdbx_description 
_entity.formula_weight 
_entity.pdbx_number_of_molecules 
_entity.pdbx_ec 
_entity.pdbx_mutation 
_entity.pdbx_fragment 
_entity.details 
1 polymer man 'HYPOTHETICAL PROTEIN SSO1404' 11878.636 1   ? ? ? ? 
2 water   nat water                          18.015    105 ? ? ? ? 
# 
_entity_poly.entity_id                      1 
_entity_poly.type                           'polypeptide(L)' 
_entity_poly.nstd_linkage                   no 
_entity_poly.nstd_monomer                   no 
_entity_poly.pdbx_seq_one_letter_code       
;GAMLYLIFYDITDDNLRNRVAEFLKKKGLDRIQYSVFMGDLNSSRLKDVEAGLKIIGNRKKLQEDERFFILIVPITENQF
RERIVIGYSGSEREEKSNVVW
;
_entity_poly.pdbx_seq_one_letter_code_can   
;GAMLYLIFYDITDDNLRNRVAEFLKKKGLDRIQYSVFMGDLNSSRLKDVEAGLKIIGNRKKLQEDERFFILIVPITENQF
RERIVIGYSGSEREEKSNVVW
;
_entity_poly.pdbx_strand_id                 A 
_entity_poly.pdbx_target_identifier         ? 
# 
loop_
_entity_poly_seq.entity_id 
_entity_poly_seq.num 
_entity_poly_seq.mon_id 
_entity_poly_seq.hetero 
1 1   GLY n 
1 2   ALA n 
1 3   MET n 
1 4   LEU n 
1 5   TYR n 
1 6   LEU n 
1 7   ILE n 
1 8   PHE n 
1 9   TYR n 
1 10  ASP n 
1 11  ILE n 
1 12  THR n 
1 13  ASP n 
1 14  ASP n 
1 15  ASN n 
1 16  LEU n 
1 17  ARG n 
1 18  ASN n 
1 19  ARG n 
1 20  VAL n 
1 21  ALA n 
1 22  GLU n 
1 23  PHE n 
1 24  LEU n 
1 25  LYS n 
1 26  LYS n 
1 27  LYS n 
1 28  GLY n 
1 29  LEU n 
1 30  ASP n 
1 31  ARG n 
1 32  ILE n 
1 33  GLN n 
1 34  TYR n 
1 35  SER n 
1 36  VAL n 
1 37  PHE n 
1 38  MET n 
1 39  GLY n 
1 40  ASP n 
1 41  LEU n 
1 42  ASN n 
1 43  SER n 
1 44  SER n 
1 45  ARG n 
1 46  LEU n 
1 47  LYS n 
1 48  ASP n 
1 49  VAL n 
1 50  GLU n 
1 51  ALA n 
1 52  GLY n 
1 53  LEU n 
1 54  LYS n 
1 55  ILE n 
1 56  ILE n 
1 57  GLY n 
1 58  ASN n 
1 59  ARG n 
1 60  LYS n 
1 61  LYS n 
1 62  LEU n 
1 63  GLN n 
1 64  GLU n 
1 65  ASP n 
1 66  GLU n 
1 67  ARG n 
1 68  PHE n 
1 69  PHE n 
1 70  ILE n 
1 71  LEU n 
1 72  ILE n 
1 73  VAL n 
1 74  PRO n 
1 75  ILE n 
1 76  THR n 
1 77  GLU n 
1 78  ASN n 
1 79  GLN n 
1 80  PHE n 
1 81  ARG n 
1 82  GLU n 
1 83  ARG n 
1 84  ILE n 
1 85  VAL n 
1 86  ILE n 
1 87  GLY n 
1 88  TYR n 
1 89  SER n 
1 90  GLY n 
1 91  SER n 
1 92  GLU n 
1 93  ARG n 
1 94  GLU n 
1 95  GLU n 
1 96  LYS n 
1 97  SER n 
1 98  ASN n 
1 99  VAL n 
1 100 VAL n 
1 101 TRP n 
# 
_entity_src_gen.entity_id                          1 
_entity_src_gen.pdbx_src_id                        1 
_entity_src_gen.pdbx_alt_source_flag               sample 
_entity_src_gen.pdbx_seq_type                      ? 
_entity_src_gen.pdbx_beg_seq_num                   ? 
_entity_src_gen.pdbx_end_seq_num                   ? 
_entity_src_gen.gene_src_common_name               ? 
_entity_src_gen.gene_src_genus                     ? 
_entity_src_gen.pdbx_gene_src_gene                 ? 
_entity_src_gen.gene_src_species                   ? 
_entity_src_gen.gene_src_strain                    P2 
_entity_src_gen.gene_src_tissue                    ? 
_entity_src_gen.gene_src_tissue_fraction           ? 
_entity_src_gen.gene_src_details                   ? 
_entity_src_gen.pdbx_gene_src_fragment             ? 
_entity_src_gen.pdbx_gene_src_scientific_name      'SULFOLOBUS SOLFATARICUS' 
_entity_src_gen.pdbx_gene_src_ncbi_taxonomy_id     273057 
_entity_src_gen.pdbx_gene_src_variant              ? 
_entity_src_gen.pdbx_gene_src_cell_line            ? 
_entity_src_gen.pdbx_gene_src_atcc                 ? 
_entity_src_gen.pdbx_gene_src_organ                ? 
_entity_src_gen.pdbx_gene_src_organelle            ? 
_entity_src_gen.pdbx_gene_src_cell                 ? 
_entity_src_gen.pdbx_gene_src_cellular_location    ? 
_entity_src_gen.host_org_common_name               ? 
_entity_src_gen.pdbx_host_org_scientific_name      'ESCHERICHIA COLI BL21(DE3)' 
_entity_src_gen.pdbx_host_org_ncbi_taxonomy_id     469008 
_entity_src_gen.host_org_genus                     ? 
_entity_src_gen.pdbx_host_org_gene                 ? 
_entity_src_gen.pdbx_host_org_organ                ? 
_entity_src_gen.host_org_species                   ? 
_entity_src_gen.pdbx_host_org_tissue               ? 
_entity_src_gen.pdbx_host_org_tissue_fraction      ? 
_entity_src_gen.pdbx_host_org_strain               ? 
_entity_src_gen.pdbx_host_org_variant              C43 
_entity_src_gen.pdbx_host_org_cell_line            ? 
_entity_src_gen.pdbx_host_org_atcc                 ? 
_entity_src_gen.pdbx_host_org_culture_collection   ? 
_entity_src_gen.pdbx_host_org_cell                 ? 
_entity_src_gen.pdbx_host_org_organelle            ? 
_entity_src_gen.pdbx_host_org_cellular_location    ? 
_entity_src_gen.pdbx_host_org_vector_type          PLASMID 
_entity_src_gen.pdbx_host_org_vector               ? 
_entity_src_gen.host_org_details                   ? 
_entity_src_gen.expression_system_id               ? 
_entity_src_gen.plasmid_name                       PDEST14 
_entity_src_gen.plasmid_details                    ? 
_entity_src_gen.pdbx_description                   ? 
# 
loop_
_struct_ref.id 
_struct_ref.db_name 
_struct_ref.db_code 
_struct_ref.entity_id 
_struct_ref.pdbx_seq_one_letter_code 
_struct_ref.pdbx_align_begin 
_struct_ref.pdbx_db_accession 
_struct_ref.pdbx_db_isoform 
1 PDB 2IVY         1 ? ? 2IVY   ? 
2 UNP Q97YC2_SULSO 1 ? ? Q97YC2 ? 
# 
loop_
_struct_ref_seq.align_id 
_struct_ref_seq.ref_id 
_struct_ref_seq.pdbx_PDB_id_code 
_struct_ref_seq.pdbx_strand_id 
_struct_ref_seq.seq_align_beg 
_struct_ref_seq.pdbx_seq_align_beg_ins_code 
_struct_ref_seq.seq_align_end 
_struct_ref_seq.pdbx_seq_align_end_ins_code 
_struct_ref_seq.pdbx_db_accession 
_struct_ref_seq.db_align_beg 
_struct_ref_seq.pdbx_db_align_beg_ins_code 
_struct_ref_seq.db_align_end 
_struct_ref_seq.pdbx_db_align_end_ins_code 
_struct_ref_seq.pdbx_auth_seq_align_beg 
_struct_ref_seq.pdbx_auth_seq_align_end 
1 1 2IVY A 1 ? 1   ? 2IVY   1 ? 1   ? 1 1   
2 2 2IVY A 2 ? 101 ? Q97YC2 2 ? 101 ? 2 101 
# 
loop_
_chem_comp.id 
_chem_comp.type 
_chem_comp.mon_nstd_flag 
_chem_comp.name 
_chem_comp.pdbx_synonyms 
_chem_comp.formula 
_chem_comp.formula_weight 
ALA 'L-peptide linking' y ALANINE         ? 'C3 H7 N O2'     89.093  
ARG 'L-peptide linking' y ARGININE        ? 'C6 H15 N4 O2 1' 175.209 
ASN 'L-peptide linking' y ASPARAGINE      ? 'C4 H8 N2 O3'    132.118 
ASP 'L-peptide linking' y 'ASPARTIC ACID' ? 'C4 H7 N O4'     133.103 
GLN 'L-peptide linking' y GLUTAMINE       ? 'C5 H10 N2 O3'   146.144 
GLU 'L-peptide linking' y 'GLUTAMIC ACID' ? 'C5 H9 N O4'     147.129 
GLY 'peptide linking'   y GLYCINE         ? 'C2 H5 N O2'     75.067  
HOH non-polymer         . WATER           ? 'H2 O'           18.015  
ILE 'L-peptide linking' y ISOLEUCINE      ? 'C6 H13 N O2'    131.173 
LEU 'L-peptide linking' y LEUCINE         ? 'C6 H13 N O2'    131.173 
LYS 'L-peptide linking' y LYSINE          ? 'C6 H15 N2 O2 1' 147.195 
MET 'L-peptide linking' y METHIONINE      ? 'C5 H11 N O2 S'  149.211 
PHE 'L-peptide linking' y PHENYLALANINE   ? 'C9 H11 N O2'    165.189 
PRO 'L-peptide linking' y PROLINE         ? 'C5 H9 N O2'     115.130 
SER 'L-peptide linking' y SERINE          ? 'C3 H7 N O3'     105.093 
THR 'L-peptide linking' y THREONINE       ? 'C4 H9 N O3'     119.119 
TRP 'L-peptide linking' y TRYPTOPHAN      ? 'C11 H12 N2 O2'  204.225 
TYR 'L-peptide linking' y TYROSINE        ? 'C9 H11 N O3'    181.189 
VAL 'L-peptide linking' y VALINE          ? 'C5 H11 N O2'    117.146 
# 
_exptl.entry_id          2IVY 
_exptl.method            'X-RAY DIFFRACTION' 
_exptl.crystals_number   1 
# 
_exptl_crystal.id                    1 
_exptl_crystal.density_meas          ? 
_exptl_crystal.density_Matthews      2 
_exptl_crystal.density_percent_sol   38 
_exptl_crystal.description           ? 
# 
_exptl_crystal_grow.crystal_id      1 
_exptl_crystal_grow.method          ? 
_exptl_crystal_grow.temp            ? 
_exptl_crystal_grow.temp_details    ? 
_exptl_crystal_grow.pH              7.00 
_exptl_crystal_grow.pdbx_pH_range   ? 
_exptl_crystal_grow.pdbx_details    '30% PEG 1000, 0.1M TRIS PH 7.0' 
# 
_diffrn.id                     1 
_diffrn.ambient_temp           100.0 
_diffrn.ambient_temp_details   ? 
_diffrn.crystal_id             1 
# 
_diffrn_detector.diffrn_id              1 
_diffrn_detector.detector               CCD 
_diffrn_detector.type                   'ADSC CCD' 
_diffrn_detector.pdbx_collection_date   2006-03-04 
_diffrn_detector.details                ? 
# 
_diffrn_radiation.diffrn_id                        1 
_diffrn_radiation.wavelength_id                    1 
_diffrn_radiation.pdbx_monochromatic_or_laue_m_l   M 
_diffrn_radiation.monochromator                    DIAMOND 
_diffrn_radiation.pdbx_diffrn_protocol             'SINGLE WAVELENGTH' 
_diffrn_radiation.pdbx_scattering_type             x-ray 
# 
_diffrn_radiation_wavelength.id           1 
_diffrn_radiation_wavelength.wavelength   0.933 
_diffrn_radiation_wavelength.wt           1.0 
# 
_diffrn_source.diffrn_id                   1 
_diffrn_source.source                      SYNCHROTRON 
_diffrn_source.type                        'ESRF BEAMLINE ID14-1' 
_diffrn_source.pdbx_synchrotron_site       ESRF 
_diffrn_source.pdbx_synchrotron_beamline   ID14-1 
_diffrn_source.pdbx_wavelength             0.933 
_diffrn_source.pdbx_wavelength_list        ? 
# 
_reflns.pdbx_diffrn_id               1 
_reflns.pdbx_ordinal                 1 
_reflns.entry_id                     2IVY 
_reflns.observed_criterion_sigma_I   6.000 
_reflns.observed_criterion_sigma_F   ? 
_reflns.d_resolution_low             30.000 
_reflns.d_resolution_high            1.400 
_reflns.number_obs                   18390 
_reflns.number_all                   ? 
_reflns.percent_possible_obs         99.7 
_reflns.pdbx_Rmerge_I_obs            0.05000 
_reflns.pdbx_Rsym_value              ? 
_reflns.pdbx_netI_over_sigmaI        34.2000 
_reflns.B_iso_Wilson_estimate        ? 
_reflns.pdbx_redundancy              10.100 
# 
_reflns_shell.pdbx_diffrn_id         1 
_reflns_shell.pdbx_ordinal           1 
_reflns_shell.d_res_high             1.40 
_reflns_shell.d_res_low              1.48 
_reflns_shell.percent_possible_all   100.0 
_reflns_shell.Rmerge_I_obs           0.36000 
_reflns_shell.pdbx_Rsym_value        ? 
_reflns_shell.meanI_over_sigI_obs    6.100 
_reflns_shell.pdbx_redundancy        10.10 
# 
_refine.pdbx_refine_id                           'X-RAY DIFFRACTION' 
_refine.entry_id                                 2IVY 
_refine.pdbx_diffrn_id                           1 
_refine.pdbx_TLS_residual_ADP_flag               ? 
_refine.ls_number_reflns_obs                     17425 
_refine.ls_number_reflns_all                     ? 
_refine.pdbx_ls_sigma_I                          ? 
_refine.pdbx_ls_sigma_F                          ? 
_refine.pdbx_data_cutoff_high_absF               ? 
_refine.pdbx_data_cutoff_low_absF                ? 
_refine.pdbx_data_cutoff_high_rms_absF           ? 
_refine.ls_d_res_low                             18.62 
_refine.ls_d_res_high                            1.40 
_refine.ls_percent_reflns_obs                    99.7 
_refine.ls_R_factor_obs                          0.165 
_refine.ls_R_factor_all                          ? 
_refine.ls_R_factor_R_work                       0.164 
_refine.ls_R_factor_R_free                       0.194 
_refine.ls_R_factor_R_free_error                 ? 
_refine.ls_R_factor_R_free_error_details         ? 
_refine.ls_percent_reflns_R_free                 5.100 
_refine.ls_number_reflns_R_free                  941 
_refine.ls_number_parameters                     ? 
_refine.ls_number_restraints                     ? 
_refine.occupancy_min                            ? 
_refine.occupancy_max                            ? 
_refine.correlation_coeff_Fo_to_Fc               0.967 
_refine.correlation_coeff_Fo_to_Fc_free          0.961 
_refine.B_iso_mean                               13.05 
_refine.aniso_B[1][1]                            -0.14000 
_refine.aniso_B[2][2]                            -0.14000 
_refine.aniso_B[3][3]                            0.21000 
_refine.aniso_B[1][2]                            -0.07000 
_refine.aniso_B[1][3]                            0.00000 
_refine.aniso_B[2][3]                            0.00000 
_refine.solvent_model_details                    MASK 
_refine.solvent_model_param_ksol                 ? 
_refine.solvent_model_param_bsol                 ? 
_refine.pdbx_solvent_vdw_probe_radii             1.20 
_refine.pdbx_solvent_ion_probe_radii             0.80 
_refine.pdbx_solvent_shrinkage_radii             0.80 
_refine.pdbx_ls_cross_valid_method               THROUGHOUT 
_refine.details                                  
'HYDROGENS HAVE BEEN ADDED IN THE RIDING POSITIONS. RESIDUES 1 AND 90-101 ARE DISORDERED.' 
_refine.pdbx_starting_model                      'PDB ENTRY 1ZPW' 
_refine.pdbx_method_to_determine_struct          'MOLECULAR REPLACEMENT' 
_refine.pdbx_isotropic_thermal_model             ? 
_refine.pdbx_stereochemistry_target_values       'MAXIMUM LIKELIHOOD' 
_refine.pdbx_stereochem_target_val_spec_case     ? 
_refine.pdbx_R_Free_selection_details            RANDOM 
_refine.pdbx_overall_ESU_R                       0.068 
_refine.pdbx_overall_ESU_R_Free                  0.061 
_refine.overall_SU_ML                            0.034 
_refine.pdbx_overall_phase_error                 ? 
_refine.overall_SU_B                             1.845 
_refine.overall_SU_R_Cruickshank_DPI             ? 
_refine.pdbx_overall_SU_R_free_Cruickshank_DPI   ? 
_refine.pdbx_overall_SU_R_Blow_DPI               ? 
_refine.pdbx_overall_SU_R_free_Blow_DPI          ? 
# 
_refine_hist.pdbx_refine_id                   'X-RAY DIFFRACTION' 
_refine_hist.cycle_id                         LAST 
_refine_hist.pdbx_number_atoms_protein        730 
_refine_hist.pdbx_number_atoms_nucleic_acid   0 
_refine_hist.pdbx_number_atoms_ligand         0 
_refine_hist.number_atoms_solvent             105 
_refine_hist.number_atoms_total               835 
_refine_hist.d_res_high                       1.40 
_refine_hist.d_res_low                        18.62 
# 
loop_
_refine_ls_restr.type 
_refine_ls_restr.dev_ideal 
_refine_ls_restr.dev_ideal_target 
_refine_ls_restr.weight 
_refine_ls_restr.number 
_refine_ls_restr.pdbx_refine_id 
_refine_ls_restr.pdbx_restraint_function 
r_bond_refined_d             0.009  0.022  ? 743 'X-RAY DIFFRACTION' ? 
r_bond_other_d               ?      ?      ? ?   'X-RAY DIFFRACTION' ? 
r_angle_refined_deg          1.241  1.980  ? 996 'X-RAY DIFFRACTION' ? 
r_angle_other_deg            ?      ?      ? ?   'X-RAY DIFFRACTION' ? 
r_dihedral_angle_1_deg       4.356  5.000  ? 89  'X-RAY DIFFRACTION' ? 
r_dihedral_angle_2_deg       32.202 23.158 ? 38  'X-RAY DIFFRACTION' ? 
r_dihedral_angle_3_deg       12.515 15.000 ? 148 'X-RAY DIFFRACTION' ? 
r_dihedral_angle_4_deg       16.592 15.000 ? 8   'X-RAY DIFFRACTION' ? 
r_chiral_restr               0.090  0.200  ? 111 'X-RAY DIFFRACTION' ? 
r_gen_planes_refined         0.005  0.020  ? 550 'X-RAY DIFFRACTION' ? 
r_gen_planes_other           ?      ?      ? ?   'X-RAY DIFFRACTION' ? 
r_nbd_refined                0.196  0.200  ? 322 'X-RAY DIFFRACTION' ? 
r_nbd_other                  ?      ?      ? ?   'X-RAY DIFFRACTION' ? 
r_nbtor_refined              0.314  0.200  ? 531 'X-RAY DIFFRACTION' ? 
r_nbtor_other                ?      ?      ? ?   'X-RAY DIFFRACTION' ? 
r_xyhbond_nbd_refined        0.168  0.200  ? 72  'X-RAY DIFFRACTION' ? 
r_xyhbond_nbd_other          ?      ?      ? ?   'X-RAY DIFFRACTION' ? 
r_metal_ion_refined          ?      ?      ? ?   'X-RAY DIFFRACTION' ? 
r_metal_ion_other            ?      ?      ? ?   'X-RAY DIFFRACTION' ? 
r_symmetry_vdw_refined       0.161  0.200  ? 55  'X-RAY DIFFRACTION' ? 
r_symmetry_vdw_other         ?      ?      ? ?   'X-RAY DIFFRACTION' ? 
r_symmetry_hbond_refined     0.166  0.200  ? 17  'X-RAY DIFFRACTION' ? 
r_symmetry_hbond_other       ?      ?      ? ?   'X-RAY DIFFRACTION' ? 
r_symmetry_metal_ion_refined ?      ?      ? ?   'X-RAY DIFFRACTION' ? 
r_symmetry_metal_ion_other   ?      ?      ? ?   'X-RAY DIFFRACTION' ? 
r_mcbond_it                  1.311  1.500  ? 452 'X-RAY DIFFRACTION' ? 
r_mcbond_other               ?      ?      ? ?   'X-RAY DIFFRACTION' ? 
r_mcangle_it                 1.784  2.000  ? 708 'X-RAY DIFFRACTION' ? 
r_mcangle_other              ?      ?      ? ?   'X-RAY DIFFRACTION' ? 
r_scbond_it                  2.582  3.000  ? 324 'X-RAY DIFFRACTION' ? 
r_scbond_other               ?      ?      ? ?   'X-RAY DIFFRACTION' ? 
r_scangle_it                 3.772  4.500  ? 287 'X-RAY DIFFRACTION' ? 
r_scangle_other              ?      ?      ? ?   'X-RAY DIFFRACTION' ? 
r_long_range_B_refined       ?      ?      ? ?   'X-RAY DIFFRACTION' ? 
r_long_range_B_other         ?      ?      ? ?   'X-RAY DIFFRACTION' ? 
r_rigid_bond_restr           ?      ?      ? ?   'X-RAY DIFFRACTION' ? 
r_sphericity_free            ?      ?      ? ?   'X-RAY DIFFRACTION' ? 
r_sphericity_bonded          ?      ?      ? ?   'X-RAY DIFFRACTION' ? 
# 
_refine_ls_shell.pdbx_refine_id                   'X-RAY DIFFRACTION' 
_refine_ls_shell.pdbx_total_number_of_bins_used   20 
_refine_ls_shell.d_res_high                       1.40 
_refine_ls_shell.d_res_low                        1.44 
_refine_ls_shell.number_reflns_R_work             1255 
_refine_ls_shell.R_factor_R_work                  0.2070 
_refine_ls_shell.percent_reflns_obs               ? 
_refine_ls_shell.R_factor_R_free                  0.3070 
_refine_ls_shell.R_factor_R_free_error            ? 
_refine_ls_shell.percent_reflns_R_free            ? 
_refine_ls_shell.number_reflns_R_free             82 
_refine_ls_shell.number_reflns_all                ? 
_refine_ls_shell.R_factor_all                     ? 
# 
_struct.entry_id                  2IVY 
_struct.title                     'Crystal structure of hypothetical protein sso1404 from Sulfolobus solfataricus P2' 
_struct.pdbx_model_details        ? 
_struct.pdbx_CASP_flag            ? 
_struct.pdbx_model_type_details   ? 
# 
_struct_keywords.entry_id        2IVY 
_struct_keywords.pdbx_keywords   'UNKNOWN FUNCTION' 
_struct_keywords.text            'STRUCTURAL GENOMICS, UNKNOWN FUNCTION, CAS, RNAI, CRISPR' 
# 
loop_
_struct_asym.id 
_struct_asym.pdbx_blank_PDB_chainid_flag 
_struct_asym.pdbx_modified 
_struct_asym.entity_id 
_struct_asym.details 
A N N 1 ? 
B N N 2 ? 
# 
_struct_biol.id   1 
# 
loop_
_struct_conf.conf_type_id 
_struct_conf.id 
_struct_conf.pdbx_PDB_helix_id 
_struct_conf.beg_label_comp_id 
_struct_conf.beg_label_asym_id 
_struct_conf.beg_label_seq_id 
_struct_conf.pdbx_beg_PDB_ins_code 
_struct_conf.end_label_comp_id 
_struct_conf.end_label_asym_id 
_struct_conf.end_label_seq_id 
_struct_conf.pdbx_end_PDB_ins_code 
_struct_conf.beg_auth_comp_id 
_struct_conf.beg_auth_asym_id 
_struct_conf.beg_auth_seq_id 
_struct_conf.end_auth_comp_id 
_struct_conf.end_auth_asym_id 
_struct_conf.end_auth_seq_id 
_struct_conf.pdbx_PDB_helix_class 
_struct_conf.details 
_struct_conf.pdbx_PDB_helix_length 
HELX_P HELX_P1 1 ASP A 13 ? LYS A 27 ? ASP A 13 LYS A 27 1 ? 15 
HELX_P HELX_P2 2 ASN A 42 ? GLY A 57 ? ASN A 42 GLY A 57 1 ? 16 
HELX_P HELX_P3 3 THR A 76 ? GLU A 82 ? THR A 76 GLU A 82 1 ? 7  
# 
_struct_conf_type.id          HELX_P 
_struct_conf_type.criteria    ? 
_struct_conf_type.reference   ? 
# 
_struct_sheet.id               AA 
_struct_sheet.type             ? 
_struct_sheet.number_strands   4 
_struct_sheet.details          ? 
# 
loop_
_struct_sheet_order.sheet_id 
_struct_sheet_order.range_id_1 
_struct_sheet_order.range_id_2 
_struct_sheet_order.offset 
_struct_sheet_order.sense 
AA 1 2 ? anti-parallel 
AA 2 3 ? anti-parallel 
AA 3 4 ? anti-parallel 
# 
loop_
_struct_sheet_range.sheet_id 
_struct_sheet_range.id 
_struct_sheet_range.beg_label_comp_id 
_struct_sheet_range.beg_label_asym_id 
_struct_sheet_range.beg_label_seq_id 
_struct_sheet_range.pdbx_beg_PDB_ins_code 
_struct_sheet_range.end_label_comp_id 
_struct_sheet_range.end_label_asym_id 
_struct_sheet_range.end_label_seq_id 
_struct_sheet_range.pdbx_end_PDB_ins_code 
_struct_sheet_range.beg_auth_comp_id 
_struct_sheet_range.beg_auth_asym_id 
_struct_sheet_range.beg_auth_seq_id 
_struct_sheet_range.end_auth_comp_id 
_struct_sheet_range.end_auth_asym_id 
_struct_sheet_range.end_auth_seq_id 
AA 1 ASP A 30 ? GLN A 33 ? ASP A 30 GLN A 33 
AA 2 VAL A 36 ? LEU A 41 ? VAL A 36 LEU A 41 
AA 3 MET A 3  ? ILE A 11 ? MET A 3  ILE A 11 
AA 4 PHE A 68 ? ILE A 75 ? PHE A 68 ILE A 75 
# 
loop_
_pdbx_struct_sheet_hbond.sheet_id 
_pdbx_struct_sheet_hbond.range_id_1 
_pdbx_struct_sheet_hbond.range_id_2 
_pdbx_struct_sheet_hbond.range_1_label_atom_id 
_pdbx_struct_sheet_hbond.range_1_label_comp_id 
_pdbx_struct_sheet_hbond.range_1_label_asym_id 
_pdbx_struct_sheet_hbond.range_1_label_seq_id 
_pdbx_struct_sheet_hbond.range_1_PDB_ins_code 
_pdbx_struct_sheet_hbond.range_1_auth_atom_id 
_pdbx_struct_sheet_hbond.range_1_auth_comp_id 
_pdbx_struct_sheet_hbond.range_1_auth_asym_id 
_pdbx_struct_sheet_hbond.range_1_auth_seq_id 
_pdbx_struct_sheet_hbond.range_2_label_atom_id 
_pdbx_struct_sheet_hbond.range_2_label_comp_id 
_pdbx_struct_sheet_hbond.range_2_label_asym_id 
_pdbx_struct_sheet_hbond.range_2_label_seq_id 
_pdbx_struct_sheet_hbond.range_2_PDB_ins_code 
_pdbx_struct_sheet_hbond.range_2_auth_atom_id 
_pdbx_struct_sheet_hbond.range_2_auth_comp_id 
_pdbx_struct_sheet_hbond.range_2_auth_asym_id 
_pdbx_struct_sheet_hbond.range_2_auth_seq_id 
AA 1 2 N ILE A 32 ? N ILE A 32 O VAL A 36 ? O VAL A 36 
AA 2 3 N LEU A 41 ? N LEU A 41 O MET A 3  ? O MET A 3  
AA 3 4 N ASP A 10 ? N ASP A 10 O PHE A 69 ? O PHE A 69 
# 
_atom_sites.entry_id                    2IVY 
_atom_sites.fract_transf_matrix[1][1]   0.01031501 
_atom_sites.fract_transf_matrix[1][2]   -0.00549244 
_atom_sites.fract_transf_matrix[1][3]   -0.01356496 
_atom_sites.fract_transf_matrix[2][1]   0.01263414 
_atom_sites.fract_transf_matrix[2][2]   0.01083632 
_atom_sites.fract_transf_matrix[2][3]   -0.00659590 
_atom_sites.fract_transf_matrix[3][1]   0.01682803 
_atom_sites.fract_transf_matrix[3][2]   -0.00949173 
_atom_sites.fract_transf_matrix[3][3]   0.01663949 
_atom_sites.fract_transf_vector[1]      0.882446 
_atom_sites.fract_transf_vector[2]      0.369263 
_atom_sites.fract_transf_vector[3]      -0.366794 
# 
loop_
_atom_type.symbol 
C 
N 
O 
S 
# 
loop_
_atom_site.group_PDB 
_atom_site.id 
_atom_site.type_symbol 
_atom_site.label_atom_id 
_atom_site.label_alt_id 
_atom_site.label_comp_id 
_atom_site.label_asym_id 
_atom_site.label_entity_id 
_atom_site.label_seq_id 
_atom_site.pdbx_PDB_ins_code 
_atom_site.Cartn_x 
_atom_site.Cartn_y 
_atom_site.Cartn_z 
_atom_site.occupancy 
_atom_site.B_iso_or_equiv 
_atom_site.pdbx_formal_charge 
_atom_site.auth_seq_id 
_atom_site.auth_comp_id 
_atom_site.auth_asym_id 
_atom_site.auth_atom_id 
_atom_site.pdbx_PDB_model_num 
ATOM   1   N N   . ALA A 1 2  ? 7.470   -5.705  16.235  1.00 15.13 ? 2    ALA A N   1 
ATOM   2   C CA  . ALA A 1 2  ? 6.818   -5.687  14.888  1.00 14.61 ? 2    ALA A CA  1 
ATOM   3   C C   . ALA A 1 2  ? 7.706   -5.049  13.823  1.00 14.79 ? 2    ALA A C   1 
ATOM   4   O O   . ALA A 1 2  ? 8.409   -4.062  14.077  1.00 15.44 ? 2    ALA A O   1 
ATOM   5   C CB  . ALA A 1 2  ? 5.471   -4.977  14.948  1.00 14.61 ? 2    ALA A CB  1 
ATOM   6   N N   . MET A 1 3  ? 7.655   -5.598  12.617  1.00 14.08 ? 3    MET A N   1 
ATOM   7   C CA  . MET A 1 3  ? 8.497   -5.092  11.573  1.00 13.47 ? 3    MET A CA  1 
ATOM   8   C C   . MET A 1 3  ? 7.819   -3.891  10.930  1.00 10.76 ? 3    MET A C   1 
ATOM   9   O O   . MET A 1 3  ? 6.594   -3.796  10.901  1.00 10.05 ? 3    MET A O   1 
ATOM   10  C CB  . MET A 1 3  ? 8.748   -6.167  10.517  1.00 14.29 ? 3    MET A CB  1 
ATOM   11  C CG  . MET A 1 3  ? 9.648   -7.295  10.960  1.00 15.73 ? 3    MET A CG  1 
ATOM   12  S SD  . MET A 1 3  ? 10.193  -8.210  9.511   1.00 20.51 ? 3    MET A SD  1 
ATOM   13  C CE  . MET A 1 3  ? 11.340  -9.362  10.258  1.00 18.52 ? 3    MET A CE  1 
ATOM   14  N N   . LEU A 1 4  ? 8.636   -2.973  10.437  1.00 8.90  ? 4    LEU A N   1 
ATOM   15  C CA  . LEU A 1 4  ? 8.160   -1.879  9.601   1.00 8.70  ? 4    LEU A CA  1 
ATOM   16  C C   . LEU A 1 4  ? 7.969   -2.377  8.172   1.00 8.36  ? 4    LEU A C   1 
ATOM   17  O O   . LEU A 1 4  ? 8.794   -3.125  7.644   1.00 8.61  ? 4    LEU A O   1 
ATOM   18  C CB  . LEU A 1 4  ? 9.163   -0.711  9.648   1.00 8.27  ? 4    LEU A CB  1 
ATOM   19  C CG  . LEU A 1 4  ? 8.879   0.582   8.859   1.00 9.14  ? 4    LEU A CG  1 
ATOM   20  C CD1 . LEU A 1 4  ? 7.667   1.300   9.403   1.00 10.16 ? 4    LEU A CD1 1 
ATOM   21  C CD2 . LEU A 1 4  ? 10.085  1.536   8.905   1.00 9.21  ? 4    LEU A CD2 1 
ATOM   22  N N   . TYR A 1 5  ? 6.874   -1.941  7.561   1.00 8.52  ? 5    TYR A N   1 
ATOM   23  C CA  . TYR A 1 5  ? 6.603   -2.254  6.167   1.00 8.28  ? 5    TYR A CA  1 
ATOM   24  C C   . TYR A 1 5  ? 6.382   -0.993  5.360   1.00 8.32  ? 5    TYR A C   1 
ATOM   25  O O   . TYR A 1 5  ? 5.827   -0.013  5.855   1.00 9.06  ? 5    TYR A O   1 
ATOM   26  C CB  . TYR A 1 5  ? 5.364   -3.159  6.017   1.00 8.83  ? 5    TYR A CB  1 
ATOM   27  C CG  . TYR A 1 5  ? 5.598   -4.541  6.591   1.00 6.90  ? 5    TYR A CG  1 
ATOM   28  C CD1 . TYR A 1 5  ? 6.051   -5.588  5.780   1.00 7.18  ? 5    TYR A CD1 1 
ATOM   29  C CD2 . TYR A 1 5  ? 5.393   -4.795  7.950   1.00 7.44  ? 5    TYR A CD2 1 
ATOM   30  C CE1 . TYR A 1 5  ? 6.302   -6.843  6.305   1.00 6.10  ? 5    TYR A CE1 1 
ATOM   31  C CE2 . TYR A 1 5  ? 5.639   -6.050  8.483   1.00 7.03  ? 5    TYR A CE2 1 
ATOM   32  C CZ  . TYR A 1 5  ? 6.084   -7.070  7.654   1.00 6.78  ? 5    TYR A CZ  1 
ATOM   33  O OH  . TYR A 1 5  ? 6.337   -8.314  8.163   1.00 7.18  ? 5    TYR A OH  1 
ATOM   34  N N   . LEU A 1 6  ? 6.793   -1.068  4.097   1.00 7.96  ? 6    LEU A N   1 
ATOM   35  C CA  . LEU A 1 6  ? 6.454   -0.083  3.080   1.00 7.72  ? 6    LEU A CA  1 
ATOM   36  C C   . LEU A 1 6  ? 5.416   -0.716  2.167   1.00 7.48  ? 6    LEU A C   1 
ATOM   37  O O   . LEU A 1 6  ? 5.557   -1.890  1.773   1.00 7.49  ? 6    LEU A O   1 
ATOM   38  C CB  . LEU A 1 6  ? 7.721   0.261   2.306   1.00 8.95  ? 6    LEU A CB  1 
ATOM   39  C CG  . LEU A 1 6  ? 7.773   1.393   1.313   1.00 9.57  ? 6    LEU A CG  1 
ATOM   40  C CD1 . LEU A 1 6  ? 7.402   2.705   1.992   1.00 10.91 ? 6    LEU A CD1 1 
ATOM   41  C CD2 . LEU A 1 6  ? 9.198   1.453   0.743   1.00 10.33 ? 6    LEU A CD2 1 
ATOM   42  N N   . ILE A 1 7  ? 4.371   0.048   1.844   1.00 9.50  ? 7    ILE A N   1 
ATOM   43  C CA  . ILE A 1 7  ? 3.312   -0.421  0.948   1.00 10.02 ? 7    ILE A CA  1 
ATOM   44  C C   . ILE A 1 7  ? 3.148   0.554   -0.200  1.00 9.03  ? 7    ILE A C   1 
ATOM   45  O O   . ILE A 1 7  ? 2.798   1.705   0.028   1.00 11.15 ? 7    ILE A O   1 
ATOM   46  C CB  . ILE A 1 7  ? 1.970   -0.614  1.695   1.00 10.80 ? 7    ILE A CB  1 
ATOM   47  C CG1 . ILE A 1 7  ? 2.145   -1.592  2.865   1.00 11.81 ? 7    ILE A CG1 1 
ATOM   48  C CG2 . ILE A 1 7  ? 0.883   -1.077  0.724   1.00 12.11 ? 7    ILE A CG2 1 
ATOM   49  C CD1 . ILE A 1 7  ? 0.829   -1.942  3.594   1.00 13.57 ? 7    ILE A CD1 1 
ATOM   50  N N   . PHE A 1 8  ? 3.423   0.088   -1.416  0.50 4.71  ? 8    PHE A N   1 
ATOM   51  C CA  . PHE A 1 8  ? 3.290   0.912   -2.611  0.50 4.85  ? 8    PHE A CA  1 
ATOM   52  C C   . PHE A 1 8  ? 2.187   0.302   -3.437  0.50 4.69  ? 8    PHE A C   1 
ATOM   53  O O   . PHE A 1 8  ? 2.085   -0.919  -3.519  0.50 4.30  ? 8    PHE A O   1 
ATOM   54  C CB  . PHE A 1 8  ? 4.586   0.860   -3.454  0.50 6.28  ? 8    PHE A CB  1 
ATOM   55  C CG  . PHE A 1 8  ? 4.395   1.306   -4.898  0.50 7.92  ? 8    PHE A CG  1 
ATOM   56  C CD1 . PHE A 1 8  ? 4.405   2.658   -5.226  0.50 8.62  ? 8    PHE A CD1 1 
ATOM   57  C CD2 . PHE A 1 8  ? 4.193   0.373   -5.918  0.50 10.28 ? 8    PHE A CD2 1 
ATOM   58  C CE1 . PHE A 1 8  ? 4.224   3.081   -6.527  0.50 9.57  ? 8    PHE A CE1 1 
ATOM   59  C CE2 . PHE A 1 8  ? 4.008   0.791   -7.229  0.50 9.01  ? 8    PHE A CE2 1 
ATOM   60  C CZ  . PHE A 1 8  ? 4.025   2.151   -7.530  0.50 8.11  ? 8    PHE A CZ  1 
ATOM   61  N N   . TYR A 1 9  ? 1.395   1.128   -4.108  1.00 8.97  ? 9    TYR A N   1 
ATOM   62  C CA  . TYR A 1 9  ? 0.437   0.547   -5.032  1.00 9.47  ? 9    TYR A CA  1 
ATOM   63  C C   . TYR A 1 9  ? 0.250   1.369   -6.289  1.00 9.37  ? 9    TYR A C   1 
ATOM   64  O O   . TYR A 1 9  ? 0.553   2.571   -6.309  1.00 9.78  ? 9    TYR A O   1 
ATOM   65  C CB  . TYR A 1 9  ? -0.890  0.230   -4.333  1.00 10.14 ? 9    TYR A CB  1 
ATOM   66  C CG  . TYR A 1 9  ? -1.551  1.379   -3.618  1.00 10.44 ? 9    TYR A CG  1 
ATOM   67  C CD1 . TYR A 1 9  ? -2.392  2.255   -4.287  1.00 11.99 ? 9    TYR A CD1 1 
ATOM   68  C CD2 . TYR A 1 9  ? -1.359  1.569   -2.251  1.00 10.73 ? 9    TYR A CD2 1 
ATOM   69  C CE1 . TYR A 1 9  ? -3.038  3.299   -3.611  1.00 11.74 ? 9    TYR A CE1 1 
ATOM   70  C CE2 . TYR A 1 9  ? -1.981  2.605   -1.582  1.00 10.95 ? 9    TYR A CE2 1 
ATOM   71  C CZ  . TYR A 1 9  ? -2.816  3.476   -2.256  1.00 10.38 ? 9    TYR A CZ  1 
ATOM   72  O OH  . TYR A 1 9  ? -3.454  4.494   -1.585  1.00 12.34 ? 9    TYR A OH  1 
ATOM   73  N N   . ASP A 1 10 ? -0.265  0.694   -7.318  1.00 9.93  ? 10   ASP A N   1 
ATOM   74  C CA  . ASP A 1 10 ? -0.535  1.279   -8.619  1.00 10.03 ? 10   ASP A CA  1 
ATOM   75  C C   . ASP A 1 10 ? -1.881  0.719   -9.021  1.00 9.07  ? 10   ASP A C   1 
ATOM   76  O O   . ASP A 1 10 ? -1.977  -0.441  -9.434  1.00 9.30  ? 10   ASP A O   1 
ATOM   77  C CB  . ASP A 1 10 ? 0.556   0.831   -9.599  1.00 10.33 ? 10   ASP A CB  1 
ATOM   78  C CG  . ASP A 1 10 ? 0.337   1.344   -11.007 1.00 11.04 ? 10   ASP A CG  1 
ATOM   79  O OD1 . ASP A 1 10 ? -0.531  2.223   -11.255 1.00 13.54 ? 10   ASP A OD1 1 
ATOM   80  O OD2 . ASP A 1 10 ? 1.043   0.836   -11.891 1.00 12.17 ? 10   ASP A OD2 1 
ATOM   81  N N   . ILE A 1 11 ? -2.920  1.528   -8.850  1.00 9.36  ? 11   ILE A N   1 
ATOM   82  C CA  . ILE A 1 11 ? -4.295  1.077   -9.041  1.00 9.60  ? 11   ILE A CA  1 
ATOM   83  C C   . ILE A 1 11 ? -4.987  2.095   -9.904  1.00 9.15  ? 11   ILE A C   1 
ATOM   84  O O   . ILE A 1 11 ? -5.200  3.223   -9.464  1.00 10.07 ? 11   ILE A O   1 
ATOM   85  C CB  . ILE A 1 11 ? -5.034  0.911   -7.686  1.00 9.49  ? 11   ILE A CB  1 
ATOM   86  C CG1 . ILE A 1 11 ? -4.321  -0.143  -6.841  1.00 10.70 ? 11   ILE A CG1 1 
ATOM   87  C CG2 . ILE A 1 11 ? -6.518  0.543   -7.913  1.00 9.98  ? 11   ILE A CG2 1 
ATOM   88  C CD1 . ILE A 1 11 ? -4.827  -0.225  -5.434  1.00 10.68 ? 11   ILE A CD1 1 
ATOM   89  N N   . THR A 1 12 ? -5.325  1.722   -11.138 1.00 9.26  ? 12   THR A N   1 
ATOM   90  C CA  . THR A 1 12 ? -5.857  2.721   -12.058 1.00 9.87  ? 12   THR A CA  1 
ATOM   91  C C   . THR A 1 12 ? -7.329  3.048   -11.795 1.00 9.65  ? 12   THR A C   1 
ATOM   92  O O   . THR A 1 12 ? -7.790  4.152   -12.114 1.00 10.51 ? 12   THR A O   1 
ATOM   93  C CB  . THR A 1 12 ? -5.657  2.290   -13.509 1.00 9.92  ? 12   THR A CB  1 
ATOM   94  O OG1 . THR A 1 12 ? -6.208  0.991   -13.664 1.00 9.91  ? 12   THR A OG1 1 
ATOM   95  C CG2 . THR A 1 12 ? -4.167  2.203   -13.840 1.00 11.98 ? 12   THR A CG2 1 
ATOM   96  N N   . ASP A 1 13 ? -8.075  2.098   -11.238 1.00 9.72  ? 13   ASP A N   1 
ATOM   97  C CA  . ASP A 1 13 ? -9.497  2.331   -10.981 1.00 10.45 ? 13   ASP A CA  1 
ATOM   98  C C   . ASP A 1 13 ? -9.639  3.220   -9.749  1.00 10.63 ? 13   ASP A C   1 
ATOM   99  O O   . ASP A 1 13 ? -9.206  2.837   -8.661  1.00 10.61 ? 13   ASP A O   1 
ATOM   100 C CB  . ASP A 1 13 ? -10.233 1.015   -10.755 1.00 10.29 ? 13   ASP A CB  1 
ATOM   101 C CG  . ASP A 1 13 ? -11.727 1.217   -10.657 1.00 11.80 ? 13   ASP A CG  1 
ATOM   102 O OD1 . ASP A 1 13 ? -12.394 1.246   -11.706 1.00 15.79 ? 13   ASP A OD1 1 
ATOM   103 O OD2 . ASP A 1 13 ? -12.223 1.391   -9.539  1.00 12.54 ? 13   ASP A OD2 1 
ATOM   104 N N   . ASP A 1 14 ? -10.252 4.394   -9.913  1.00 11.23 ? 14   ASP A N   1 
ATOM   105 C CA  . ASP A 1 14 ? -10.383 5.360   -8.811  1.00 11.58 ? 14   ASP A CA  1 
ATOM   106 C C   . ASP A 1 14 ? -11.102 4.781   -7.601  1.00 11.51 ? 14   ASP A C   1 
ATOM   107 O O   . ASP A 1 14 ? -10.692 5.022   -6.471  1.00 11.07 ? 14   ASP A O   1 
ATOM   108 C CB  . ASP A 1 14 ? -11.130 6.617   -9.271  1.00 11.64 ? 14   ASP A CB  1 
ATOM   109 C CG  . ASP A 1 14 ? -10.328 7.467   -10.246 1.00 13.90 ? 14   ASP A CG  1 
ATOM   110 O OD1 . ASP A 1 14 ? -9.098  7.273   -10.388 1.00 15.23 ? 14   ASP A OD1 1 
ATOM   111 O OD2 . ASP A 1 14 ? -10.947 8.367   -10.857 1.00 17.00 ? 14   ASP A OD2 1 
ATOM   112 N N   . ASN A 1 15 ? -12.162 4.010   -7.839  1.00 11.48 ? 15   ASN A N   1 
ATOM   113 C CA  . ASN A 1 15 ? -12.944 3.408   -6.753  1.00 12.22 ? 15   ASN A CA  1 
ATOM   114 C C   . ASN A 1 15 ? -12.119 2.419   -5.927  1.00 11.67 ? 15   ASN A C   1 
ATOM   115 O O   . ASN A 1 15 ? -12.108 2.486   -4.685  1.00 10.98 ? 15   ASN A O   1 
ATOM   116 C CB  . ASN A 1 15 ? -14.215 2.755   -7.321  1.00 13.69 ? 15   ASN A CB  1 
ATOM   117 C CG  . ASN A 1 15 ? -15.006 1.987   -6.271  1.00 16.63 ? 15   ASN A CG  1 
ATOM   118 O OD1 . ASN A 1 15 ? -14.966 0.754   -6.237  1.00 21.58 ? 15   ASN A OD1 1 
ATOM   119 N ND2 . ASN A 1 15 ? -15.733 2.704   -5.420  1.00 19.99 ? 15   ASN A ND2 1 
ATOM   120 N N   . LEU A 1 16 ? -11.403 1.531   -6.616  1.00 10.62 ? 16   LEU A N   1 
ATOM   121 C CA  . LEU A 1 16 ? -10.601 0.531   -5.927  1.00 10.22 ? 16   LEU A CA  1 
ATOM   122 C C   . LEU A 1 16 ? -9.453  1.201   -5.216  1.00 9.83  ? 16   LEU A C   1 
ATOM   123 O O   . LEU A 1 16 ? -9.116  0.815   -4.108  1.00 9.31  ? 16   LEU A O   1 
ATOM   124 C CB  . LEU A 1 16 ? -10.062 -0.551  -6.868  1.00 10.44 ? 16   LEU A CB  1 
ATOM   125 C CG  . LEU A 1 16 ? -11.113 -1.419  -7.562  1.00 10.18 ? 16   LEU A CG  1 
ATOM   126 C CD1 . LEU A 1 16 ? -10.422 -2.483  -8.403  1.00 12.60 ? 16   LEU A CD1 1 
ATOM   127 C CD2 . LEU A 1 16 ? -12.089 -2.046  -6.559  1.00 10.46 ? 16   LEU A CD2 1 
ATOM   128 N N   . ARG A 1 17 ? -8.861  2.216   -5.846  1.00 9.44  ? 17   ARG A N   1 
ATOM   129 C CA  . ARG A 1 17 ? -7.731  2.916   -5.214  1.00 9.29  ? 17   ARG A CA  1 
ATOM   130 C C   . ARG A 1 17 ? -8.180  3.585   -3.924  1.00 9.05  ? 17   ARG A C   1 
ATOM   131 O O   . ARG A 1 17 ? -7.499  3.513   -2.904  1.00 9.33  ? 17   ARG A O   1 
ATOM   132 C CB  . ARG A 1 17 ? -7.164  3.981   -6.158  1.00 9.93  ? 17   ARG A CB  1 
ATOM   133 C CG  . ARG A 1 17 ? -5.885  4.615   -5.608  1.00 11.16 ? 17   ARG A CG  1 
ATOM   134 C CD  . ARG A 1 17 ? -5.438  5.849   -6.351  1.00 11.95 ? 17   ARG A CD  1 
ATOM   135 N NE  . ARG A 1 17 ? -5.576  5.596   -7.763  1.00 14.64 ? 17   ARG A NE  1 
ATOM   136 C CZ  . ARG A 1 17 ? -6.458  6.198   -8.554  1.00 14.34 ? 17   ARG A CZ  1 
ATOM   137 N NH1 . ARG A 1 17 ? -7.237  7.183   -8.107  1.00 14.20 ? 17   ARG A NH1 1 
ATOM   138 N NH2 . ARG A 1 17 ? -6.530  5.819   -9.813  1.00 13.77 ? 17   ARG A NH2 1 
ATOM   139 N N   . ASN A 1 18 ? -9.353  4.218   -3.966  1.00 9.11  ? 18   ASN A N   1 
ATOM   140 C CA  . ASN A 1 18 ? -9.880  4.854   -2.771  1.00 9.61  ? 18   ASN A CA  1 
ATOM   141 C C   . ASN A 1 18 ? -10.206 3.845   -1.672  1.00 9.12  ? 18   ASN A C   1 
ATOM   142 O O   . ASN A 1 18 ? -9.965  4.116   -0.489  1.00 9.02  ? 18   ASN A O   1 
ATOM   143 C CB  . ASN A 1 18 ? -11.073 5.760   -3.121  1.00 10.53 ? 18   ASN A CB  1 
ATOM   144 C CG  . ASN A 1 18 ? -10.640 7.035   -3.852  1.00 14.48 ? 18   ASN A CG  1 
ATOM   145 O OD1 . ASN A 1 18 ? -9.460  7.415   -3.837  1.00 19.34 ? 18   ASN A OD1 1 
ATOM   146 N ND2 . ASN A 1 18 ? -11.586 7.687   -4.500  1.00 17.88 ? 18   ASN A ND2 1 
ATOM   147 N N   . ARG A 1 19 ? -10.688 2.664   -2.050  1.00 8.82  ? 19   ARG A N   1 
ATOM   148 C CA  . ARG A 1 19 ? -10.931 1.616   -1.061  1.00 9.26  ? 19   ARG A CA  1 
ATOM   149 C C   . ARG A 1 19 ? -9.643  1.181   -0.386  1.00 8.52  ? 19   ARG A C   1 
ATOM   150 O O   . ARG A 1 19 ? -9.614  0.941   0.827   1.00 9.17  ? 19   ARG A O   1 
ATOM   151 C CB  . ARG A 1 19 ? -11.606 0.386   -1.669  1.00 10.28 ? 19   ARG A CB  1 
ATOM   152 C CG  . ARG A 1 19 ? -13.084 0.340   -1.569  1.00 10.60 ? 19   ARG A CG  1 
ATOM   153 C CD  . ARG A 1 19 ? -13.592 -0.851  -2.359  1.00 7.86  ? 19   ARG A CD  1 
ATOM   154 N NE  . ARG A 1 19 ? -13.662 -2.102  -1.592  1.00 7.44  ? 19   ARG A NE  1 
ATOM   155 C CZ  . ARG A 1 19 ? -14.074 -3.256  -2.116  1.00 6.41  ? 19   ARG A CZ  1 
ATOM   156 N NH1 . ARG A 1 19 ? -14.451 -3.310  -3.394  1.00 6.87  ? 19   ARG A NH1 1 
ATOM   157 N NH2 . ARG A 1 19 ? -14.131 -4.353  -1.373  1.00 7.64  ? 19   ARG A NH2 1 
ATOM   158 N N   . VAL A 1 20 ? -8.571  1.054   -1.172  1.00 7.60  ? 20   VAL A N   1 
ATOM   159 C CA  . VAL A 1 20 ? -7.283  0.692   -0.607  1.00 7.34  ? 20   VAL A CA  1 
ATOM   160 C C   . VAL A 1 20 ? -6.788  1.787   0.343   1.00 7.23  ? 20   VAL A C   1 
ATOM   161 O O   . VAL A 1 20 ? -6.394  1.478   1.476   1.00 8.41  ? 20   VAL A O   1 
ATOM   162 C CB  . VAL A 1 20 ? -6.252  0.384   -1.714  1.00 7.11  ? 20   VAL A CB  1 
ATOM   163 C CG1 . VAL A 1 20 ? -4.825  0.289   -1.147  1.00 8.01  ? 20   VAL A CG1 1 
ATOM   164 C CG2 . VAL A 1 20 ? -6.645  -0.887  -2.449  1.00 6.78  ? 20   VAL A CG2 1 
ATOM   165 N N   . ALA A 1 21 ? -6.830  3.057   -0.094  1.00 6.21  ? 21   ALA A N   1 
ATOM   166 C CA  . ALA A 1 21 ? -6.330  4.145   0.751   1.00 6.96  ? 21   ALA A CA  1 
ATOM   167 C C   . ALA A 1 21 ? -7.125  4.198   2.058   1.00 6.96  ? 21   ALA A C   1 
ATOM   168 O O   . ALA A 1 21 ? -6.562  4.349   3.146   1.00 8.01  ? 21   ALA A O   1 
ATOM   169 C CB  . ALA A 1 21 ? -6.407  5.470   0.017   1.00 6.34  ? 21   ALA A CB  1 
ATOM   170 N N   . GLU A 1 22 ? -8.442  4.061   1.959   1.00 7.26  ? 22   GLU A N   1 
ATOM   171 C CA  . GLU A 1 22 ? -9.289  4.108   3.146   1.00 7.78  ? 22   GLU A CA  1 
ATOM   172 C C   . GLU A 1 22 ? -8.981  2.956   4.094   1.00 7.54  ? 22   GLU A C   1 
ATOM   173 O O   . GLU A 1 22 ? -8.904  3.145   5.312   1.00 7.60  ? 22   GLU A O   1 
ATOM   174 C CB  . GLU A 1 22 ? -10.763 4.077   2.758   1.00 8.34  ? 22   GLU A CB  1 
ATOM   175 C CG  . GLU A 1 22 ? -11.251 5.370   2.154   1.00 11.71 ? 22   GLU A CG  1 
ATOM   176 C CD  . GLU A 1 22 ? -12.642 5.251   1.555   1.00 17.86 ? 22   GLU A CD  1 
ATOM   177 O OE1 . GLU A 1 22 ? -13.174 4.116   1.453   1.00 22.38 ? 22   GLU A OE1 1 
ATOM   178 O OE2 . GLU A 1 22 ? -13.197 6.296   1.166   1.00 20.70 ? 22   GLU A OE2 1 
ATOM   179 N N   . PHE A 1 23 ? -8.778  1.767   3.534   1.00 7.51  ? 23   PHE A N   1 
ATOM   180 C CA  . PHE A 1 23 ? -8.479  0.588   4.328   1.00 7.98  ? 23   PHE A CA  1 
ATOM   181 C C   . PHE A 1 23 ? -7.163  0.751   5.064   1.00 8.09  ? 23   PHE A C   1 
ATOM   182 O O   . PHE A 1 23 ? -7.083  0.501   6.275   1.00 7.72  ? 23   PHE A O   1 
ATOM   183 C CB  . PHE A 1 23 ? -8.494  -0.660  3.436   1.00 8.40  ? 23   PHE A CB  1 
ATOM   184 C CG  . PHE A 1 23 ? -8.115  -1.928  4.152   1.00 7.36  ? 23   PHE A CG  1 
ATOM   185 C CD1 . PHE A 1 23 ? -8.900  -2.412  5.180   1.00 8.34  ? 23   PHE A CD1 1 
ATOM   186 C CD2 . PHE A 1 23 ? -7.000  -2.644  3.756   1.00 8.67  ? 23   PHE A CD2 1 
ATOM   187 C CE1 . PHE A 1 23 ? -8.548  -3.573  5.841   1.00 8.19  ? 23   PHE A CE1 1 
ATOM   188 C CE2 . PHE A 1 23 ? -6.651  -3.809  4.398   1.00 9.55  ? 23   PHE A CE2 1 
ATOM   189 C CZ  . PHE A 1 23 ? -7.420  -4.275  5.427   1.00 8.21  ? 23   PHE A CZ  1 
ATOM   190 N N   . LEU A 1 24 ? -6.129  1.181   4.353   1.00 7.66  ? 24   LEU A N   1 
ATOM   191 C CA  . LEU A 1 24 ? -4.829  1.316   4.991   1.00 7.17  ? 24   LEU A CA  1 
ATOM   192 C C   . LEU A 1 24 ? -4.845  2.409   6.055   1.00 6.42  ? 24   LEU A C   1 
ATOM   193 O O   . LEU A 1 24 ? -4.213  2.261   7.092   1.00 6.94  ? 24   LEU A O   1 
ATOM   194 C CB  . LEU A 1 24 ? -3.746  1.553   3.940   1.00 7.73  ? 24   LEU A CB  1 
ATOM   195 C CG  . LEU A 1 24 ? -3.544  0.367   2.974   1.00 7.95  ? 24   LEU A CG  1 
ATOM   196 C CD1 . LEU A 1 24 ? -2.474  0.713   1.942   1.00 8.24  ? 24   LEU A CD1 1 
ATOM   197 C CD2 . LEU A 1 24 ? -3.169  -0.921  3.710   1.00 9.31  ? 24   LEU A CD2 1 
ATOM   198 N N   . LYS A 1 25 ? -5.564  3.504   5.812   1.00 5.58  ? 25   LYS A N   1 
ATOM   199 C CA  . LYS A 1 25 ? -5.728  4.520   6.845   1.00 6.61  ? 25   LYS A CA  1 
ATOM   200 C C   . LYS A 1 25 ? -6.410  3.934   8.080   1.00 6.73  ? 25   LYS A C   1 
ATOM   201 O O   . LYS A 1 25 ? -5.982  4.183   9.199   1.00 7.22  ? 25   LYS A O   1 
ATOM   202 C CB  . LYS A 1 25 ? -6.524  5.693   6.304   1.00 6.85  ? 25   LYS A CB  1 
ATOM   203 C CG  . LYS A 1 25 ? -6.785  6.789   7.322   1.00 10.05 ? 25   LYS A CG  1 
ATOM   204 C CD  . LYS A 1 25 ? -7.585  7.934   6.710   1.00 11.80 ? 25   LYS A CD  1 
ATOM   205 C CE  . LYS A 1 25 ? -8.020  8.954   7.755   1.00 13.74 ? 25   LYS A CE  1 
ATOM   206 N NZ  . LYS A 1 25 ? -8.683  10.132  7.127   1.00 16.09 ? 25   LYS A NZ  1 
ATOM   207 N N   . LYS A 1 26 ? -7.470  3.160   7.875   1.00 5.65  ? 26   LYS A N   1 
ATOM   208 C CA  . LYS A 1 26 ? -8.204  2.572   9.007   1.00 5.98  ? 26   LYS A CA  1 
ATOM   209 C C   . LYS A 1 26 ? -7.331  1.630   9.826   1.00 6.20  ? 26   LYS A C   1 
ATOM   210 O O   . LYS A 1 26 ? -7.514  1.509   11.043  1.00 5.63  ? 26   LYS A O   1 
ATOM   211 C CB  . LYS A 1 26 ? -9.444  1.842   8.512   1.00 6.02  ? 26   LYS A CB  1 
ATOM   212 C CG  . LYS A 1 26 ? -10.596 2.755   8.190   1.00 10.30 ? 26   LYS A CG  1 
ATOM   213 C CD  . LYS A 1 26 ? -11.728 1.995   7.546   1.00 13.35 ? 26   LYS A CD  1 
ATOM   214 C CE  . LYS A 1 26 ? -12.663 2.947   6.842   1.00 14.35 ? 26   LYS A CE  1 
ATOM   215 N NZ  . LYS A 1 26 ? -13.374 2.296   5.712   1.00 15.20 ? 26   LYS A NZ  1 
ATOM   216 N N   . LYS A 1 27 ? -6.380  0.977   9.152   1.00 6.76  ? 27   LYS A N   1 
ATOM   217 C CA  . LYS A 1 27 ? -5.412  0.082   9.805   1.00 8.71  ? 27   LYS A CA  1 
ATOM   218 C C   . LYS A 1 27 ? -4.328  0.836   10.563  1.00 8.31  ? 27   LYS A C   1 
ATOM   219 O O   . LYS A 1 27 ? -3.523  0.226   11.282  1.00 10.33 ? 27   LYS A O   1 
ATOM   220 C CB  . LYS A 1 27 ? -4.767  -0.834  8.760   1.00 9.49  ? 27   LYS A CB  1 
ATOM   221 C CG  . LYS A 1 27 ? -5.735  -1.809  8.133   1.00 11.43 ? 27   LYS A CG  1 
ATOM   222 C CD  . LYS A 1 27 ? -6.089  -2.900  9.108   1.00 13.88 ? 27   LYS A CD  1 
ATOM   223 C CE  . LYS A 1 27 ? -7.578  -2.942  9.355   1.00 13.25 ? 27   LYS A CE  1 
ATOM   224 N NZ  . LYS A 1 27 ? -7.938  -3.946  10.398  1.00 14.94 ? 27   LYS A NZ  1 
ATOM   225 N N   . GLY A 1 28 ? -4.314  2.151   10.417  1.00 8.89  ? 28   GLY A N   1 
ATOM   226 C CA  . GLY A 1 28 ? -3.395  2.986   11.175  1.00 7.82  ? 28   GLY A CA  1 
ATOM   227 C C   . GLY A 1 28 ? -2.053  3.202   10.508  1.00 8.11  ? 28   GLY A C   1 
ATOM   228 O O   . GLY A 1 28 ? -1.141  3.722   11.134  1.00 8.55  ? 28   GLY A O   1 
ATOM   229 N N   . LEU A 1 29 ? -1.931  2.838   9.233   1.00 7.19  ? 29   LEU A N   1 
ATOM   230 C CA  . LEU A 1 29 ? -0.676  3.061   8.524   1.00 7.10  ? 29   LEU A CA  1 
ATOM   231 C C   . LEU A 1 29 ? -0.515  4.534   8.198   1.00 6.85  ? 29   LEU A C   1 
ATOM   232 O O   . LEU A 1 29 ? -1.499  5.256   8.039   1.00 9.42  ? 29   LEU A O   1 
ATOM   233 C CB  . LEU A 1 29 ? -0.630  2.226   7.255   1.00 6.77  ? 29   LEU A CB  1 
ATOM   234 C CG  . LEU A 1 29 ? -0.552  0.723   7.521   1.00 9.46  ? 29   LEU A CG  1 
ATOM   235 C CD1 . LEU A 1 29 ? -0.724  -0.039  6.252   1.00 13.60 ? 29   LEU A CD1 1 
ATOM   236 C CD2 . LEU A 1 29 ? 0.739   0.337   8.189   1.00 10.24 ? 29   LEU A CD2 1 
ATOM   237 N N   . ASP A 1 30 ? 0.735   4.979   8.137   1.00 6.30  ? 30   ASP A N   1 
ATOM   238 C CA  . ASP A 1 30 ? 1.067   6.366   7.824   1.00 6.29  ? 30   ASP A CA  1 
ATOM   239 C C   . ASP A 1 30 ? 1.143   6.536   6.322   1.00 5.78  ? 30   ASP A C   1 
ATOM   240 O O   . ASP A 1 30 ? 1.802   5.779   5.641   1.00 5.12  ? 30   ASP A O   1 
ATOM   241 C CB  . ASP A 1 30 ? 2.400   6.723   8.473   1.00 6.31  ? 30   ASP A CB  1 
ATOM   242 C CG  . ASP A 1 30 ? 2.344   6.605   9.977   1.00 9.90  ? 30   ASP A CG  1 
ATOM   243 O OD1 . ASP A 1 30 ? 1.500   7.292   10.568  1.00 13.07 ? 30   ASP A OD1 1 
ATOM   244 O OD2 . ASP A 1 30 ? 3.115   5.814   10.553  1.00 14.35 ? 30   ASP A OD2 1 
ATOM   245 N N   . ARG A 1 31 ? 0.448   7.534   5.812   1.00 6.57  ? 31   ARG A N   1 
ATOM   246 C CA  . ARG A 1 31 ? 0.459   7.798   4.386   1.00 6.60  ? 31   ARG A CA  1 
ATOM   247 C C   . ARG A 1 31 ? 1.623   8.710   4.062   1.00 6.88  ? 31   ARG A C   1 
ATOM   248 O O   . ARG A 1 31 ? 1.769   9.792   4.665   1.00 8.09  ? 31   ARG A O   1 
ATOM   249 C CB  . ARG A 1 31 ? -0.841  8.450   3.954   1.00 6.99  ? 31   ARG A CB  1 
ATOM   250 C CG  . ARG A 1 31 ? -1.024  8.469   2.443   1.00 7.20  ? 31   ARG A CG  1 
ATOM   251 C CD  . ARG A 1 31 ? -2.435  8.917   2.126   1.00 7.64  ? 31   ARG A CD  1 
ATOM   252 N NE  . ARG A 1 31 ? -2.722  8.816   0.701   1.00 8.38  ? 31   ARG A NE  1 
ATOM   253 C CZ  . ARG A 1 31 ? -3.888  9.155   0.171   1.00 8.40  ? 31   ARG A CZ  1 
ATOM   254 N NH1 . ARG A 1 31 ? -4.865  9.632   0.948   1.00 9.07  ? 31   ARG A NH1 1 
ATOM   255 N NH2 . ARG A 1 31 ? -4.082  9.040   -1.135  1.00 9.48  ? 31   ARG A NH2 1 
ATOM   256 N N   . ILE A 1 32 ? 2.455   8.286   3.114   1.00 5.59  ? 32   ILE A N   1 
ATOM   257 C CA  . ILE A 1 32 ? 3.604   9.135   2.780   1.00 6.53  ? 32   ILE A CA  1 
ATOM   258 C C   . ILE A 1 32 ? 3.593   9.683   1.372   1.00 5.52  ? 32   ILE A C   1 
ATOM   259 O O   . ILE A 1 32 ? 4.383   10.554  1.052   1.00 5.60  ? 32   ILE A O   1 
ATOM   260 C CB  . ILE A 1 32 ? 4.942   8.491   3.131   1.00 7.36  ? 32   ILE A CB  1 
ATOM   261 C CG1 . ILE A 1 32 ? 5.158   7.240   2.292   1.00 8.42  ? 32   ILE A CG1 1 
ATOM   262 C CG2 . ILE A 1 32 ? 5.024   8.212   4.645   1.00 9.37  ? 32   ILE A CG2 1 
ATOM   263 C CD1 . ILE A 1 32 ? 6.557   6.609   2.465   1.00 11.56 ? 32   ILE A CD1 1 
ATOM   264 N N   . GLN A 1 33 ? 2.647   9.221   0.566   1.00 5.37  ? 33   GLN A N   1 
ATOM   265 C CA  . GLN A 1 33 ? 2.436   9.774   -0.771  1.00 5.73  ? 33   GLN A CA  1 
ATOM   266 C C   . GLN A 1 33 ? 1.038   9.363   -1.197  1.00 5.58  ? 33   GLN A C   1 
ATOM   267 O O   . GLN A 1 33 ? 0.404   8.546   -0.534  1.00 6.94  ? 33   GLN A O   1 
ATOM   268 C CB  . GLN A 1 33 ? 3.494   9.226   -1.743  1.00 5.86  ? 33   GLN A CB  1 
ATOM   269 C CG  . GLN A 1 33 ? 3.568   9.950   -3.089  1.00 6.91  ? 33   GLN A CG  1 
ATOM   270 C CD  . GLN A 1 33 ? 2.845   9.236   -4.241  1.00 7.30  ? 33   GLN A CD  1 
ATOM   271 O OE1 . GLN A 1 33 ? 2.521   8.046   -4.158  1.00 8.38  ? 33   GLN A OE1 1 
ATOM   272 N NE2 . GLN A 1 33 ? 2.610   9.971   -5.331  1.00 7.58  ? 33   GLN A NE2 1 
ATOM   273 N N   . TYR A 1 34 ? 0.555   9.896   -2.317  1.00 6.22  ? 34   TYR A N   1 
ATOM   274 C CA  . TYR A 1 34 ? -0.753  9.522   -2.823  1.00 6.76  ? 34   TYR A CA  1 
ATOM   275 C C   . TYR A 1 34 ? -0.987  8.012   -2.815  1.00 6.75  ? 34   TYR A C   1 
ATOM   276 O O   . TYR A 1 34 ? -2.078  7.569   -2.469  1.00 7.24  ? 34   TYR A O   1 
ATOM   277 C CB  . TYR A 1 34 ? -0.949  10.086  -4.231  1.00 6.99  ? 34   TYR A CB  1 
ATOM   278 C CG  . TYR A 1 34 ? -2.343  9.913   -4.777  1.00 6.32  ? 34   TYR A CG  1 
ATOM   279 C CD1 . TYR A 1 34 ? -3.433  10.540  -4.171  1.00 8.65  ? 34   TYR A CD1 1 
ATOM   280 C CD2 . TYR A 1 34 ? -2.571  9.163   -5.924  1.00 6.22  ? 34   TYR A CD2 1 
ATOM   281 C CE1 . TYR A 1 34 ? -4.727  10.389  -4.682  1.00 8.34  ? 34   TYR A CE1 1 
ATOM   282 C CE2 . TYR A 1 34 ? -3.846  9.007   -6.441  1.00 7.23  ? 34   TYR A CE2 1 
ATOM   283 C CZ  . TYR A 1 34 ? -4.926  9.619   -5.809  1.00 7.35  ? 34   TYR A CZ  1 
ATOM   284 O OH  . TYR A 1 34 ? -6.206  9.482   -6.308  1.00 9.29  ? 34   TYR A OH  1 
ATOM   285 N N   . SER A 1 35 ? 0.030   7.229   -3.188  1.00 6.63  ? 35   SER A N   1 
ATOM   286 C CA  A SER A 1 35 ? -0.124  5.773   -3.264  0.50 7.25  ? 35   SER A CA  1 
ATOM   287 C CA  B SER A 1 35 ? -0.152  5.770   -3.239  0.50 6.12  ? 35   SER A CA  1 
ATOM   288 C C   . SER A 1 35 ? 0.959   5.006   -2.504  1.00 5.79  ? 35   SER A C   1 
ATOM   289 O O   . SER A 1 35 ? 1.362   3.922   -2.926  1.00 5.34  ? 35   SER A O   1 
ATOM   290 C CB  A SER A 1 35 ? -0.107  5.320   -4.712  0.50 8.70  ? 35   SER A CB  1 
ATOM   291 C CB  B SER A 1 35 ? -0.365  5.240   -4.675  0.50 6.97  ? 35   SER A CB  1 
ATOM   292 O OG  A SER A 1 35 ? 1.130   5.695   -5.262  0.50 12.13 ? 35   SER A OG  1 
ATOM   293 O OG  B SER A 1 35 ? -1.601  5.683   -5.239  0.50 4.02  ? 35   SER A OG  1 
ATOM   294 N N   . VAL A 1 36 ? 1.427   5.572   -1.386  1.00 5.39  ? 36   VAL A N   1 
ATOM   295 C CA  . VAL A 1 36 ? 2.431   4.901   -0.560  1.00 4.99  ? 36   VAL A CA  1 
ATOM   296 C C   . VAL A 1 36 ? 2.108   5.083   0.910   1.00 4.94  ? 36   VAL A C   1 
ATOM   297 O O   . VAL A 1 36 ? 1.835   6.206   1.354   1.00 4.98  ? 36   VAL A O   1 
ATOM   298 C CB  . VAL A 1 36 ? 3.868   5.435   -0.825  1.00 5.17  ? 36   VAL A CB  1 
ATOM   299 C CG1 . VAL A 1 36 ? 4.892   4.595   -0.090  1.00 6.43  ? 36   VAL A CG1 1 
ATOM   300 C CG2 . VAL A 1 36 ? 4.200   5.425   -2.317  1.00 4.85  ? 36   VAL A CG2 1 
ATOM   301 N N   . PHE A 1 37 ? 2.174   3.976   1.654   1.00 4.61  ? 37   PHE A N   1 
ATOM   302 C CA  . PHE A 1 37 ? 1.951   3.954   3.096   1.00 5.77  ? 37   PHE A CA  1 
ATOM   303 C C   . PHE A 1 37 ? 3.104   3.244   3.763   1.00 5.74  ? 37   PHE A C   1 
ATOM   304 O O   . PHE A 1 37 ? 3.855   2.513   3.111   1.00 6.11  ? 37   PHE A O   1 
ATOM   305 C CB  . PHE A 1 37 ? 0.658   3.216   3.473   1.00 5.92  ? 37   PHE A CB  1 
ATOM   306 C CG  . PHE A 1 37 ? -0.602  3.975   3.192   1.00 6.85  ? 37   PHE A CG  1 
ATOM   307 C CD1 . PHE A 1 37 ? -1.335  4.526   4.234   1.00 7.44  ? 37   PHE A CD1 1 
ATOM   308 C CD2 . PHE A 1 37 ? -1.082  4.083   1.893   1.00 7.30  ? 37   PHE A CD2 1 
ATOM   309 C CE1 . PHE A 1 37 ? -2.550  5.192   3.993   1.00 7.52  ? 37   PHE A CE1 1 
ATOM   310 C CE2 . PHE A 1 37 ? -2.282  4.754   1.636   1.00 7.61  ? 37   PHE A CE2 1 
ATOM   311 C CZ  . PHE A 1 37 ? -3.010  5.314   2.684   1.00 8.34  ? 37   PHE A CZ  1 
ATOM   312 N N   . MET A 1 38 ? 3.232   3.447   5.071   1.00 6.60  ? 38   MET A N   1 
ATOM   313 C CA  . MET A 1 38 ? 4.221   2.701   5.829   1.00 7.84  ? 38   MET A CA  1 
ATOM   314 C C   . MET A 1 38 ? 3.718   2.522   7.239   1.00 6.62  ? 38   MET A C   1 
ATOM   315 O O   . MET A 1 38 ? 2.927   3.326   7.738   1.00 6.96  ? 38   MET A O   1 
ATOM   316 C CB  . MET A 1 38 ? 5.543   3.452   5.856   1.00 9.18  ? 38   MET A CB  1 
ATOM   317 C CG  . MET A 1 38 ? 5.531   4.670   6.726   1.00 11.93 ? 38   MET A CG  1 
ATOM   318 S SD  . MET A 1 38 ? 7.066   5.568   6.596   1.00 15.98 ? 38   MET A SD  1 
ATOM   319 C CE  . MET A 1 38 ? 8.215   4.346   7.164   1.00 14.52 ? 38   MET A CE  1 
ATOM   320 N N   . GLY A 1 39 ? 4.186   1.467   7.882   1.00 6.04  ? 39   GLY A N   1 
ATOM   321 C CA  . GLY A 1 39 ? 3.900   1.323   9.307   1.00 6.44  ? 39   GLY A CA  1 
ATOM   322 C C   . GLY A 1 39 ? 4.303   -0.024  9.828   1.00 5.82  ? 39   GLY A C   1 
ATOM   323 O O   . GLY A 1 39 ? 4.687   -0.919  9.076   1.00 6.15  ? 39   GLY A O   1 
ATOM   324 N N   . ASP A 1 40 ? 4.219   -0.165  11.136  1.00 6.38  ? 40   ASP A N   1 
ATOM   325 C CA  . ASP A 1 40 ? 4.592   -1.409  11.797  1.00 6.99  ? 40   ASP A CA  1 
ATOM   326 C C   . ASP A 1 40 ? 3.411   -2.369  11.727  1.00 7.25  ? 40   ASP A C   1 
ATOM   327 O O   . ASP A 1 40 ? 2.261   -1.971  11.961  1.00 8.64  ? 40   ASP A O   1 
ATOM   328 C CB  . ASP A 1 40 ? 4.939   -1.149  13.263  1.00 7.87  ? 40   ASP A CB  1 
ATOM   329 C CG  . ASP A 1 40 ? 6.186   -0.318  13.433  1.00 11.39 ? 40   ASP A CG  1 
ATOM   330 O OD1 . ASP A 1 40 ? 7.121   -0.402  12.599  1.00 12.87 ? 40   ASP A OD1 1 
ATOM   331 O OD2 . ASP A 1 40 ? 6.241   0.428   14.433  1.00 16.10 ? 40   ASP A OD2 1 
ATOM   332 N N   . LEU A 1 41 ? 3.703   -3.636  11.445  1.00 6.19  ? 41   LEU A N   1 
ATOM   333 C CA  . LEU A 1 41 ? 2.683   -4.682  11.433  1.00 6.15  ? 41   LEU A CA  1 
ATOM   334 C C   . LEU A 1 41 ? 3.296   -5.939  12.005  1.00 6.16  ? 41   LEU A C   1 
ATOM   335 O O   . LEU A 1 41 ? 4.351   -6.394  11.544  1.00 7.63  ? 41   LEU A O   1 
ATOM   336 C CB  . LEU A 1 41 ? 2.205   -4.975  10.007  1.00 6.34  ? 41   LEU A CB  1 
ATOM   337 C CG  . LEU A 1 41 ? 1.525   -3.815  9.271   1.00 6.84  ? 41   LEU A CG  1 
ATOM   338 C CD1 . LEU A 1 41 ? 1.437   -4.119  7.776   1.00 7.96  ? 41   LEU A CD1 1 
ATOM   339 C CD2 . LEU A 1 41 ? 0.132   -3.499  9.824   1.00 7.35  ? 41   LEU A CD2 1 
ATOM   340 N N   . ASN A 1 42 ? 2.644   -6.504  13.013  1.00 5.69  ? 42   ASN A N   1 
ATOM   341 C CA  . ASN A 1 42 ? 2.975   -7.838  13.449  1.00 6.15  ? 42   ASN A CA  1 
ATOM   342 C C   . ASN A 1 42 ? 2.303   -8.890  12.560  1.00 6.94  ? 42   ASN A C   1 
ATOM   343 O O   . ASN A 1 42 ? 1.693   -8.563  11.550  1.00 7.52  ? 42   ASN A O   1 
ATOM   344 C CB  . ASN A 1 42 ? 2.587   -8.029  14.921  1.00 5.24  ? 42   ASN A CB  1 
ATOM   345 C CG  . ASN A 1 42 ? 1.092   -8.170  15.114  1.00 4.65  ? 42   ASN A CG  1 
ATOM   346 O OD1 . ASN A 1 42 ? 0.309   -7.702  14.299  1.00 6.10  ? 42   ASN A OD1 1 
ATOM   347 N ND2 . ASN A 1 42 ? 0.690   -8.809  16.186  1.00 3.45  ? 42   ASN A ND2 1 
ATOM   348 N N   . SER A 1 43 ? 2.416   -10.159 12.933  1.00 7.79  ? 43   SER A N   1 
ATOM   349 C CA  . SER A 1 43 ? 1.884   -11.223 12.091  1.00 8.13  ? 43   SER A CA  1 
ATOM   350 C C   . SER A 1 43 ? 0.376   -11.104 11.897  1.00 7.34  ? 43   SER A C   1 
ATOM   351 O O   . SER A 1 43 ? -0.103  -11.182 10.768  1.00 7.64  ? 43   SER A O   1 
ATOM   352 C CB  . SER A 1 43 ? 2.232   -12.587 12.697  1.00 8.51  ? 43   SER A CB  1 
ATOM   353 O OG  . SER A 1 43 ? 1.740   -12.694 14.025  1.00 13.37 ? 43   SER A OG  1 
ATOM   354 N N   . SER A 1 44 ? -0.357  -10.866 12.980  1.00 7.00  ? 44   SER A N   1 
ATOM   355 C CA  . SER A 1 44 ? -1.818  -10.805 12.937  1.00 7.13  ? 44   SER A CA  1 
ATOM   356 C C   . SER A 1 44 ? -2.269  -9.632  12.077  1.00 6.32  ? 44   SER A C   1 
ATOM   357 O O   . SER A 1 44 ? -3.170  -9.754  11.216  1.00 6.82  ? 44   SER A O   1 
ATOM   358 C CB  . SER A 1 44 ? -2.388  -10.652 14.364  1.00 6.57  ? 44   SER A CB  1 
ATOM   359 O OG  . SER A 1 44 ? -2.036  -11.755 15.182  1.00 11.06 ? 44   SER A OG  1 
ATOM   360 N N   . ARG A 1 45 ? -1.636  -8.483  12.285  1.00 5.86  ? 45   ARG A N   1 
ATOM   361 C CA  . ARG A 1 45 ? -2.060  -7.293  11.566  1.00 5.41  ? 45   ARG A CA  1 
ATOM   362 C C   . ARG A 1 45 ? -1.638  -7.353  10.106  1.00 5.73  ? 45   ARG A C   1 
ATOM   363 O O   . ARG A 1 45 ? -2.393  -6.947  9.233   1.00 5.68  ? 45   ARG A O   1 
ATOM   364 C CB  . ARG A 1 45 ? -1.552  -6.032  12.248  1.00 5.68  ? 45   ARG A CB  1 
ATOM   365 C CG  . ARG A 1 45 ? -2.189  -5.872  13.626  1.00 6.47  ? 45   ARG A CG  1 
ATOM   366 C CD  . ARG A 1 45 ? -1.851  -4.567  14.295  1.00 8.11  ? 45   ARG A CD  1 
ATOM   367 N NE  . ARG A 1 45 ? -2.204  -3.384  13.518  1.00 10.83 ? 45   ARG A NE  1 
ATOM   368 C CZ  . ARG A 1 45 ? -1.338  -2.429  13.179  1.00 12.18 ? 45   ARG A CZ  1 
ATOM   369 N NH1 . ARG A 1 45 ? -0.063  -2.512  13.546  1.00 14.21 ? 45   ARG A NH1 1 
ATOM   370 N NH2 . ARG A 1 45 ? -1.734  -1.386  12.466  1.00 14.31 ? 45   ARG A NH2 1 
ATOM   371 N N   . LEU A 1 46 ? -0.459  -7.903  9.823   1.00 5.03  ? 46   LEU A N   1 
ATOM   372 C CA  . LEU A 1 46 ? -0.056  -8.102  8.421   1.00 5.16  ? 46   LEU A CA  1 
ATOM   373 C C   . LEU A 1 46 ? -1.038  -9.012  7.672   1.00 4.99  ? 46   LEU A C   1 
ATOM   374 O O   . LEU A 1 46 ? -1.438  -8.719  6.533   1.00 4.61  ? 46   LEU A O   1 
ATOM   375 C CB  . LEU A 1 46 ? 1.381   -8.632  8.341   1.00 5.26  ? 46   LEU A CB  1 
ATOM   376 C CG  . LEU A 1 46 ? 1.936   -8.902  6.936   1.00 6.01  ? 46   LEU A CG  1 
ATOM   377 C CD1 . LEU A 1 46 ? 1.976   -7.616  6.094   1.00 8.41  ? 46   LEU A CD1 1 
ATOM   378 C CD2 . LEU A 1 46 ? 3.318   -9.566  7.026   1.00 6.97  ? 46   LEU A CD2 1 
ATOM   379 N N   . LYS A 1 47 ? -1.455  -10.098 8.325   1.00 6.05  ? 47   LYS A N   1 
ATOM   380 C CA  . LYS A 1 47 ? -2.400  -11.016 7.715   1.00 7.59  ? 47   LYS A CA  1 
ATOM   381 C C   . LYS A 1 47 ? -3.718  -10.320 7.403   1.00 7.86  ? 47   LYS A C   1 
ATOM   382 O O   . LYS A 1 47 ? -4.314  -10.555 6.349   1.00 8.05  ? 47   LYS A O   1 
ATOM   383 C CB  . LYS A 1 47 ? -2.642  -12.204 8.646   1.00 7.83  ? 47   LYS A CB  1 
ATOM   384 C CG  . LYS A 1 47 ? -1.577  -13.268 8.581   1.00 11.71 ? 47   LYS A CG  1 
ATOM   385 C CD  . LYS A 1 47 ? -2.050  -14.540 9.259   1.00 14.58 ? 47   LYS A CD  1 
ATOM   386 C CE  . LYS A 1 47 ? -0.883  -15.359 9.759   1.00 17.03 ? 47   LYS A CE  1 
ATOM   387 N NZ  . LYS A 1 47 ? -0.485  -14.905 11.121  1.00 18.59 ? 47   LYS A NZ  1 
ATOM   388 N N   . ASP A 1 48 ? -4.187  -9.481  8.326   1.00 7.75  ? 48   ASP A N   1 
ATOM   389 C CA  . ASP A 1 48 ? -5.432  -8.764  8.113   1.00 8.92  ? 48   ASP A CA  1 
ATOM   390 C C   . ASP A 1 48 ? -5.306  -7.782  6.944   1.00 8.43  ? 48   ASP A C   1 
ATOM   391 O O   . ASP A 1 48 ? -6.209  -7.667  6.120   1.00 9.56  ? 48   ASP A O   1 
ATOM   392 C CB  . ASP A 1 48 ? -5.879  -8.035  9.387   1.00 9.20  ? 48   ASP A CB  1 
ATOM   393 C CG  . ASP A 1 48 ? -7.096  -7.133  9.136   1.00 12.85 ? 48   ASP A CG  1 
ATOM   394 O OD1 . ASP A 1 48 ? -8.224  -7.616  9.278   1.00 13.84 ? 48   ASP A OD1 1 
ATOM   395 O OD2 . ASP A 1 48 ? -6.905  -5.963  8.727   1.00 18.68 ? 48   ASP A OD2 1 
ATOM   396 N N   . VAL A 1 49 ? -4.185  -7.072  6.872   1.00 8.28  ? 49   VAL A N   1 
ATOM   397 C CA  . VAL A 1 49 ? -3.949  -6.136  5.787   1.00 8.90  ? 49   VAL A CA  1 
ATOM   398 C C   . VAL A 1 49 ? -3.931  -6.881  4.457   1.00 9.44  ? 49   VAL A C   1 
ATOM   399 O O   . VAL A 1 49 ? -4.603  -6.477  3.515   1.00 10.14 ? 49   VAL A O   1 
ATOM   400 C CB  . VAL A 1 49 ? -2.627  -5.352  6.019   1.00 8.63  ? 49   VAL A CB  1 
ATOM   401 C CG1 . VAL A 1 49 ? -2.195  -4.618  4.755   1.00 9.59  ? 49   VAL A CG1 1 
ATOM   402 C CG2 . VAL A 1 49 ? -2.774  -4.357  7.179   1.00 9.58  ? 49   VAL A CG2 1 
ATOM   403 N N   . GLU A 1 50 ? -3.179  -7.977  4.393   1.00 9.25  ? 50   GLU A N   1 
ATOM   404 C CA  . GLU A 1 50 ? -3.065  -8.740  3.167   1.00 8.96  ? 50   GLU A CA  1 
ATOM   405 C C   . GLU A 1 50 ? -4.432  -9.274  2.739   1.00 8.84  ? 50   GLU A C   1 
ATOM   406 O O   . GLU A 1 50 ? -4.812  -9.156  1.561   1.00 8.91  ? 50   GLU A O   1 
ATOM   407 C CB  . GLU A 1 50 ? -2.059  -9.872  3.343   1.00 9.61  ? 50   GLU A CB  1 
ATOM   408 C CG  . GLU A 1 50 ? -1.763  -10.645 2.081   1.00 13.63 ? 50   GLU A CG  1 
ATOM   409 C CD  . GLU A 1 50 ? -0.760  -11.747 2.315   1.00 16.07 ? 50   GLU A CD  1 
ATOM   410 O OE1 . GLU A 1 50 ? -0.251  -11.866 3.458   1.00 18.90 ? 50   GLU A OE1 1 
ATOM   411 O OE2 . GLU A 1 50 ? -0.484  -12.497 1.354   1.00 19.61 ? 50   GLU A OE2 1 
ATOM   412 N N   . ALA A 1 51 ? -5.184  -9.839  3.685   1.00 8.31  ? 51   ALA A N   1 
ATOM   413 C CA  . ALA A 1 51 ? -6.502  -10.381 3.339   1.00 8.46  ? 51   ALA A CA  1 
ATOM   414 C C   . ALA A 1 51 ? -7.447  -9.307  2.811   1.00 9.26  ? 51   ALA A C   1 
ATOM   415 O O   . ALA A 1 51 ? -8.194  -9.556  1.859   1.00 9.75  ? 51   ALA A O   1 
ATOM   416 C CB  . ALA A 1 51 ? -7.127  -11.078 4.524   1.00 8.96  ? 51   ALA A CB  1 
ATOM   417 N N   . GLY A 1 52 ? -7.431  -8.133  3.439   1.00 9.32  ? 52   GLY A N   1 
ATOM   418 C CA  . GLY A 1 52 ? -8.308  -7.036  3.022   1.00 9.65  ? 52   GLY A CA  1 
ATOM   419 C C   . GLY A 1 52 ? -7.954  -6.536  1.634   1.00 9.66  ? 52   GLY A C   1 
ATOM   420 O O   . GLY A 1 52 ? -8.832  -6.268  0.808   1.00 9.80  ? 52   GLY A O   1 
ATOM   421 N N   . LEU A 1 53 ? -6.659  -6.391  1.374   1.00 9.55  ? 53   LEU A N   1 
ATOM   422 C CA  . LEU A 1 53 ? -6.226  -5.913  0.064   1.00 9.82  ? 53   LEU A CA  1 
ATOM   423 C C   . LEU A 1 53 ? -6.572  -6.928  -1.020  1.00 9.72  ? 53   LEU A C   1 
ATOM   424 O O   . LEU A 1 53 ? -6.982  -6.549  -2.123  1.00 9.90  ? 53   LEU A O   1 
ATOM   425 C CB  . LEU A 1 53 ? -4.729  -5.611  0.077   1.00 9.75  ? 53   LEU A CB  1 
ATOM   426 C CG  . LEU A 1 53 ? -4.321  -4.454  0.996   1.00 8.47  ? 53   LEU A CG  1 
ATOM   427 C CD1 . LEU A 1 53 ? -2.808  -4.353  1.075   1.00 8.79  ? 53   LEU A CD1 1 
ATOM   428 C CD2 . LEU A 1 53 ? -4.941  -3.124  0.546   1.00 9.88  ? 53   LEU A CD2 1 
ATOM   429 N N   . LYS A 1 54 ? -6.412  -8.216  -0.724  1.00 9.38  ? 54   LYS A N   1 
ATOM   430 C CA  . LYS A 1 54 ? -6.788  -9.235  -1.702  1.00 9.70  ? 54   LYS A CA  1 
ATOM   431 C C   . LYS A 1 54 ? -8.279  -9.184  -2.019  1.00 9.50  ? 54   LYS A C   1 
ATOM   432 O O   . LYS A 1 54 ? -8.667  -9.357  -3.181  1.00 10.28 ? 54   LYS A O   1 
ATOM   433 C CB  . LYS A 1 54 ? -6.400  -10.630 -1.239  1.00 9.72  ? 54   LYS A CB  1 
ATOM   434 C CG  . LYS A 1 54 ? -4.920  -10.887 -1.311  1.00 10.92 ? 54   LYS A CG  1 
ATOM   435 C CD  . LYS A 1 54 ? -4.609  -12.272 -0.775  1.00 14.45 ? 54   LYS A CD  1 
ATOM   436 C CE  . LYS A 1 54 ? -3.151  -12.387 -0.418  1.00 18.47 ? 54   LYS A CE  1 
ATOM   437 N NZ  . LYS A 1 54 ? -2.262  -11.976 -1.525  1.00 20.48 ? 54   LYS A NZ  1 
ATOM   438 N N   . ILE A 1 55 ? -9.117  -8.931  -1.013  1.00 9.33  ? 55   ILE A N   1 
ATOM   439 C CA  . ILE A 1 55 ? -10.564 -8.815  -1.245  1.00 9.61  ? 55   ILE A CA  1 
ATOM   440 C C   . ILE A 1 55 ? -10.865 -7.652  -2.172  1.00 9.10  ? 55   ILE A C   1 
ATOM   441 O O   . ILE A 1 55 ? -11.660 -7.777  -3.099  1.00 9.87  ? 55   ILE A O   1 
ATOM   442 C CB  . ILE A 1 55 ? -11.332 -8.638  0.074   1.00 9.66  ? 55   ILE A CB  1 
ATOM   443 C CG1 . ILE A 1 55 ? -11.323 -9.967  0.824   1.00 10.24 ? 55   ILE A CG1 1 
ATOM   444 C CG2 . ILE A 1 55 ? -12.769 -8.086  -0.171  1.00 11.11 ? 55   ILE A CG2 1 
ATOM   445 C CD1 . ILE A 1 55 ? -11.658 -9.838  2.282   1.00 10.71 ? 55   ILE A CD1 1 
ATOM   446 N N   . ILE A 1 56 ? -10.214 -6.523  -1.940  1.00 9.46  ? 56   ILE A N   1 
ATOM   447 C CA  . ILE A 1 56 ? -10.420 -5.369  -2.814  1.00 9.40  ? 56   ILE A CA  1 
ATOM   448 C C   . ILE A 1 56 ? -10.039 -5.697  -4.257  1.00 9.94  ? 56   ILE A C   1 
ATOM   449 O O   . ILE A 1 56 ? -10.716 -5.265  -5.191  1.00 10.61 ? 56   ILE A O   1 
ATOM   450 C CB  . ILE A 1 56 ? -9.690  -4.115  -2.274  1.00 9.18  ? 56   ILE A CB  1 
ATOM   451 C CG1 . ILE A 1 56 ? -10.251 -3.740  -0.895  1.00 8.69  ? 56   ILE A CG1 1 
ATOM   452 C CG2 . ILE A 1 56 ? -9.799  -2.933  -3.247  1.00 8.75  ? 56   ILE A CG2 1 
ATOM   453 C CD1 . ILE A 1 56 ? -9.375  -2.778  -0.104  1.00 8.39  ? 56   ILE A CD1 1 
ATOM   454 N N   . GLY A 1 57 ? -8.976  -6.479  -4.439  1.00 9.63  ? 57   GLY A N   1 
ATOM   455 C CA  . GLY A 1 57 ? -8.566  -6.900  -5.777  1.00 10.46 ? 57   GLY A CA  1 
ATOM   456 C C   . GLY A 1 57 ? -9.242  -8.151  -6.315  1.00 11.08 ? 57   GLY A C   1 
ATOM   457 O O   . GLY A 1 57 ? -8.825  -8.672  -7.360  1.00 11.34 ? 57   GLY A O   1 
ATOM   458 N N   . ASN A 1 58 ? -10.285 -8.635  -5.638  1.00 11.89 ? 58   ASN A N   1 
ATOM   459 C CA  . ASN A 1 58 ? -10.890 -9.921  -6.034  1.00 13.27 ? 58   ASN A CA  1 
ATOM   460 C C   . ASN A 1 58 ? -11.915 -9.709  -7.135  1.00 14.52 ? 58   ASN A C   1 
ATOM   461 O O   . ASN A 1 58 ? -13.129 -9.847  -6.944  1.00 15.03 ? 58   ASN A O   1 
ATOM   462 C CB  . ASN A 1 58 ? -11.466 -10.685 -4.825  1.00 13.56 ? 58   ASN A CB  1 
ATOM   463 C CG  . ASN A 1 58 ? -11.932 -12.098 -5.173  1.00 15.20 ? 58   ASN A CG  1 
ATOM   464 O OD1 . ASN A 1 58 ? -11.508 -12.696 -6.166  1.00 17.04 ? 58   ASN A OD1 1 
ATOM   465 N ND2 . ASN A 1 58 ? -12.820 -12.635 -4.345  1.00 16.88 ? 58   ASN A ND2 1 
ATOM   466 N N   . ARG A 1 59 ? -11.390 -9.347  -8.295  1.00 15.70 ? 59   ARG A N   1 
ATOM   467 C CA  . ARG A 1 59 ? -12.192 -9.164  -9.488  1.00 17.81 ? 59   ARG A CA  1 
ATOM   468 C C   . ARG A 1 59 ? -11.322 -9.351  -10.716 1.00 18.53 ? 59   ARG A C   1 
ATOM   469 O O   . ARG A 1 59 ? -10.103 -9.538  -10.608 1.00 17.99 ? 59   ARG A O   1 
ATOM   470 C CB  . ARG A 1 59 ? -12.877 -7.793  -9.494  1.00 17.81 ? 59   ARG A CB  1 
ATOM   471 C CG  . ARG A 1 59 ? -11.941 -6.593  -9.507  1.00 18.77 ? 59   ARG A CG  1 
ATOM   472 C CD  . ARG A 1 59 ? -12.744 -5.300  -9.605  1.00 20.15 ? 59   ARG A CD  1 
ATOM   473 N NE  . ARG A 1 59 ? -13.557 -5.074  -8.412  1.00 23.04 ? 59   ARG A NE  1 
ATOM   474 C CZ  . ARG A 1 59 ? -14.581 -4.223  -8.335  1.00 23.51 ? 59   ARG A CZ  1 
ATOM   475 N NH1 . ARG A 1 59 ? -14.941 -3.501  -9.391  1.00 24.01 ? 59   ARG A NH1 1 
ATOM   476 N NH2 . ARG A 1 59 ? -15.249 -4.098  -7.198  1.00 23.85 ? 59   ARG A NH2 1 
ATOM   477 N N   . LYS A 1 60 ? -11.954 -9.310  -11.881 1.00 19.92 ? 60   LYS A N   1 
ATOM   478 C CA  . LYS A 1 60 ? -11.223 -9.457  -13.121 1.00 21.72 ? 60   LYS A CA  1 
ATOM   479 C C   . LYS A 1 60 ? -11.058 -8.109  -13.801 1.00 21.85 ? 60   LYS A C   1 
ATOM   480 O O   . LYS A 1 60 ? -11.990 -7.296  -13.847 1.00 22.32 ? 60   LYS A O   1 
ATOM   481 C CB  . LYS A 1 60 ? -11.894 -10.477 -14.052 1.00 21.76 ? 60   LYS A CB  1 
ATOM   482 C CG  . LYS A 1 60 ? -13.374 -10.239 -14.337 1.00 23.33 ? 60   LYS A CG  1 
ATOM   483 C CD  . LYS A 1 60 ? -13.892 -11.237 -15.366 1.00 23.45 ? 60   LYS A CD  1 
ATOM   484 C CE  . LYS A 1 60 ? -15.340 -10.955 -15.749 1.00 24.73 ? 60   LYS A CE  1 
ATOM   485 N NZ  . LYS A 1 60 ? -15.874 -11.965 -16.707 1.00 25.75 ? 60   LYS A NZ  1 
ATOM   486 N N   . LYS A 1 61 ? -9.850  -7.887  -14.304 1.00 21.79 ? 61   LYS A N   1 
ATOM   487 C CA  . LYS A 1 61 ? -9.510  -6.737  -15.114 1.00 21.68 ? 61   LYS A CA  1 
ATOM   488 C C   . LYS A 1 61 ? -10.409 -6.705  -16.357 1.00 21.33 ? 61   LYS A C   1 
ATOM   489 O O   . LYS A 1 61 ? -10.637 -7.746  -16.979 1.00 21.03 ? 61   LYS A O   1 
ATOM   490 C CB  . LYS A 1 61 ? -8.063  -6.891  -15.547 1.00 22.56 ? 61   LYS A CB  1 
ATOM   491 C CG  . LYS A 1 61 ? -7.524  -5.726  -16.323 1.00 22.03 ? 61   LYS A CG  1 
ATOM   492 C CD  . LYS A 1 61 ? -6.109  -5.994  -16.791 1.00 21.71 ? 61   LYS A CD  1 
ATOM   493 C CE  . LYS A 1 61 ? -5.152  -6.142  -15.619 1.00 21.77 ? 61   LYS A CE  1 
ATOM   494 N NZ  . LYS A 1 61 ? -3.782  -5.784  -16.017 1.00 21.75 ? 61   LYS A NZ  1 
ATOM   495 N N   . LEU A 1 62 ? -10.912 -5.522  -16.710 1.00 20.90 ? 62   LEU A N   1 
ATOM   496 C CA  . LEU A 1 62 ? -11.831 -5.364  -17.850 1.00 20.35 ? 62   LEU A CA  1 
ATOM   497 C C   . LEU A 1 62 ? -11.263 -4.642  -19.088 1.00 19.11 ? 62   LEU A C   1 
ATOM   498 O O   . LEU A 1 62 ? -11.817 -4.758  -20.189 1.00 19.32 ? 62   LEU A O   1 
ATOM   499 C CB  . LEU A 1 62 ? -13.124 -4.673  -17.396 1.00 20.81 ? 62   LEU A CB  1 
ATOM   500 C CG  . LEU A 1 62 ? -14.117 -5.446  -16.516 1.00 21.94 ? 62   LEU A CG  1 
ATOM   501 C CD1 . LEU A 1 62 ? -15.141 -4.497  -15.914 1.00 22.67 ? 62   LEU A CD1 1 
ATOM   502 C CD2 . LEU A 1 62 ? -14.821 -6.551  -17.297 1.00 23.27 ? 62   LEU A CD2 1 
ATOM   503 N N   . GLN A 1 63 ? -10.164 -3.915  -18.909 1.00 17.62 ? 63   GLN A N   1 
ATOM   504 C CA  . GLN A 1 63 ? -9.508  -3.242  -20.027 1.00 15.50 ? 63   GLN A CA  1 
ATOM   505 C C   . GLN A 1 63 ? -7.988  -3.316  -19.920 1.00 14.39 ? 63   GLN A C   1 
ATOM   506 O O   . GLN A 1 63 ? -7.428  -3.151  -18.836 1.00 13.50 ? 63   GLN A O   1 
ATOM   507 C CB  . GLN A 1 63 ? -9.959  -1.782  -20.113 1.00 16.63 ? 63   GLN A CB  1 
ATOM   508 N NE2 . GLN A 1 63 ? -8.615  -0.346  -23.271 1.00 41.05 ? 63   GLN A NE2 1 
ATOM   509 N N   . GLU A 1 64 ? -7.326  -3.564  -21.045 1.00 10.88 ? 64   GLU A N   1 
ATOM   510 C CA  . GLU A 1 64 ? -5.907  -3.981  -21.023 1.00 9.45  ? 64   GLU A CA  1 
ATOM   511 C C   . GLU A 1 64 ? -4.983  -3.052  -20.251 1.00 9.27  ? 64   GLU A C   1 
ATOM   512 O O   . GLU A 1 64 ? -4.016  -3.509  -19.661 1.00 9.24  ? 64   GLU A O   1 
ATOM   513 C CB  . GLU A 1 64 ? -5.354  -4.242  -22.441 1.00 8.61  ? 64   GLU A CB  1 
ATOM   514 C CG  . GLU A 1 64 ? -5.358  -3.028  -23.429 1.00 6.95  ? 64   GLU A CG  1 
ATOM   515 C CD  . GLU A 1 64 ? -6.595  -2.970  -24.297 1.00 5.92  ? 64   GLU A CD  1 
ATOM   516 O OE1 . GLU A 1 64 ? -6.486  -2.530  -25.468 1.00 6.82  ? 64   GLU A OE1 1 
ATOM   517 O OE2 . GLU A 1 64 ? -7.677  -3.368  -23.803 1.00 8.27  ? 64   GLU A OE2 1 
ATOM   518 N N   . ASP A 1 65 ? -5.304  -1.761  -20.225 1.00 10.21 ? 65   ASP A N   1 
ATOM   519 C CA  . ASP A 1 65 ? -4.442  -0.784  -19.549 1.00 11.02 ? 65   ASP A CA  1 
ATOM   520 C C   . ASP A 1 65 ? -4.780  -0.550  -18.086 1.00 11.42 ? 65   ASP A C   1 
ATOM   521 O O   . ASP A 1 65 ? -4.163  0.295   -17.442 1.00 13.49 ? 65   ASP A O   1 
ATOM   522 C CB  . ASP A 1 65 ? -4.482  0.563   -20.269 1.00 11.82 ? 65   ASP A CB  1 
ATOM   523 C CG  . ASP A 1 65 ? -4.105  0.462   -21.730 1.00 15.25 ? 65   ASP A CG  1 
ATOM   524 O OD1 . ASP A 1 65 ? -3.131  -0.244  -22.067 1.00 15.07 ? 65   ASP A OD1 1 
ATOM   525 O OD2 . ASP A 1 65 ? -4.803  1.098   -22.543 1.00 19.81 ? 65   ASP A OD2 1 
ATOM   526 N N   . GLU A 1 66 ? -5.756  -1.281  -17.569 1.00 10.42 ? 66   GLU A N   1 
ATOM   527 C CA  . GLU A 1 66 ? -6.123  -1.208  -16.143 1.00 10.79 ? 66   GLU A CA  1 
ATOM   528 C C   . GLU A 1 66 ? -5.066  -1.961  -15.355 1.00 10.47 ? 66   GLU A C   1 
ATOM   529 O O   . GLU A 1 66 ? -4.609  -3.031  -15.775 1.00 12.36 ? 66   GLU A O   1 
ATOM   530 C CB  . GLU A 1 66 ? -7.478  -1.880  -15.963 1.00 11.15 ? 66   GLU A CB  1 
ATOM   531 C CG  . GLU A 1 66 ? -8.210  -1.717  -14.657 1.00 14.17 ? 66   GLU A CG  1 
ATOM   532 C CD  . GLU A 1 66 ? -9.505  -2.535  -14.647 1.00 14.57 ? 66   GLU A CD  1 
ATOM   533 O OE1 . GLU A 1 66 ? -10.056 -2.826  -15.729 1.00 17.09 ? 66   GLU A OE1 1 
ATOM   534 O OE2 . GLU A 1 66 ? -9.973  -2.889  -13.545 1.00 21.41 ? 66   GLU A OE2 1 
ATOM   535 N N   . ARG A 1 67 ? -4.660  -1.405  -14.221 1.00 9.54  ? 67   ARG A N   1 
ATOM   536 C CA  . ARG A 1 67 ? -3.689  -2.089  -13.380 1.00 9.49  ? 67   ARG A CA  1 
ATOM   537 C C   . ARG A 1 67 ? -4.170  -2.106  -11.958 1.00 7.91  ? 67   ARG A C   1 
ATOM   538 O O   . ARG A 1 67 ? -4.817  -1.159  -11.502 1.00 8.65  ? 67   ARG A O   1 
ATOM   539 C CB  . ARG A 1 67 ? -2.323  -1.415  -13.437 1.00 9.53  ? 67   ARG A CB  1 
ATOM   540 C CG  . ARG A 1 67 ? -1.707  -1.408  -14.840 1.00 10.60 ? 67   ARG A CG  1 
ATOM   541 C CD  . ARG A 1 67 ? -0.283  -0.818  -14.816 1.00 11.11 ? 67   ARG A CD  1 
ATOM   542 N NE  . ARG A 1 67 ? -0.265  0.532   -14.241 1.00 10.30 ? 67   ARG A NE  1 
ATOM   543 C CZ  . ARG A 1 67 ? -0.609  1.645   -14.885 1.00 10.69 ? 67   ARG A CZ  1 
ATOM   544 N NH1 . ARG A 1 67 ? -0.977  1.615   -16.163 1.00 11.09 ? 67   ARG A NH1 1 
ATOM   545 N NH2 . ARG A 1 67 ? -0.592  2.802   -14.245 1.00 11.37 ? 67   ARG A NH2 1 
ATOM   546 N N   . PHE A 1 68 ? -3.866  -3.198  -11.272 1.00 8.38  ? 68   PHE A N   1 
ATOM   547 C CA  . PHE A 1 68 ? -4.083  -3.274  -9.832  1.00 7.85  ? 68   PHE A CA  1 
ATOM   548 C C   . PHE A 1 68 ? -2.874  -4.002  -9.271  1.00 8.38  ? 68   PHE A C   1 
ATOM   549 O O   . PHE A 1 68 ? -2.722  -5.210  -9.475  1.00 9.66  ? 68   PHE A O   1 
ATOM   550 C CB  . PHE A 1 68 ? -5.386  -4.023  -9.497  1.00 8.45  ? 68   PHE A CB  1 
ATOM   551 C CG  . PHE A 1 68 ? -5.726  -4.045  -8.026  1.00 8.14  ? 68   PHE A CG  1 
ATOM   552 C CD1 . PHE A 1 68 ? -6.681  -3.171  -7.513  1.00 9.79  ? 68   PHE A CD1 1 
ATOM   553 C CD2 . PHE A 1 68 ? -5.098  -4.935  -7.146  1.00 9.44  ? 68   PHE A CD2 1 
ATOM   554 C CE1 . PHE A 1 68 ? -7.016  -3.178  -6.164  1.00 9.80  ? 68   PHE A CE1 1 
ATOM   555 C CE2 . PHE A 1 68 ? -5.427  -4.946  -5.795  1.00 10.01 ? 68   PHE A CE2 1 
ATOM   556 C CZ  . PHE A 1 68 ? -6.392  -4.059  -5.304  1.00 8.72  ? 68   PHE A CZ  1 
ATOM   557 N N   . PHE A 1 69 ? -2.014  -3.268  -8.569  1.00 7.53  ? 69   PHE A N   1 
ATOM   558 C CA  . PHE A 1 69 ? -0.757  -3.831  -8.078  1.00 7.65  ? 69   PHE A CA  1 
ATOM   559 C C   . PHE A 1 69 ? -0.450  -3.227  -6.729  1.00 7.39  ? 69   PHE A C   1 
ATOM   560 O O   . PHE A 1 69 ? -0.482  -2.001  -6.572  1.00 7.78  ? 69   PHE A O   1 
ATOM   561 C CB  . PHE A 1 69 ? 0.370   -3.491  -9.048  1.00 8.20  ? 69   PHE A CB  1 
ATOM   562 C CG  . PHE A 1 69 ? 1.746   -3.862  -8.544  1.00 8.73  ? 69   PHE A CG  1 
ATOM   563 C CD1 . PHE A 1 69 ? 2.193   -5.168  -8.645  1.00 9.68  ? 69   PHE A CD1 1 
ATOM   564 C CD2 . PHE A 1 69 ? 2.572   -2.906  -7.956  1.00 9.56  ? 69   PHE A CD2 1 
ATOM   565 C CE1 . PHE A 1 69 ? 3.474   -5.533  -8.185  1.00 10.42 ? 69   PHE A CE1 1 
ATOM   566 C CE2 . PHE A 1 69 ? 3.872   -3.279  -7.484  1.00 9.28  ? 69   PHE A CE2 1 
ATOM   567 C CZ  . PHE A 1 69 ? 4.297   -4.587  -7.615  1.00 9.48  ? 69   PHE A CZ  1 
ATOM   568 N N   . ILE A 1 70 ? -0.189  -4.093  -5.755  1.00 6.88  ? 70   ILE A N   1 
ATOM   569 C CA  . ILE A 1 70 ? 0.235   -3.646  -4.428  1.00 7.43  ? 70   ILE A CA  1 
ATOM   570 C C   . ILE A 1 70 ? 1.479   -4.432  -4.050  1.00 7.01  ? 70   ILE A C   1 
ATOM   571 O O   . ILE A 1 70 ? 1.510   -5.666  -4.204  1.00 7.98  ? 70   ILE A O   1 
ATOM   572 C CB  . ILE A 1 70 ? -0.849  -3.878  -3.353  1.00 8.10  ? 70   ILE A CB  1 
ATOM   573 C CG1 . ILE A 1 70 ? -2.178  -3.286  -3.818  1.00 8.86  ? 70   ILE A CG1 1 
ATOM   574 C CG2 . ILE A 1 70 ? -0.385  -3.316  -2.000  1.00 9.58  ? 70   ILE A CG2 1 
ATOM   575 C CD1 . ILE A 1 70 ? -3.360  -3.654  -2.949  1.00 9.99  ? 70   ILE A CD1 1 
ATOM   576 N N   . LEU A 1 71 ? 2.506   -3.730  -3.582  1.00 7.09  ? 71   LEU A N   1 
ATOM   577 C CA  . LEU A 1 71 ? 3.748   -4.367  -3.136  1.00 7.57  ? 71   LEU A CA  1 
ATOM   578 C C   . LEU A 1 71 ? 3.952   -4.000  -1.663  1.00 7.13  ? 71   LEU A C   1 
ATOM   579 O O   . LEU A 1 71 ? 3.980   -2.813  -1.312  1.00 7.87  ? 71   LEU A O   1 
ATOM   580 C CB  . LEU A 1 71 ? 4.903   -3.830  -3.977  1.00 8.14  ? 71   LEU A CB  1 
ATOM   581 C CG  . LEU A 1 71 ? 6.312   -4.249  -3.602  1.00 10.51 ? 71   LEU A CG  1 
ATOM   582 C CD1 . LEU A 1 71 ? 6.480   -5.738  -3.655  1.00 12.50 ? 71   LEU A CD1 1 
ATOM   583 C CD2 . LEU A 1 71 ? 7.294   -3.569  -4.559  1.00 11.64 ? 71   LEU A CD2 1 
ATOM   584 N N   . ILE A 1 72 ? 4.066   -5.019  -0.811  1.00 6.99  ? 72   ILE A N   1 
ATOM   585 C CA  . ILE A 1 72 ? 4.337   -4.833  0.616   1.00 7.94  ? 72   ILE A CA  1 
ATOM   586 C C   . ILE A 1 72 ? 5.741   -5.388  0.888   1.00 7.94  ? 72   ILE A C   1 
ATOM   587 O O   . ILE A 1 72 ? 6.001   -6.554  0.588   1.00 7.98  ? 72   ILE A O   1 
ATOM   588 C CB  . ILE A 1 72 ? 3.332   -5.625  1.472   1.00 7.61  ? 72   ILE A CB  1 
ATOM   589 C CG1 . ILE A 1 72 ? 1.892   -5.194  1.130   1.00 9.05  ? 72   ILE A CG1 1 
ATOM   590 C CG2 . ILE A 1 72 ? 3.605   -5.441  2.969   1.00 9.51  ? 72   ILE A CG2 1 
ATOM   591 C CD1 . ILE A 1 72 ? 0.838   -6.101  1.756   1.00 10.84 ? 72   ILE A CD1 1 
ATOM   592 N N   . VAL A 1 73 ? 6.641   -4.565  1.422   1.00 8.28  ? 73   VAL A N   1 
ATOM   593 C CA  . VAL A 1 73 ? 8.028   -5.000  1.671   1.00 8.49  ? 73   VAL A CA  1 
ATOM   594 C C   . VAL A 1 73 ? 8.488   -4.581  3.058   1.00 8.22  ? 73   VAL A C   1 
ATOM   595 O O   . VAL A 1 73 ? 8.279   -3.451  3.458   1.00 8.06  ? 73   VAL A O   1 
ATOM   596 C CB  . VAL A 1 73 ? 9.008   -4.472  0.582   1.00 9.55  ? 73   VAL A CB  1 
ATOM   597 C CG1 . VAL A 1 73 ? 9.050   -2.972  0.524   1.00 12.29 ? 73   VAL A CG1 1 
ATOM   598 C CG2 . VAL A 1 73 ? 10.409  -5.044  0.748   1.00 10.82 ? 73   VAL A CG2 1 
ATOM   599 N N   . PRO A 1 74 ? 9.094   -5.511  3.811   1.00 7.58  ? 74   PRO A N   1 
ATOM   600 C CA  . PRO A 1 74 ? 9.641   -5.109  5.100   1.00 8.57  ? 74   PRO A CA  1 
ATOM   601 C C   . PRO A 1 74 ? 10.867  -4.234  4.916   1.00 8.08  ? 74   PRO A C   1 
ATOM   602 O O   . PRO A 1 74 ? 11.695  -4.502  4.045   1.00 8.38  ? 74   PRO A O   1 
ATOM   603 C CB  . PRO A 1 74 ? 10.022  -6.438  5.758   1.00 9.62  ? 74   PRO A CB  1 
ATOM   604 C CG  . PRO A 1 74 ? 10.183  -7.392  4.643   1.00 9.62  ? 74   PRO A CG  1 
ATOM   605 C CD  . PRO A 1 74 ? 9.311   -6.934  3.505   1.00 8.30  ? 74   PRO A CD  1 
ATOM   606 N N   . ILE A 1 75 ? 10.965  -3.188  5.727   1.00 8.08  ? 75   ILE A N   1 
ATOM   607 C CA  . ILE A 1 75 ? 12.141  -2.321  5.718   1.00 8.91  ? 75   ILE A CA  1 
ATOM   608 C C   . ILE A 1 75 ? 12.483  -1.986  7.167   1.00 9.72  ? 75   ILE A C   1 
ATOM   609 O O   . ILE A 1 75 ? 11.723  -2.309  8.080   1.00 12.18 ? 75   ILE A O   1 
ATOM   610 C CB  . ILE A 1 75 ? 11.905  -1.028  4.924   1.00 9.39  ? 75   ILE A CB  1 
ATOM   611 C CG1 . ILE A 1 75 ? 10.708  -0.259  5.487   1.00 10.30 ? 75   ILE A CG1 1 
ATOM   612 C CG2 . ILE A 1 75 ? 11.741  -1.340  3.434   1.00 9.93  ? 75   ILE A CG2 1 
ATOM   613 C CD1 . ILE A 1 75 ? 10.740  1.218   5.154   1.00 12.44 ? 75   ILE A CD1 1 
ATOM   614 N N   . THR A 1 76 ? 13.624  -1.361  7.392   1.00 10.15 ? 76   THR A N   1 
ATOM   615 C CA  . THR A 1 76 ? 13.941  -0.881  8.738   1.00 10.13 ? 76   THR A CA  1 
ATOM   616 C C   . THR A 1 76 ? 13.811  0.632   8.795   1.00 10.16 ? 76   THR A C   1 
ATOM   617 O O   . THR A 1 76 ? 13.831  1.310   7.758   1.00 10.06 ? 76   THR A O   1 
ATOM   618 C CB  . THR A 1 76 ? 15.373  -1.245  9.139   1.00 10.21 ? 76   THR A CB  1 
ATOM   619 O OG1 . THR A 1 76 ? 16.283  -0.576  8.266   1.00 11.30 ? 76   THR A OG1 1 
ATOM   620 C CG2 . THR A 1 76 ? 15.619  -2.776  9.088   1.00 10.58 ? 76   THR A CG2 1 
ATOM   621 N N   . GLU A 1 77 ? 13.686  1.169   10.005  1.00 10.13 ? 77   GLU A N   1 
ATOM   622 C CA  . GLU A 1 77 ? 13.657  2.610   10.171  1.00 9.79  ? 77   GLU A CA  1 
ATOM   623 C C   . GLU A 1 77 ? 14.904  3.262   9.579   1.00 10.16 ? 77   GLU A C   1 
ATOM   624 O O   . GLU A 1 77 ? 14.811  4.327   8.989   1.00 10.55 ? 77   GLU A O   1 
ATOM   625 C CB  . GLU A 1 77 ? 13.476  3.008   11.644  1.00 9.93  ? 77   GLU A CB  1 
ATOM   626 C CG  . GLU A 1 77 ? 12.107  2.647   12.218  1.00 11.62 ? 77   GLU A CG  1 
ATOM   627 C CD  . GLU A 1 77 ? 10.965  3.581   11.788  1.00 16.53 ? 77   GLU A CD  1 
ATOM   628 O OE1 . GLU A 1 77 ? 11.207  4.557   11.049  1.00 20.06 ? 77   GLU A OE1 1 
ATOM   629 O OE2 . GLU A 1 77 ? 9.807   3.338   12.203  1.00 18.93 ? 77   GLU A OE2 1 
ATOM   630 N N   . ASN A 1 78 ? 16.079  2.650   9.750   1.00 10.53 ? 78   ASN A N   1 
ATOM   631 C CA  . ASN A 1 78 ? 17.264  3.249   9.137   1.00 11.49 ? 78   ASN A CA  1 
ATOM   632 C C   . ASN A 1 78 ? 17.192  3.278   7.623   1.00 11.36 ? 78   ASN A C   1 
ATOM   633 O O   . ASN A 1 78 ? 17.547  4.289   7.000   1.00 11.88 ? 78   ASN A O   1 
ATOM   634 C CB  . ASN A 1 78 ? 18.561  2.582   9.561   1.00 11.96 ? 78   ASN A CB  1 
ATOM   635 C CG  . ASN A 1 78 ? 19.774  3.228   8.890   1.00 14.57 ? 78   ASN A CG  1 
ATOM   636 O OD1 . ASN A 1 78 ? 20.018  4.443   9.027   1.00 16.64 ? 78   ASN A OD1 1 
ATOM   637 N ND2 . ASN A 1 78 ? 20.523  2.429   8.137   1.00 17.21 ? 78   ASN A ND2 1 
ATOM   638 N N   . GLN A 1 79 ? 16.747  2.179   7.018   1.00 10.58 ? 79   GLN A N   1 
ATOM   639 C CA  . GLN A 1 79 ? 16.608  2.191   5.569   1.00 10.74 ? 79   GLN A CA  1 
ATOM   640 C C   . GLN A 1 79 ? 15.661  3.286   5.128   1.00 10.98 ? 79   GLN A C   1 
ATOM   641 O O   . GLN A 1 79 ? 15.926  3.979   4.144   1.00 11.28 ? 79   GLN A O   1 
ATOM   642 C CB  . GLN A 1 79 ? 16.134  0.846   5.050   1.00 10.79 ? 79   GLN A CB  1 
ATOM   643 C CG  . GLN A 1 79 ? 17.208  -0.224  5.122   1.00 9.94  ? 79   GLN A CG  1 
ATOM   644 C CD  . GLN A 1 79 ? 16.662  -1.602  4.912   1.00 11.55 ? 79   GLN A CD  1 
ATOM   645 O OE1 . GLN A 1 79 ? 15.500  -1.852  5.191   1.00 15.27 ? 79   GLN A OE1 1 
ATOM   646 N NE2 . GLN A 1 79 ? 17.485  -2.503  4.390   1.00 8.50  ? 79   GLN A NE2 1 
ATOM   647 N N   . PHE A 1 80 ? 14.559  3.462   5.851   1.00 11.12 ? 80   PHE A N   1 
ATOM   648 C CA  . PHE A 1 80 ? 13.644  4.529   5.478   1.00 11.33 ? 80   PHE A CA  1 
ATOM   649 C C   . PHE A 1 80 ? 14.311  5.899   5.616   1.00 10.84 ? 80   PHE A C   1 
ATOM   650 O O   . PHE A 1 80 ? 14.113  6.770   4.768   1.00 10.72 ? 80   PHE A O   1 
ATOM   651 C CB  . PHE A 1 80 ? 12.349  4.479   6.283   1.00 11.84 ? 80   PHE A CB  1 
ATOM   652 C CG  . PHE A 1 80 ? 11.306  5.418   5.770   1.00 12.21 ? 80   PHE A CG  1 
ATOM   653 C CD1 . PHE A 1 80 ? 10.627  5.126   4.590   1.00 12.20 ? 80   PHE A CD1 1 
ATOM   654 C CD2 . PHE A 1 80 ? 11.014  6.590   6.451   1.00 12.57 ? 80   PHE A CD2 1 
ATOM   655 C CE1 . PHE A 1 80 ? 9.666   5.989   4.097   1.00 12.62 ? 80   PHE A CE1 1 
ATOM   656 C CE2 . PHE A 1 80 ? 10.043  7.469   5.964   1.00 12.30 ? 80   PHE A CE2 1 
ATOM   657 C CZ  . PHE A 1 80 ? 9.371   7.164   4.785   1.00 11.46 ? 80   PHE A CZ  1 
ATOM   658 N N   . ARG A 1 81 ? 15.107  6.105   6.668   1.00 10.78 ? 81   ARG A N   1 
ATOM   659 C CA  . ARG A 1 81 ? 15.816  7.373   6.813   1.00 10.32 ? 81   ARG A CA  1 
ATOM   660 C C   . ARG A 1 81 ? 16.787  7.644   5.662   1.00 9.86  ? 81   ARG A C   1 
ATOM   661 O O   . ARG A 1 81 ? 17.116  8.798   5.398   1.00 10.66 ? 81   ARG A O   1 
ATOM   662 C CB  . ARG A 1 81 ? 16.544  7.429   8.176   1.00 10.00 ? 81   ARG A CB  1 
ATOM   663 C CG  . ARG A 1 81 ? 15.619  7.757   9.350   1.00 11.23 ? 81   ARG A CG  1 
ATOM   664 C CD  . ARG A 1 81 ? 16.383  8.069   10.654  1.00 10.15 ? 81   ARG A CD  1 
ATOM   665 N NE  . ARG A 1 81 ? 17.110  6.899   11.131  1.00 13.38 ? 81   ARG A NE  1 
ATOM   666 C CZ  . ARG A 1 81 ? 16.636  6.007   12.000  1.00 12.05 ? 81   ARG A CZ  1 
ATOM   667 N NH1 . ARG A 1 81 ? 17.394  4.982   12.371  1.00 16.10 ? 81   ARG A NH1 1 
ATOM   668 N NH2 . ARG A 1 81 ? 15.413  6.134   12.502  1.00 11.87 ? 81   ARG A NH2 1 
ATOM   669 N N   . GLU A 1 82 ? 17.238  6.574   5.006   1.00 8.23  ? 82   GLU A N   1 
ATOM   670 C CA  . GLU A 1 82 ? 18.171  6.649   3.875   1.00 9.21  ? 82   GLU A CA  1 
ATOM   671 C C   . GLU A 1 82 ? 17.472  6.805   2.527   1.00 8.52  ? 82   GLU A C   1 
ATOM   672 O O   . GLU A 1 82 ? 18.127  6.818   1.486   1.00 8.76  ? 82   GLU A O   1 
ATOM   673 C CB  . GLU A 1 82 ? 19.051  5.389   3.842   1.00 9.12  ? 82   GLU A CB  1 
ATOM   674 C CG  . GLU A 1 82 ? 20.025  5.261   5.008   1.00 10.44 ? 82   GLU A CG  1 
ATOM   675 C CD  . GLU A 1 82 ? 20.642  3.874   5.129   1.00 11.93 ? 82   GLU A CD  1 
ATOM   676 O OE1 . GLU A 1 82 ? 20.032  2.871   4.701   1.00 16.22 ? 82   GLU A OE1 1 
ATOM   677 O OE2 . GLU A 1 82 ? 21.748  3.773   5.689   1.00 16.23 ? 82   GLU A OE2 1 
ATOM   678 N N   . ARG A 1 83 ? 16.153  6.934   2.541   1.00 8.33  ? 83   ARG A N   1 
ATOM   679 C CA  . ARG A 1 83 ? 15.401  7.034   1.297   1.00 8.63  ? 83   ARG A CA  1 
ATOM   680 C C   . ARG A 1 83 ? 15.739  8.319   0.556   1.00 9.04  ? 83   ARG A C   1 
ATOM   681 O O   . ARG A 1 83 ? 16.175  9.301   1.147   1.00 10.07 ? 83   ARG A O   1 
ATOM   682 C CB  . ARG A 1 83 ? 13.911  7.011   1.596   1.00 9.07  ? 83   ARG A CB  1 
ATOM   683 C CG  . ARG A 1 83 ? 13.373  8.326   2.117   1.00 10.53 ? 83   ARG A CG  1 
ATOM   684 C CD  . ARG A 1 83 ? 12.006  8.133   2.711   1.00 10.66 ? 83   ARG A CD  1 
ATOM   685 N NE  . ARG A 1 83 ? 11.469  9.363   3.301   1.00 10.53 ? 83   ARG A NE  1 
ATOM   686 C CZ  . ARG A 1 83 ? 11.833  9.862   4.482   1.00 9.59  ? 83   ARG A CZ  1 
ATOM   687 N NH1 . ARG A 1 83 ? 11.270  10.980  4.926   1.00 11.34 ? 83   ARG A NH1 1 
ATOM   688 N NH2 . ARG A 1 83 ? 12.762  9.253   5.216   1.00 9.59  ? 83   ARG A NH2 1 
ATOM   689 N N   . ILE A 1 84 ? 15.530  8.286   -0.752  1.00 8.04  ? 84   ILE A N   1 
ATOM   690 C CA  . ILE A 1 84 ? 15.642  9.475   -1.574  1.00 8.24  ? 84   ILE A CA  1 
ATOM   691 C C   . ILE A 1 84 ? 14.272  9.674   -2.211  1.00 8.08  ? 84   ILE A C   1 
ATOM   692 O O   . ILE A 1 84 ? 13.728  8.752   -2.803  1.00 8.31  ? 84   ILE A O   1 
ATOM   693 C CB  . ILE A 1 84 ? 16.729  9.293   -2.671  1.00 7.88  ? 84   ILE A CB  1 
ATOM   694 C CG1 . ILE A 1 84 ? 18.106  9.043   -2.040  1.00 8.65  ? 84   ILE A CG1 1 
ATOM   695 C CG2 . ILE A 1 84 ? 16.757  10.498  -3.638  1.00 10.30 ? 84   ILE A CG2 1 
ATOM   696 C CD1 . ILE A 1 84 ? 19.113  8.421   -3.012  1.00 10.36 ? 84   ILE A CD1 1 
ATOM   697 N N   . VAL A 1 85 ? 13.736  10.880  -2.084  1.00 8.86  ? 85   VAL A N   1 
ATOM   698 C CA  . VAL A 1 85 ? 12.470  11.233  -2.702  1.00 8.96  ? 85   VAL A CA  1 
ATOM   699 C C   . VAL A 1 85 ? 12.739  12.319  -3.735  1.00 9.21  ? 85   VAL A C   1 
ATOM   700 O O   . VAL A 1 85 ? 13.397  13.328  -3.442  1.00 9.20  ? 85   VAL A O   1 
ATOM   701 C CB  . VAL A 1 85 ? 11.453  11.727  -1.663  1.00 10.26 ? 85   VAL A CB  1 
ATOM   702 C CG1 . VAL A 1 85 ? 10.225  12.282  -2.354  1.00 11.38 ? 85   VAL A CG1 1 
ATOM   703 C CG2 . VAL A 1 85 ? 11.060  10.601  -0.710  1.00 11.54 ? 85   VAL A CG2 1 
ATOM   704 N N   . ILE A 1 86 ? 12.258  12.068  -4.949  1.00 8.35  ? 86   ILE A N   1 
ATOM   705 C CA  . ILE A 1 86 ? 12.392  13.007  -6.063  1.00 8.47  ? 86   ILE A CA  1 
ATOM   706 C C   . ILE A 1 86 ? 11.023  13.430  -6.550  1.00 8.45  ? 86   ILE A C   1 
ATOM   707 O O   . ILE A 1 86 ? 10.124  12.606  -6.695  1.00 8.59  ? 86   ILE A O   1 
ATOM   708 C CB  . ILE A 1 86 ? 13.245  12.398  -7.187  1.00 9.04  ? 86   ILE A CB  1 
ATOM   709 C CG1 . ILE A 1 86 ? 14.621  12.075  -6.593  1.00 10.34 ? 86   ILE A CG1 1 
ATOM   710 C CG2 . ILE A 1 86 ? 13.354  13.349  -8.396  1.00 9.67  ? 86   ILE A CG2 1 
ATOM   711 C CD1 . ILE A 1 86 ? 15.499  11.259  -7.453  1.00 8.87  ? 86   ILE A CD1 1 
ATOM   712 N N   . GLY A 1 87 ? 10.882  14.728  -6.765  1.00 8.39  ? 87   GLY A N   1 
ATOM   713 C CA  . GLY A 1 87 ? 9.627   15.296  -7.224  1.00 7.93  ? 87   GLY A CA  1 
ATOM   714 C C   . GLY A 1 87 ? 9.923   16.328  -8.288  1.00 8.60  ? 87   GLY A C   1 
ATOM   715 O O   . GLY A 1 87 ? 11.057  16.402  -8.793  1.00 9.82  ? 87   GLY A O   1 
ATOM   716 N N   . TYR A 1 88 ? 8.914   17.122  -8.635  1.00 8.83  ? 88   TYR A N   1 
ATOM   717 C CA  . TYR A 1 88 ? 9.104   18.241  -9.548  1.00 9.95  ? 88   TYR A CA  1 
ATOM   718 C C   . TYR A 1 88 ? 10.051  19.241  -8.880  1.00 10.46 ? 88   TYR A C   1 
ATOM   719 O O   . TYR A 1 88 ? 9.943   19.494  -7.671  1.00 10.45 ? 88   TYR A O   1 
ATOM   720 C CB  . TYR A 1 88 ? 7.756   18.905  -9.863  1.00 10.21 ? 88   TYR A CB  1 
ATOM   721 C CG  . TYR A 1 88 ? 6.914   18.236  -10.943 1.00 11.09 ? 88   TYR A CG  1 
ATOM   722 C CD1 . TYR A 1 88 ? 7.403   18.081  -12.240 1.00 13.74 ? 88   TYR A CD1 1 
ATOM   723 C CD2 . TYR A 1 88 ? 5.613   17.792  -10.678 1.00 12.97 ? 88   TYR A CD2 1 
ATOM   724 C CE1 . TYR A 1 88 ? 6.635   17.490  -13.238 1.00 14.50 ? 88   TYR A CE1 1 
ATOM   725 C CE2 . TYR A 1 88 ? 4.828   17.200  -11.682 1.00 12.00 ? 88   TYR A CE2 1 
ATOM   726 C CZ  . TYR A 1 88 ? 5.353   17.060  -12.958 1.00 13.12 ? 88   TYR A CZ  1 
ATOM   727 O OH  . TYR A 1 88 ? 4.624   16.476  -13.968 1.00 11.56 ? 88   TYR A OH  1 
ATOM   728 N N   . SER A 1 89 ? 10.985  19.791  -9.657  1.00 11.55 ? 89   SER A N   1 
ATOM   729 C CA  . SER A 1 89 ? 11.972  20.752  -9.141  1.00 13.52 ? 89   SER A CA  1 
ATOM   730 C C   . SER A 1 89 ? 12.420  21.765  -10.192 1.00 13.99 ? 89   SER A C   1 
ATOM   731 O O   . SER A 1 89 ? 11.837  21.875  -11.269 1.00 14.49 ? 89   SER A O   1 
ATOM   732 C CB  . SER A 1 89 ? 13.198  20.003  -8.612  1.00 14.35 ? 89   SER A CB  1 
ATOM   733 O OG  . SER A 1 89 ? 14.000  19.531  -9.688  1.00 16.91 ? 89   SER A OG  1 
HETATM 734 O O   . HOH B 2 .  ? 5.984   -8.667  15.502  1.00 44.00 ? 2001 HOH A O   1 
HETATM 735 O O   . HOH B 2 .  ? 4.608   -11.593 9.981   1.00 42.67 ? 2002 HOH A O   1 
HETATM 736 O O   . HOH B 2 .  ? 7.469   -10.103 6.709   1.00 31.03 ? 2003 HOH A O   1 
HETATM 737 O O   . HOH B 2 .  ? 5.255   -8.854  10.573  1.00 22.48 ? 2004 HOH A O   1 
HETATM 738 O O   . HOH B 2 .  ? -3.141  5.701   -13.106 1.00 33.26 ? 2005 HOH A O   1 
HETATM 739 O O   . HOH B 2 .  ? 0.926   4.657   -8.070  1.00 14.73 ? 2006 HOH A O   1 
HETATM 740 O O   . HOH B 2 .  ? -4.362  6.333   -3.309  1.00 17.55 ? 2007 HOH A O   1 
HETATM 741 O O   . HOH B 2 .  ? 2.296   3.159   -12.552 1.00 19.48 ? 2008 HOH A O   1 
HETATM 742 O O   . HOH B 2 .  ? -1.453  4.619   -11.086 1.00 26.85 ? 2009 HOH A O   1 
HETATM 743 O O   . HOH B 2 .  ? -8.514  7.960   2.472   1.00 38.43 ? 2010 HOH A O   1 
HETATM 744 O O   . HOH B 2 .  ? -4.258  8.168   5.214   1.00 32.40 ? 2011 HOH A O   1 
HETATM 745 O O   . HOH B 2 .  ? -9.594  5.973   9.111   1.00 38.79 ? 2012 HOH A O   1 
HETATM 746 O O   . HOH B 2 .  ? -8.735  1.568   -14.468 1.00 27.63 ? 2013 HOH A O   1 
HETATM 747 O O   . HOH B 2 .  ? -11.353 2.558   -14.062 1.00 45.40 ? 2014 HOH A O   1 
HETATM 748 O O   . HOH B 2 .  ? -14.392 -0.224  -9.288  1.00 43.02 ? 2015 HOH A O   1 
HETATM 749 O O   . HOH B 2 .  ? -11.356 5.044   -12.454 1.00 28.02 ? 2016 HOH A O   1 
HETATM 750 O O   . HOH B 2 .  ? -13.702 8.438   -11.304 1.00 40.79 ? 2017 HOH A O   1 
HETATM 751 O O   . HOH B 2 .  ? -9.863  9.786   -7.255  1.00 40.74 ? 2018 HOH A O   1 
HETATM 752 O O   . HOH B 2 .  ? -14.108 3.655   -3.391  1.00 26.91 ? 2019 HOH A O   1 
HETATM 753 O O   . HOH B 2 .  ? -13.807 4.189   -10.700 1.00 46.61 ? 2020 HOH A O   1 
HETATM 754 O O   . HOH B 2 .  ? -15.645 -1.109  -4.985  1.00 27.41 ? 2021 HOH A O   1 
HETATM 755 O O   . HOH B 2 .  ? -2.688  6.135   -9.127  1.00 25.41 ? 2022 HOH A O   1 
HETATM 756 O O   . HOH B 2 .  ? -6.893  7.519   -3.165  1.00 23.15 ? 2023 HOH A O   1 
HETATM 757 O O   . HOH B 2 .  ? -4.236  -13.257 2.518   1.00 29.23 ? 2024 HOH A O   1 
HETATM 758 O O   . HOH B 2 .  ? -15.843 -6.397  -2.412  1.00 36.54 ? 2025 HOH A O   1 
HETATM 759 O O   . HOH B 2 .  ? -9.819  -12.581 -1.426  1.00 29.33 ? 2026 HOH A O   1 
HETATM 760 O O   . HOH B 2 .  ? -6.664  -14.085 1.790   1.00 33.03 ? 2027 HOH A O   1 
HETATM 761 O O   . HOH B 2 .  ? -5.901  6.943   3.188   1.00 30.15 ? 2028 HOH A O   1 
HETATM 762 O O   . HOH B 2 .  ? -10.289 5.222   6.446   1.00 31.02 ? 2029 HOH A O   1 
HETATM 763 O O   . HOH B 2 .  ? -4.845  -9.810  -13.990 1.00 26.06 ? 2030 HOH A O   1 
HETATM 764 O O   . HOH B 2 .  ? -3.595  5.022   -15.812 1.00 49.62 ? 2031 HOH A O   1 
HETATM 765 O O   . HOH B 2 .  ? -7.445  5.650   11.264  1.00 47.22 ? 2032 HOH A O   1 
HETATM 766 O O   . HOH B 2 .  ? -6.016  1.911   13.393  1.00 24.03 ? 2033 HOH A O   1 
HETATM 767 O O   . HOH B 2 .  ? -10.760 -3.449  10.163  1.00 19.49 ? 2034 HOH A O   1 
HETATM 768 O O   . HOH B 2 .  ? 18.308  -1.667  11.721  1.00 47.12 ? 2035 HOH A O   1 
HETATM 769 O O   . HOH B 2 .  ? 1.637   3.119   11.267  1.00 32.84 ? 2036 HOH A O   1 
HETATM 770 O O   . HOH B 2 .  ? -0.867  4.020   13.829  1.00 28.35 ? 2037 HOH A O   1 
HETATM 771 O O   . HOH B 2 .  ? -3.777  5.852   9.520   1.00 36.99 ? 2038 HOH A O   1 
HETATM 772 O O   . HOH B 2 .  ? -3.059  7.174   7.271   1.00 35.50 ? 2039 HOH A O   1 
HETATM 773 O O   . HOH B 2 .  ? 5.508   4.401   10.263  1.00 37.80 ? 2040 HOH A O   1 
HETATM 774 O O   . HOH B 2 .  ? 13.889  12.190  2.394   1.00 50.68 ? 2041 HOH A O   1 
HETATM 775 O O   . HOH B 2 .  ? 21.825  8.731   -0.789  1.00 47.82 ? 2042 HOH A O   1 
HETATM 776 O O   . HOH B 2 .  ? -5.088  10.430  3.824   1.00 26.44 ? 2043 HOH A O   1 
HETATM 777 O O   . HOH B 2 .  ? -1.058  9.536   7.426   1.00 25.44 ? 2044 HOH A O   1 
HETATM 778 O O   . HOH B 2 .  ? 2.932   10.141  7.178   1.00 27.89 ? 2045 HOH A O   1 
HETATM 779 O O   . HOH B 2 .  ? 3.037   13.213  -5.401  1.00 17.64 ? 2046 HOH A O   1 
HETATM 780 O O   . HOH B 2 .  ? 1.308   12.749  -2.817  1.00 17.68 ? 2047 HOH A O   1 
HETATM 781 O O   . HOH B 2 .  ? -8.220  9.997   -4.613  1.00 24.32 ? 2048 HOH A O   1 
HETATM 782 O O   . HOH B 2 .  ? -2.704  4.129   -7.440  1.00 18.87 ? 2049 HOH A O   1 
HETATM 783 O O   . HOH B 2 .  ? 0.662   0.222   11.424  1.00 24.56 ? 2050 HOH A O   1 
HETATM 784 O O   . HOH B 2 .  ? 9.383   0.838   13.078  1.00 32.88 ? 2051 HOH A O   1 
HETATM 785 O O   . HOH B 2 .  ? 3.025   1.961   12.799  1.00 31.59 ? 2052 HOH A O   1 
HETATM 786 O O   . HOH B 2 .  ? 2.451   -10.218 18.174  1.00 21.06 ? 2053 HOH A O   1 
HETATM 787 O O   . HOH B 2 .  ? 4.727   -10.765 14.747  1.00 28.67 ? 2054 HOH A O   1 
HETATM 788 O O   . HOH B 2 .  ? 1.506   -12.715 8.825   1.00 36.38 ? 2055 HOH A O   1 
HETATM 789 O O   . HOH B 2 .  ? -5.247  -11.541 10.920  1.00 31.76 ? 2056 HOH A O   1 
HETATM 790 O O   . HOH B 2 .  ? -5.854  -10.730 13.029  1.00 35.22 ? 2057 HOH A O   1 
HETATM 791 O O   . HOH B 2 .  ? -2.205  -10.873 17.662  1.00 21.65 ? 2058 HOH A O   1 
HETATM 792 O O   . HOH B 2 .  ? 1.562   0.221   15.072  1.00 33.85 ? 2059 HOH A O   1 
HETATM 793 O O   . HOH B 2 .  ? -5.239  -3.540  12.428  1.00 21.09 ? 2060 HOH A O   1 
HETATM 794 O O   . HOH B 2 .  ? -3.829  -12.989 4.981   1.00 25.33 ? 2061 HOH A O   1 
HETATM 795 O O   . HOH B 2 .  ? -10.076 -5.884  8.826   1.00 23.08 ? 2062 HOH A O   1 
HETATM 796 O O   . HOH B 2 .  ? 1.308   -14.337 1.598   1.00 49.42 ? 2063 HOH A O   1 
HETATM 797 O O   . HOH B 2 .  ? 0.713   -12.776 6.259   1.00 41.48 ? 2064 HOH A O   1 
HETATM 798 O O   . HOH B 2 .  ? -8.585  -12.183 1.151   1.00 21.05 ? 2065 HOH A O   1 
HETATM 799 O O   . HOH B 2 .  ? 0.130   -12.471 -2.484  1.00 38.24 ? 2066 HOH A O   1 
HETATM 800 O O   . HOH B 2 .  ? -14.264 -7.809  -3.769  1.00 46.78 ? 2067 HOH A O   1 
HETATM 801 O O   . HOH B 2 .  ? -13.445 -5.713  -5.333  1.00 33.66 ? 2068 HOH A O   1 
HETATM 802 O O   . HOH B 2 .  ? -2.594  -7.916  -14.188 1.00 18.07 ? 2069 HOH A O   1 
HETATM 803 O O   . HOH B 2 .  ? -3.435  -6.037  -18.682 1.00 19.25 ? 2070 HOH A O   1 
HETATM 804 O O   . HOH B 2 .  ? -9.114  -10.029 -16.991 1.00 30.23 ? 2071 HOH A O   1 
HETATM 805 O O   . HOH B 2 .  ? -7.626  -10.177 -14.220 1.00 24.50 ? 2072 HOH A O   1 
HETATM 806 O O   . HOH B 2 .  ? -11.854 -3.405  -22.726 1.00 38.04 ? 2073 HOH A O   1 
HETATM 807 O O   . HOH B 2 .  ? -13.665 -6.451  -20.982 1.00 45.15 ? 2074 HOH A O   1 
HETATM 808 O O   . HOH B 2 .  ? -4.252  -1.460  -26.403 1.00 14.92 ? 2075 HOH A O   1 
HETATM 809 O O   . HOH B 2 .  ? -5.502  1.827   -24.573 1.00 35.37 ? 2076 HOH A O   1 
HETATM 810 O O   . HOH B 2 .  ? -3.712  2.918   -17.447 1.00 33.79 ? 2077 HOH A O   1 
HETATM 811 O O   . HOH B 2 .  ? -2.635  -0.107  -24.615 1.00 18.84 ? 2078 HOH A O   1 
HETATM 812 O O   . HOH B 2 .  ? -11.361 -3.135  -11.689 1.00 39.84 ? 2079 HOH A O   1 
HETATM 813 O O   . HOH B 2 .  ? -7.530  -0.882  -10.901 1.00 18.05 ? 2080 HOH A O   1 
HETATM 814 O O   . HOH B 2 .  ? -0.432  5.487   -15.785 1.00 34.11 ? 2081 HOH A O   1 
HETATM 815 O O   . HOH B 2 .  ? -3.015  -7.491  -11.130 1.00 26.05 ? 2082 HOH A O   1 
HETATM 816 O O   . HOH B 2 .  ? -0.442  -7.007  -9.759  1.00 37.87 ? 2083 HOH A O   1 
HETATM 817 O O   . HOH B 2 .  ? -2.341  -5.089  -12.940 1.00 17.94 ? 2084 HOH A O   1 
HETATM 818 O O   . HOH B 2 .  ? 11.495  -3.258  10.729  1.00 25.12 ? 2085 HOH A O   1 
HETATM 819 O O   . HOH B 2 .  ? 18.940  -1.228  8.393   1.00 28.85 ? 2086 HOH A O   1 
HETATM 820 O O   . HOH B 2 .  ? 12.685  5.859   9.762   1.00 29.76 ? 2087 HOH A O   1 
HETATM 821 O O   . HOH B 2 .  ? 12.990  -0.675  12.236  1.00 26.85 ? 2088 HOH A O   1 
HETATM 822 O O   . HOH B 2 .  ? 16.616  0.645   11.938  1.00 27.28 ? 2089 HOH A O   1 
HETATM 823 O O   . HOH B 2 .  ? 20.524  0.073   6.943   1.00 42.04 ? 2090 HOH A O   1 
HETATM 824 O O   . HOH B 2 .  ? 20.096  -1.858  3.201   1.00 26.84 ? 2091 HOH A O   1 
HETATM 825 O O   . HOH B 2 .  ? 14.697  4.607   14.733  1.00 25.19 ? 2092 HOH A O   1 
HETATM 826 O O   . HOH B 2 .  ? 16.098  10.626  3.661   1.00 32.15 ? 2093 HOH A O   1 
HETATM 827 O O   . HOH B 2 .  ? 21.008  0.479   4.494   1.00 33.81 ? 2094 HOH A O   1 
HETATM 828 O O   . HOH B 2 .  ? 20.651  6.945   0.703   1.00 39.05 ? 2095 HOH A O   1 
HETATM 829 O O   . HOH B 2 .  ? 13.617  10.540  7.657   1.00 34.99 ? 2096 HOH A O   1 
HETATM 830 O O   . HOH B 2 .  ? 8.723   10.313  2.621   1.00 21.04 ? 2097 HOH A O   1 
HETATM 831 O O   . HOH B 2 .  ? 11.260  12.614  2.237   1.00 46.75 ? 2098 HOH A O   1 
HETATM 832 O O   . HOH B 2 .  ? 12.395  8.642   8.509   1.00 42.66 ? 2099 HOH A O   1 
HETATM 833 O O   . HOH B 2 .  ? 15.226  12.869  -0.521  1.00 25.67 ? 2100 HOH A O   1 
HETATM 834 O O   . HOH B 2 .  ? 12.473  15.676  -2.540  1.00 36.85 ? 2101 HOH A O   1 
HETATM 835 O O   . HOH B 2 .  ? 13.236  16.451  -5.992  1.00 31.55 ? 2102 HOH A O   1 
HETATM 836 O O   . HOH B 2 .  ? 13.462  17.092  -9.931  1.00 25.17 ? 2103 HOH A O   1 
HETATM 837 O O   . HOH B 2 .  ? 11.264  24.892  -12.389 1.00 54.32 ? 2104 HOH A O   1 
HETATM 838 O O   . HOH B 2 .  ? 14.752  17.473  -7.670  1.00 46.91 ? 2105 HOH A O   1 
# 
loop_
_atom_site_anisotrop.id 
_atom_site_anisotrop.type_symbol 
_atom_site_anisotrop.pdbx_label_atom_id 
_atom_site_anisotrop.pdbx_label_alt_id 
_atom_site_anisotrop.pdbx_label_comp_id 
_atom_site_anisotrop.pdbx_label_asym_id 
_atom_site_anisotrop.pdbx_label_seq_id 
_atom_site_anisotrop.pdbx_PDB_ins_code 
_atom_site_anisotrop.U[1][1] 
_atom_site_anisotrop.U[2][2] 
_atom_site_anisotrop.U[3][3] 
_atom_site_anisotrop.U[1][2] 
_atom_site_anisotrop.U[1][3] 
_atom_site_anisotrop.U[2][3] 
_atom_site_anisotrop.pdbx_auth_seq_id 
_atom_site_anisotrop.pdbx_auth_comp_id 
_atom_site_anisotrop.pdbx_auth_asym_id 
_atom_site_anisotrop.pdbx_auth_atom_id 
1   N N   . ALA A 2  ? 0.1860 0.1918 0.1967 0.0035  0.0040  -0.0065 2    ALA A N   
2   C CA  . ALA A 2  ? 0.1819 0.1864 0.1868 0.0033  0.0028  -0.0052 2    ALA A CA  
3   C C   . ALA A 2  ? 0.1792 0.1903 0.1922 0.0009  0.0014  -0.0075 2    ALA A C   
4   O O   . ALA A 2  ? 0.1878 0.1928 0.2058 -0.0022 0.0088  -0.0112 2    ALA A O   
5   C CB  . ALA A 2  ? 0.1822 0.1878 0.1851 0.0015  0.0004  -0.0087 2    ALA A CB  
6   N N   . MET A 3  ? 0.1651 0.1786 0.1910 0.0056  0.0010  -0.0036 3    MET A N   
7   C CA  . MET A 3  ? 0.1660 0.1704 0.1754 0.0071  -0.0061 0.0034  3    MET A CA  
8   C C   . MET A 3  ? 0.1309 0.1379 0.1400 0.0113  -0.0113 0.0107  3    MET A C   
9   O O   . MET A 3  ? 0.1239 0.1196 0.1380 0.0107  0.0009  0.0078  3    MET A O   
10  C CB  . MET A 3  ? 0.1723 0.1757 0.1948 0.0046  -0.0033 -0.0019 3    MET A CB  
11  C CG  . MET A 3  ? 0.1945 0.2025 0.2004 0.0021  -0.0034 0.0009  3    MET A CG  
12  S SD  . MET A 3  ? 0.2550 0.2452 0.2789 -0.0003 0.0038  -0.0279 3    MET A SD  
13  C CE  . MET A 3  ? 0.2317 0.2170 0.2549 0.0002  0.0001  -0.0121 3    MET A CE  
14  N N   . LEU A 4  ? 0.1128 0.1150 0.1103 0.0126  -0.0139 0.0162  4    LEU A N   
15  C CA  . LEU A 4  ? 0.1167 0.1149 0.0986 0.0077  -0.0130 0.0127  4    LEU A CA  
16  C C   . LEU A 4  ? 0.1095 0.1147 0.0934 0.0065  -0.0117 0.0102  4    LEU A C   
17  O O   . LEU A 4  ? 0.1123 0.1255 0.0891 0.0082  -0.0213 0.0095  4    LEU A O   
18  C CB  . LEU A 4  ? 0.1059 0.1091 0.0992 0.0058  -0.0123 0.0257  4    LEU A CB  
19  C CG  . LEU A 4  ? 0.1097 0.1132 0.1242 0.0139  -0.0019 0.0257  4    LEU A CG  
20  C CD1 . LEU A 4  ? 0.1019 0.1208 0.1633 0.0199  -0.0006 0.0175  4    LEU A CD1 
21  C CD2 . LEU A 4  ? 0.1185 0.1151 0.1162 0.0015  0.0004  0.0129  4    LEU A CD2 
22  N N   . TYR A 5  ? 0.1120 0.1169 0.0946 0.0050  -0.0106 0.0148  5    TYR A N   
23  C CA  . TYR A 5  ? 0.1133 0.1086 0.0927 0.0045  -0.0261 0.0125  5    TYR A CA  
24  C C   . TYR A 5  ? 0.1113 0.1126 0.0922 0.0076  -0.0180 0.0125  5    TYR A C   
25  O O   . TYR A 5  ? 0.1345 0.1266 0.0830 0.0190  -0.0153 0.0081  5    TYR A O   
26  C CB  . TYR A 5  ? 0.1173 0.1113 0.1068 -0.0031 -0.0143 0.0129  5    TYR A CB  
27  C CG  . TYR A 5  ? 0.0856 0.1001 0.0763 0.0135  -0.0287 0.0140  5    TYR A CG  
28  C CD1 . TYR A 5  ? 0.0787 0.1059 0.0882 0.0025  -0.0078 0.0178  5    TYR A CD1 
29  C CD2 . TYR A 5  ? 0.0832 0.1144 0.0849 0.0128  -0.0319 0.0218  5    TYR A CD2 
30  C CE1 . TYR A 5  ? 0.0614 0.0998 0.0705 -0.0061 -0.0015 0.0205  5    TYR A CE1 
31  C CE2 . TYR A 5  ? 0.0833 0.0839 0.0997 0.0011  -0.0192 0.0043  5    TYR A CE2 
32  C CZ  . TYR A 5  ? 0.0708 0.1085 0.0783 0.0050  -0.0044 -0.0004 5    TYR A CZ  
33  O OH  . TYR A 5  ? 0.0614 0.1152 0.0960 0.0129  -0.0143 0.0054  5    TYR A OH  
34  N N   . LEU A 6  ? 0.1087 0.1145 0.0790 0.0014  -0.0241 0.0200  6    LEU A N   
35  C CA  . LEU A 6  ? 0.0933 0.1066 0.0934 0.0017  -0.0193 0.0216  6    LEU A CA  
36  C C   . LEU A 6  ? 0.1000 0.0935 0.0905 0.0086  -0.0217 0.0146  6    LEU A C   
37  O O   . LEU A 6  ? 0.0980 0.0802 0.1062 0.0142  -0.0275 0.0186  6    LEU A O   
38  C CB  . LEU A 6  ? 0.1107 0.1253 0.1038 -0.0013 0.0018  0.0185  6    LEU A CB  
39  C CG  . LEU A 6  ? 0.1062 0.1432 0.1140 0.0118  -0.0199 0.0164  6    LEU A CG  
40  C CD1 . LEU A 6  ? 0.1260 0.1271 0.1612 0.0081  -0.0077 0.0033  6    LEU A CD1 
41  C CD2 . LEU A 6  ? 0.1012 0.1390 0.1520 0.0191  -0.0126 0.0259  6    LEU A CD2 
42  N N   . ILE A 7  ? 0.1263 0.1161 0.1186 0.0115  -0.0274 0.0195  7    ILE A N   
43  C CA  . ILE A 7  ? 0.1302 0.1275 0.1229 0.0102  -0.0143 0.0155  7    ILE A CA  
44  C C   . ILE A 7  ? 0.1150 0.1131 0.1149 0.0168  -0.0208 0.0095  7    ILE A C   
45  O O   . ILE A 7  ? 0.1624 0.1338 0.1274 0.0315  -0.0122 0.0022  7    ILE A O   
46  C CB  . ILE A 7  ? 0.1381 0.1350 0.1370 0.0081  -0.0148 0.0114  7    ILE A CB  
47  C CG1 . ILE A 7  ? 0.1411 0.1591 0.1485 0.0043  0.0051  0.0232  7    ILE A CG1 
48  C CG2 . ILE A 7  ? 0.1347 0.1561 0.1692 0.0206  -0.0150 -0.0094 7    ILE A CG2 
49  C CD1 . ILE A 7  ? 0.1508 0.1822 0.1826 0.0085  0.0102  0.0314  7    ILE A CD1 
50  N N   . PHE A 8  ? 0.0559 0.0754 0.0476 0.0120  -0.0161 0.0102  8    PHE A N   
51  C CA  . PHE A 8  ? 0.0504 0.0812 0.0525 0.0123  -0.0186 0.0088  8    PHE A CA  
52  C C   . PHE A 8  ? 0.0471 0.0819 0.0491 0.0118  -0.0157 0.0097  8    PHE A C   
53  O O   . PHE A 8  ? 0.0564 0.0555 0.0514 0.0150  -0.0186 0.0096  8    PHE A O   
54  C CB  . PHE A 8  ? 0.0725 0.1089 0.0572 0.0137  -0.0099 0.0147  8    PHE A CB  
55  C CG  . PHE A 8  ? 0.0775 0.1281 0.0950 0.0163  -0.0137 0.0074  8    PHE A CG  
56  C CD1 . PHE A 8  ? 0.0902 0.1315 0.1056 -0.0036 -0.0046 -0.0057 8    PHE A CD1 
57  C CD2 . PHE A 8  ? 0.0989 0.1550 0.1367 0.0030  -0.0048 0.0078  8    PHE A CD2 
58  C CE1 . PHE A 8  ? 0.1141 0.1349 0.1144 0.0004  0.0013  0.0018  8    PHE A CE1 
59  C CE2 . PHE A 8  ? 0.0821 0.1321 0.1280 0.0077  -0.0118 -0.0018 8    PHE A CE2 
60  C CZ  . PHE A 8  ? 0.0921 0.1167 0.0989 0.0062  -0.0184 0.0061  8    PHE A CZ  
61  N N   . TYR A 9  ? 0.0957 0.1317 0.1135 0.0019  -0.0227 0.0107  9    TYR A N   
62  C CA  . TYR A 9  ? 0.0987 0.1441 0.1169 0.0025  -0.0168 0.0040  9    TYR A CA  
63  C C   . TYR A 9  ? 0.1020 0.1317 0.1221 0.0010  -0.0187 0.0040  9    TYR A C   
64  O O   . TYR A 9  ? 0.1113 0.1284 0.1319 0.0036  -0.0230 -0.0013 9    TYR A O   
65  C CB  . TYR A 9  ? 0.1148 0.1465 0.1239 -0.0077 -0.0140 0.0016  9    TYR A CB  
66  C CG  . TYR A 9  ? 0.1082 0.1612 0.1272 -0.0007 -0.0152 -0.0015 9    TYR A CG  
67  C CD1 . TYR A 9  ? 0.1504 0.1538 0.1511 0.0136  -0.0169 -0.0015 9    TYR A CD1 
68  C CD2 . TYR A 9  ? 0.1338 0.1498 0.1238 -0.0227 -0.0052 0.0029  9    TYR A CD2 
69  C CE1 . TYR A 9  ? 0.1289 0.1811 0.1360 0.0243  -0.0194 -0.0051 9    TYR A CE1 
70  C CE2 . TYR A 9  ? 0.1291 0.1358 0.1510 -0.0066 0.0050  0.0092  9    TYR A CE2 
71  C CZ  . TYR A 9  ? 0.1336 0.1427 0.1181 -0.0006 0.0003  -0.0062 9    TYR A CZ  
72  O OH  . TYR A 9  ? 0.1352 0.1765 0.1570 0.0070  -0.0075 -0.0114 9    TYR A OH  
73  N N   . ASP A 10 ? 0.1167 0.1438 0.1164 0.0023  -0.0220 0.0124  10   ASP A N   
74  C CA  . ASP A 10 ? 0.1153 0.1526 0.1133 0.0010  -0.0111 0.0101  10   ASP A CA  
75  C C   . ASP A 10 ? 0.1064 0.1317 0.1063 0.0112  -0.0155 0.0115  10   ASP A C   
76  O O   . ASP A 10 ? 0.1057 0.1232 0.1241 0.0147  -0.0127 0.0132  10   ASP A O   
77  C CB  . ASP A 10 ? 0.1176 0.1506 0.1242 0.0069  -0.0054 0.0248  10   ASP A CB  
78  C CG  . ASP A 10 ? 0.1210 0.1636 0.1346 -0.0080 -0.0118 0.0039  10   ASP A CG  
79  O OD1 . ASP A 10 ? 0.1800 0.1763 0.1580 0.0084  -0.0109 0.0260  10   ASP A OD1 
80  O OD2 . ASP A 10 ? 0.1477 0.1628 0.1519 -0.0055 0.0170  0.0001  10   ASP A OD2 
81  N N   . ILE A 11 ? 0.1093 0.1277 0.1185 0.0095  -0.0068 0.0012  11   ILE A N   
82  C CA  . ILE A 11 ? 0.1159 0.1296 0.1189 0.0097  -0.0196 0.0070  11   ILE A CA  
83  C C   . ILE A 11 ? 0.1166 0.1142 0.1169 0.0109  -0.0188 -0.0039 11   ILE A C   
84  O O   . ILE A 11 ? 0.1363 0.1070 0.1393 0.0145  -0.0277 -0.0210 11   ILE A O   
85  C CB  . ILE A 11 ? 0.1044 0.1327 0.1234 0.0190  -0.0149 -0.0049 11   ILE A CB  
86  C CG1 . ILE A 11 ? 0.1238 0.1607 0.1221 0.0063  -0.0260 0.0088  11   ILE A CG1 
87  C CG2 . ILE A 11 ? 0.1088 0.1484 0.1218 -0.0036 -0.0297 0.0045  11   ILE A CG2 
88  C CD1 . ILE A 11 ? 0.1248 0.1809 0.0998 0.0175  -0.0104 -0.0021 11   ILE A CD1 
89  N N   . THR A 12 ? 0.1176 0.1212 0.1129 0.0128  -0.0154 -0.0012 12   THR A N   
90  C CA  . THR A 12 ? 0.1301 0.1230 0.1220 0.0130  -0.0129 -0.0017 12   THR A CA  
91  C C   . THR A 12 ? 0.1285 0.1231 0.1152 0.0161  -0.0132 -0.0022 12   THR A C   
92  O O   . THR A 12 ? 0.1346 0.1277 0.1368 0.0230  -0.0145 -0.0021 12   THR A O   
93  C CB  . THR A 12 ? 0.1289 0.1251 0.1225 0.0125  -0.0095 -0.0018 12   THR A CB  
94  O OG1 . THR A 12 ? 0.1396 0.1157 0.1211 0.0105  -0.0099 -0.0129 12   THR A OG1 
95  C CG2 . THR A 12 ? 0.1447 0.1404 0.1700 0.0229  0.0112  -0.0106 12   THR A CG2 
96  N N   . ASP A 13 ? 0.1190 0.1327 0.1177 0.0211  -0.0174 -0.0044 13   ASP A N   
97  C CA  . ASP A 13 ? 0.1291 0.1461 0.1217 0.0182  -0.0156 -0.0020 13   ASP A CA  
98  C C   . ASP A 13 ? 0.1317 0.1474 0.1245 0.0242  -0.0126 -0.0044 13   ASP A C   
99  O O   . ASP A 13 ? 0.1339 0.1465 0.1226 0.0349  -0.0165 0.0017  13   ASP A O   
100 C CB  . ASP A 13 ? 0.1226 0.1559 0.1125 0.0149  -0.0176 0.0005  13   ASP A CB  
101 C CG  . ASP A 13 ? 0.1314 0.1755 0.1413 0.0150  -0.0114 0.0053  13   ASP A CG  
102 O OD1 . ASP A 13 ? 0.2004 0.2232 0.1763 0.0006  -0.0139 0.0050  13   ASP A OD1 
103 O OD2 . ASP A 13 ? 0.1498 0.1818 0.1445 0.0131  -0.0311 0.0169  13   ASP A OD2 
104 N N   . ASP A 14 ? 0.1434 0.1484 0.1347 0.0227  -0.0112 -0.0021 14   ASP A N   
105 C CA  . ASP A 14 ? 0.1462 0.1497 0.1437 0.0209  -0.0105 0.0010  14   ASP A CA  
106 C C   . ASP A 14 ? 0.1444 0.1508 0.1421 0.0196  -0.0117 -0.0013 14   ASP A C   
107 O O   . ASP A 14 ? 0.1412 0.1526 0.1264 0.0211  -0.0169 -0.0053 14   ASP A O   
108 C CB  . ASP A 14 ? 0.1498 0.1443 0.1481 0.0234  -0.0103 0.0075  14   ASP A CB  
109 C CG  . ASP A 14 ? 0.1726 0.1659 0.1897 0.0187  -0.0009 0.0116  14   ASP A CG  
110 O OD1 . ASP A 14 ? 0.1883 0.1857 0.2045 0.0166  -0.0078 0.0175  14   ASP A OD1 
111 O OD2 . ASP A 14 ? 0.2063 0.2079 0.2317 0.0106  -0.0134 0.0256  14   ASP A OD2 
112 N N   . ASN A 15 ? 0.1352 0.1584 0.1426 0.0185  -0.0158 0.0032  15   ASN A N   
113 C CA  . ASN A 15 ? 0.1452 0.1696 0.1493 0.0090  -0.0181 0.0043  15   ASN A CA  
114 C C   . ASN A 15 ? 0.1422 0.1621 0.1388 0.0087  -0.0188 0.0031  15   ASN A C   
115 O O   . ASN A 15 ? 0.1300 0.1678 0.1193 0.0197  -0.0214 0.0033  15   ASN A O   
116 C CB  . ASN A 15 ? 0.1642 0.1828 0.1730 0.0051  -0.0143 0.0064  15   ASN A CB  
117 C CG  . ASN A 15 ? 0.2127 0.2042 0.2148 0.0031  -0.0020 0.0028  15   ASN A CG  
118 O OD1 . ASN A 15 ? 0.2991 0.2349 0.2859 0.0015  0.0004  0.0096  15   ASN A OD1 
119 N ND2 . ASN A 15 ? 0.2629 0.2322 0.2644 -0.0065 0.0079  0.0017  15   ASN A ND2 
120 N N   . LEU A 16 ? 0.1239 0.1470 0.1324 0.0051  -0.0214 0.0020  16   LEU A N   
121 C CA  . LEU A 16 ? 0.1198 0.1362 0.1322 0.0006  -0.0125 0.0068  16   LEU A CA  
122 C C   . LEU A 16 ? 0.1154 0.1277 0.1302 -0.0040 -0.0078 0.0050  16   LEU A C   
123 O O   . LEU A 16 ? 0.1110 0.1183 0.1242 0.0012  -0.0032 0.0107  16   LEU A O   
124 C CB  . LEU A 16 ? 0.1244 0.1273 0.1451 0.0016  -0.0097 0.0072  16   LEU A CB  
125 C CG  . LEU A 16 ? 0.1203 0.1348 0.1316 -0.0022 -0.0045 0.0055  16   LEU A CG  
126 C CD1 . LEU A 16 ? 0.1768 0.1391 0.1627 0.0001  0.0066  -0.0051 16   LEU A CD1 
127 C CD2 . LEU A 16 ? 0.1377 0.1425 0.1173 -0.0031 -0.0185 0.0280  16   LEU A CD2 
128 N N   . ARG A 17 ? 0.1083 0.1254 0.1249 -0.0065 -0.0087 0.0105  17   ARG A N   
129 C CA  . ARG A 17 ? 0.1151 0.1259 0.1117 -0.0112 -0.0081 0.0102  17   ARG A CA  
130 C C   . ARG A 17 ? 0.1104 0.1228 0.1104 -0.0054 -0.0129 0.0151  17   ARG A C   
131 O O   . ARG A 17 ? 0.1149 0.1285 0.1109 -0.0148 -0.0176 0.0268  17   ARG A O   
132 C CB  . ARG A 17 ? 0.1242 0.1371 0.1160 -0.0118 -0.0073 0.0192  17   ARG A CB  
133 C CG  . ARG A 17 ? 0.1284 0.1583 0.1373 -0.0342 0.0021  -0.0064 17   ARG A CG  
134 C CD  . ARG A 17 ? 0.1497 0.1584 0.1458 -0.0234 0.0067  0.0059  17   ARG A CD  
135 N NE  . ARG A 17 ? 0.1783 0.2111 0.1669 -0.0280 -0.0116 0.0241  17   ARG A NE  
136 C CZ  . ARG A 17 ? 0.1813 0.1789 0.1846 0.0061  -0.0126 0.0208  17   ARG A CZ  
137 N NH1 . ARG A 17 ? 0.1596 0.1967 0.1831 -0.0198 -0.0175 -0.0103 17   ARG A NH1 
138 N NH2 . ARG A 17 ? 0.1783 0.1965 0.1482 0.0153  -0.0356 -0.0054 17   ARG A NH2 
139 N N   . ASN A 18 ? 0.1102 0.1296 0.1062 0.0019  -0.0111 0.0123  18   ASN A N   
140 C CA  . ASN A 18 ? 0.1164 0.1292 0.1196 0.0078  -0.0144 0.0057  18   ASN A CA  
141 C C   . ASN A 18 ? 0.1098 0.1227 0.1140 0.0072  -0.0175 0.0021  18   ASN A C   
142 O O   . ASN A 18 ? 0.1214 0.1168 0.1041 0.0150  -0.0248 0.0048  18   ASN A O   
143 C CB  . ASN A 18 ? 0.1310 0.1372 0.1318 0.0118  -0.0083 0.0099  18   ASN A CB  
144 C CG  . ASN A 18 ? 0.1713 0.1908 0.1878 -0.0079 -0.0098 0.0144  18   ASN A CG  
145 O OD1 . ASN A 18 ? 0.2303 0.2343 0.2701 -0.0094 -0.0186 0.0222  18   ASN A OD1 
146 N ND2 . ASN A 18 ? 0.2404 0.2273 0.2115 -0.0159 -0.0132 0.0245  18   ASN A ND2 
147 N N   . ARG A 19 ? 0.1060 0.1150 0.1141 0.0042  -0.0165 -0.0008 19   ARG A N   
148 C CA  . ARG A 19 ? 0.1178 0.1196 0.1144 -0.0040 -0.0146 0.0004  19   ARG A CA  
149 C C   . ARG A 19 ? 0.1056 0.1117 0.1062 0.0002  -0.0052 0.0029  19   ARG A C   
150 O O   . ARG A 19 ? 0.1293 0.1078 0.1110 -0.0122 0.0009  0.0040  19   ARG A O   
151 C CB  . ARG A 19 ? 0.1316 0.1253 0.1334 0.0030  -0.0174 -0.0102 19   ARG A CB  
152 C CG  . ARG A 19 ? 0.1491 0.1327 0.1208 -0.0104 -0.0242 0.0075  19   ARG A CG  
153 C CD  . ARG A 19 ? 0.1311 0.0960 0.0714 -0.0082 -0.0315 0.0205  19   ARG A CD  
154 N NE  . ARG A 19 ? 0.0982 0.0975 0.0868 0.0194  -0.0292 0.0203  19   ARG A NE  
155 C CZ  . ARG A 19 ? 0.0930 0.0738 0.0765 0.0211  -0.0243 0.0143  19   ARG A CZ  
156 N NH1 . ARG A 19 ? 0.0972 0.1016 0.0622 0.0271  -0.0260 0.0142  19   ARG A NH1 
157 N NH2 . ARG A 19 ? 0.1047 0.0980 0.0877 0.0488  -0.0323 0.0258  19   ARG A NH2 
158 N N   . VAL A 20 ? 0.0821 0.1018 0.1045 0.0060  -0.0044 -0.0038 20   VAL A N   
159 C CA  . VAL A 20 ? 0.0858 0.1070 0.0858 0.0120  -0.0084 0.0080  20   VAL A CA  
160 C C   . VAL A 20 ? 0.0914 0.0929 0.0902 0.0125  -0.0062 0.0127  20   VAL A C   
161 O O   . VAL A 20 ? 0.1083 0.1158 0.0953 0.0054  -0.0098 0.0149  20   VAL A O   
162 C CB  . VAL A 20 ? 0.0784 0.1019 0.0896 0.0134  -0.0048 0.0151  20   VAL A CB  
163 C CG1 . VAL A 20 ? 0.0747 0.1081 0.1215 0.0211  -0.0143 0.0162  20   VAL A CG1 
164 C CG2 . VAL A 20 ? 0.0832 0.0805 0.0936 0.0119  0.0021  0.0238  20   VAL A CG2 
165 N N   . ALA A 21 ? 0.0751 0.0810 0.0795 0.0081  -0.0140 0.0083  21   ALA A N   
166 C CA  . ALA A 21 ? 0.0758 0.0965 0.0921 0.0098  -0.0144 0.0056  21   ALA A CA  
167 C C   . ALA A 21 ? 0.0813 0.0987 0.0843 0.0097  -0.0205 0.0078  21   ALA A C   
168 O O   . ALA A 21 ? 0.0883 0.1247 0.0912 -0.0026 -0.0289 0.0079  21   ALA A O   
169 C CB  . ALA A 21 ? 0.0710 0.0947 0.0750 0.0147  -0.0162 0.0098  21   ALA A CB  
170 N N   . GLU A 22 ? 0.0801 0.0998 0.0958 0.0082  -0.0134 0.0051  22   GLU A N   
171 C CA  . GLU A 22 ? 0.0972 0.1055 0.0925 0.0021  -0.0103 0.0103  22   GLU A CA  
172 C C   . GLU A 22 ? 0.0987 0.1027 0.0850 0.0032  -0.0114 0.0082  22   GLU A C   
173 O O   . GLU A 22 ? 0.1119 0.1094 0.0674 -0.0047 -0.0277 0.0084  22   GLU A O   
174 C CB  . GLU A 22 ? 0.0982 0.1148 0.1037 -0.0005 -0.0060 0.0149  22   GLU A CB  
175 C CG  . GLU A 22 ? 0.1426 0.1551 0.1469 0.0011  -0.0135 0.0121  22   GLU A CG  
176 C CD  . GLU A 22 ? 0.2211 0.2183 0.2390 -0.0143 -0.0234 0.0190  22   GLU A CD  
177 O OE1 . GLU A 22 ? 0.2980 0.2630 0.2891 -0.0289 -0.0119 0.0117  22   GLU A OE1 
178 O OE2 . GLU A 22 ? 0.2693 0.2508 0.2663 -0.0066 -0.0237 0.0165  22   GLU A OE2 
179 N N   . PHE A 23 ? 0.0928 0.1026 0.0897 0.0041  -0.0136 0.0091  23   PHE A N   
180 C CA  . PHE A 23 ? 0.0968 0.1063 0.1000 0.0103  -0.0144 0.0051  23   PHE A CA  
181 C C   . PHE A 23 ? 0.1004 0.1082 0.0986 0.0033  -0.0126 0.0101  23   PHE A C   
182 O O   . PHE A 23 ? 0.0915 0.1130 0.0889 0.0113  -0.0133 0.0188  23   PHE A O   
183 C CB  . PHE A 23 ? 0.1074 0.1100 0.1017 0.0155  -0.0161 0.0065  23   PHE A CB  
184 C CG  . PHE A 23 ? 0.0815 0.1040 0.0940 0.0269  -0.0154 0.0040  23   PHE A CG  
185 C CD1 . PHE A 23 ? 0.1084 0.1076 0.1006 0.0257  -0.0324 0.0240  23   PHE A CD1 
186 C CD2 . PHE A 23 ? 0.1006 0.1378 0.0907 0.0285  -0.0146 -0.0141 23   PHE A CD2 
187 C CE1 . PHE A 23 ? 0.0891 0.0959 0.1260 0.0280  -0.0261 0.0185  23   PHE A CE1 
188 C CE2 . PHE A 23 ? 0.1319 0.1246 0.1061 0.0271  -0.0133 -0.0135 23   PHE A CE2 
189 C CZ  . PHE A 23 ? 0.0863 0.1057 0.1198 0.0264  -0.0198 -0.0032 23   PHE A CZ  
190 N N   . LEU A 24 ? 0.0896 0.1071 0.0942 0.0060  -0.0129 0.0038  24   LEU A N   
191 C CA  . LEU A 24 ? 0.0824 0.0996 0.0903 0.0011  -0.0074 0.0034  24   LEU A CA  
192 C C   . LEU A 24 ? 0.0728 0.0891 0.0818 0.0036  -0.0106 0.0053  24   LEU A C   
193 O O   . LEU A 24 ? 0.0719 0.1065 0.0851 0.0179  -0.0210 0.0092  24   LEU A O   
194 C CB  . LEU A 24 ? 0.0992 0.1049 0.0893 -0.0006 0.0022  -0.0032 24   LEU A CB  
195 C CG  . LEU A 24 ? 0.1185 0.0883 0.0951 0.0082  0.0058  -0.0014 24   LEU A CG  
196 C CD1 . LEU A 24 ? 0.1038 0.1156 0.0936 -0.0018 0.0027  -0.0066 24   LEU A CD1 
197 C CD2 . LEU A 24 ? 0.1340 0.1088 0.1108 0.0107  -0.0313 0.0124  24   LEU A CD2 
198 N N   . LYS A 25 ? 0.0664 0.0674 0.0780 -0.0033 0.0010  0.0021  25   LYS A N   
199 C CA  . LYS A 25 ? 0.0900 0.0828 0.0780 -0.0077 0.0016  0.0019  25   LYS A CA  
200 C C   . LYS A 25 ? 0.0945 0.0829 0.0780 -0.0069 -0.0061 0.0078  25   LYS A C   
201 O O   . LYS A 25 ? 0.1092 0.0843 0.0808 -0.0197 -0.0202 0.0138  25   LYS A O   
202 C CB  . LYS A 25 ? 0.1019 0.0829 0.0754 -0.0002 0.0067  -0.0005 25   LYS A CB  
203 C CG  . LYS A 25 ? 0.1534 0.1039 0.1244 0.0036  0.0014  -0.0087 25   LYS A CG  
204 C CD  . LYS A 25 ? 0.1852 0.1191 0.1440 0.0084  -0.0115 -0.0046 25   LYS A CD  
205 C CE  . LYS A 25 ? 0.1856 0.1674 0.1689 0.0060  -0.0081 -0.0069 25   LYS A CE  
206 N NZ  . LYS A 25 ? 0.2182 0.2130 0.1798 -0.0140 -0.0175 0.0160  25   LYS A NZ  
207 N N   . LYS A 26 ? 0.0686 0.0708 0.0750 -0.0011 -0.0013 0.0110  26   LYS A N   
208 C CA  . LYS A 26 ? 0.0770 0.0790 0.0711 0.0029  -0.0055 0.0115  26   LYS A CA  
209 C C   . LYS A 26 ? 0.0814 0.0776 0.0762 0.0054  -0.0073 0.0095  26   LYS A C   
210 O O   . LYS A 26 ? 0.0775 0.0743 0.0620 0.0031  -0.0028 0.0108  26   LYS A O   
211 C CB  . LYS A 26 ? 0.0721 0.0820 0.0747 0.0030  -0.0052 0.0054  26   LYS A CB  
212 C CG  . LYS A 26 ? 0.1389 0.1252 0.1271 0.0014  -0.0143 0.0043  26   LYS A CG  
213 C CD  . LYS A 26 ? 0.1630 0.1682 0.1761 0.0033  -0.0147 -0.0114 26   LYS A CD  
214 C CE  . LYS A 26 ? 0.1805 0.1767 0.1879 0.0152  -0.0137 -0.0039 26   LYS A CE  
215 N NZ  . LYS A 26 ? 0.1871 0.1846 0.2055 0.0062  -0.0123 -0.0173 26   LYS A NZ  
216 N N   . LYS A 27 ? 0.0828 0.0889 0.0850 0.0119  -0.0108 0.0096  27   LYS A N   
217 C CA  . LYS A 27 ? 0.1073 0.1216 0.1019 0.0195  -0.0183 0.0025  27   LYS A CA  
218 C C   . LYS A 27 ? 0.0987 0.1201 0.0968 0.0232  -0.0160 0.0044  27   LYS A C   
219 O O   . LYS A 27 ? 0.1251 0.1452 0.1222 0.0325  -0.0369 0.0006  27   LYS A O   
220 C CB  . LYS A 27 ? 0.1111 0.1335 0.1157 0.0256  -0.0152 -0.0027 27   LYS A CB  
221 C CG  . LYS A 27 ? 0.1482 0.1518 0.1341 0.0223  -0.0225 -0.0025 27   LYS A CG  
222 C CD  . LYS A 27 ? 0.1714 0.1828 0.1731 0.0028  -0.0192 -0.0108 27   LYS A CD  
223 C CE  . LYS A 27 ? 0.1532 0.2054 0.1449 0.0135  -0.0042 0.0044  27   LYS A CE  
224 N NZ  . LYS A 27 ? 0.1674 0.2214 0.1787 0.0153  -0.0008 -0.0084 27   LYS A NZ  
225 N N   . GLY A 28 ? 0.0993 0.1342 0.1043 0.0077  -0.0048 0.0008  28   GLY A N   
226 C CA  . GLY A 28 ? 0.0838 0.1182 0.0950 0.0071  -0.0028 -0.0004 28   GLY A CA  
227 C C   . GLY A 28 ? 0.0884 0.1191 0.1007 0.0065  -0.0006 0.0002  28   GLY A C   
228 O O   . GLY A 28 ? 0.0877 0.1211 0.1160 0.0048  0.0001  0.0050  28   GLY A O   
229 N N   . LEU A 29 ? 0.0726 0.1113 0.0890 0.0065  0.0006  0.0097  29   LEU A N   
230 C CA  . LEU A 29 ? 0.0715 0.1023 0.0958 0.0064  -0.0068 0.0150  29   LEU A CA  
231 C C   . LEU A 29 ? 0.0740 0.0931 0.0929 0.0144  -0.0110 0.0114  29   LEU A C   
232 O O   . LEU A 29 ? 0.0950 0.1332 0.1299 0.0145  -0.0209 0.0261  29   LEU A O   
233 C CB  . LEU A 29 ? 0.0759 0.0999 0.0814 0.0039  -0.0155 0.0187  29   LEU A CB  
234 C CG  . LEU A 29 ? 0.1107 0.1168 0.1317 0.0017  -0.0126 0.0086  29   LEU A CG  
235 C CD1 . LEU A 29 ? 0.1695 0.1848 0.1620 0.0013  -0.0386 0.0137  29   LEU A CD1 
236 C CD2 . LEU A 29 ? 0.1168 0.1285 0.1436 -0.0243 -0.0198 0.0049  29   LEU A CD2 
237 N N   . ASP A 30 ? 0.0727 0.0806 0.0859 0.0097  -0.0040 0.0169  30   ASP A N   
238 C CA  . ASP A 30 ? 0.0817 0.0844 0.0728 0.0089  -0.0079 0.0112  30   ASP A CA  
239 C C   . ASP A 30 ? 0.0741 0.0767 0.0687 0.0113  -0.0108 0.0148  30   ASP A C   
240 O O   . ASP A 30 ? 0.0709 0.0731 0.0505 0.0225  -0.0217 0.0108  30   ASP A O   
241 C CB  . ASP A 30 ? 0.0911 0.0826 0.0657 0.0110  -0.0123 0.0037  30   ASP A CB  
242 C CG  . ASP A 30 ? 0.1360 0.1334 0.1068 0.0181  -0.0156 0.0036  30   ASP A CG  
243 O OD1 . ASP A 30 ? 0.1960 0.1597 0.1408 0.0322  0.0041  -0.0089 30   ASP A OD1 
244 O OD2 . ASP A 30 ? 0.2023 0.1681 0.1748 0.0260  -0.0179 0.0013  30   ASP A OD2 
245 N N   . ARG A 31 ? 0.0814 0.0857 0.0822 0.0155  -0.0123 0.0276  31   ARG A N   
246 C CA  . ARG A 31 ? 0.0790 0.0878 0.0838 0.0105  -0.0125 0.0217  31   ARG A CA  
247 C C   . ARG A 31 ? 0.0873 0.0836 0.0902 0.0058  -0.0163 0.0174  31   ARG A C   
248 O O   . ARG A 31 ? 0.1028 0.0973 0.1072 0.0001  -0.0159 0.0026  31   ARG A O   
249 C CB  . ARG A 31 ? 0.0803 0.1010 0.0841 0.0133  -0.0127 0.0213  31   ARG A CB  
250 C CG  . ARG A 31 ? 0.0821 0.1039 0.0873 0.0094  -0.0181 0.0145  31   ARG A CG  
251 C CD  . ARG A 31 ? 0.0900 0.0981 0.1022 0.0041  -0.0099 0.0161  31   ARG A CD  
252 N NE  . ARG A 31 ? 0.1199 0.0898 0.1084 -0.0164 -0.0091 0.0033  31   ARG A NE  
253 C CZ  . ARG A 31 ? 0.1080 0.1064 0.1044 -0.0041 -0.0059 0.0028  31   ARG A CZ  
254 N NH1 . ARG A 31 ? 0.1167 0.1162 0.1117 0.0022  0.0044  0.0085  31   ARG A NH1 
255 N NH2 . ARG A 31 ? 0.1445 0.1415 0.0744 -0.0061 -0.0028 -0.0039 31   ARG A NH2 
256 N N   . ILE A 32 ? 0.0615 0.0753 0.0753 0.0003  -0.0161 0.0207  32   ILE A N   
257 C CA  . ILE A 32 ? 0.0713 0.0892 0.0876 0.0065  -0.0074 0.0135  32   ILE A CA  
258 C C   . ILE A 32 ? 0.0601 0.0791 0.0705 0.0133  -0.0032 0.0046  32   ILE A C   
259 O O   . ILE A 32 ? 0.0600 0.0792 0.0735 0.0122  -0.0093 0.0203  32   ILE A O   
260 C CB  . ILE A 32 ? 0.0911 0.0922 0.0963 0.0199  -0.0051 0.0150  32   ILE A CB  
261 C CG1 . ILE A 32 ? 0.1033 0.0855 0.1310 0.0106  -0.0014 -0.0152 32   ILE A CG1 
262 C CG2 . ILE A 32 ? 0.1176 0.1293 0.1092 0.0049  -0.0119 0.0008  32   ILE A CG2 
263 C CD1 . ILE A 32 ? 0.1055 0.1495 0.1840 0.0265  -0.0134 -0.0281 32   ILE A CD1 
264 N N   . GLN A 33 ? 0.0691 0.0739 0.0606 0.0146  -0.0106 0.0118  33   GLN A N   
265 C CA  . GLN A 33 ? 0.0766 0.0850 0.0561 0.0082  -0.0018 0.0151  33   GLN A CA  
266 C C   . GLN A 33 ? 0.0763 0.0795 0.0563 0.0053  -0.0078 0.0128  33   GLN A C   
267 O O   . GLN A 33 ? 0.0996 0.0890 0.0748 -0.0035 -0.0106 0.0140  33   GLN A O   
268 C CB  . GLN A 33 ? 0.0813 0.0853 0.0558 0.0144  0.0031  0.0130  33   GLN A CB  
269 C CG  . GLN A 33 ? 0.0992 0.0953 0.0679 0.0151  -0.0044 0.0148  33   GLN A CG  
270 C CD  . GLN A 33 ? 0.0896 0.0949 0.0929 0.0199  -0.0038 0.0128  33   GLN A CD  
271 O OE1 . GLN A 33 ? 0.0989 0.1028 0.1166 0.0167  0.0180  0.0072  33   GLN A OE1 
272 N NE2 . GLN A 33 ? 0.0710 0.1153 0.1017 0.0156  0.0004  0.0274  33   GLN A NE2 
273 N N   . TYR A 34 ? 0.0783 0.0861 0.0718 0.0076  -0.0073 0.0162  34   TYR A N   
274 C CA  . TYR A 34 ? 0.0869 0.0882 0.0815 0.0069  -0.0135 0.0123  34   TYR A CA  
275 C C   . TYR A 34 ? 0.0847 0.0919 0.0797 0.0053  -0.0127 0.0052  34   TYR A C   
276 O O   . TYR A 34 ? 0.0865 0.0978 0.0906 0.0125  -0.0287 0.0178  34   TYR A O   
277 C CB  . TYR A 34 ? 0.0796 0.1016 0.0844 0.0096  -0.0135 0.0094  34   TYR A CB  
278 C CG  . TYR A 34 ? 0.0603 0.1113 0.0684 0.0136  -0.0098 -0.0005 34   TYR A CG  
279 C CD1 . TYR A 34 ? 0.0968 0.1358 0.0962 0.0204  0.0066  -0.0312 34   TYR A CD1 
280 C CD2 . TYR A 34 ? 0.0753 0.0883 0.0726 0.0094  0.0057  -0.0028 34   TYR A CD2 
281 C CE1 . TYR A 34 ? 0.1068 0.1204 0.0895 0.0374  -0.0246 -0.0202 34   TYR A CE1 
282 C CE2 . TYR A 34 ? 0.0756 0.1127 0.0864 0.0048  -0.0036 0.0148  34   TYR A CE2 
283 C CZ  . TYR A 34 ? 0.0980 0.1090 0.0723 0.0218  -0.0155 -0.0017 34   TYR A CZ  
284 O OH  . TYR A 34 ? 0.1085 0.1415 0.1029 0.0146  -0.0132 -0.0267 34   TYR A OH  
285 N N   . SER A 35 ? 0.0886 0.0802 0.0830 0.0168  -0.0265 0.0157  35   SER A N   
286 C CA  A SER A 35 ? 0.0947 0.0911 0.0896 0.0057  -0.0205 0.0013  35   SER A CA  
287 C CA  B SER A 35 ? 0.0790 0.0771 0.0762 0.0067  -0.0223 0.0018  35   SER A CA  
288 C C   . SER A 35 ? 0.0731 0.0726 0.0740 0.0059  -0.0180 0.0019  35   SER A C   
289 O O   . SER A 35 ? 0.0662 0.0613 0.0751 -0.0040 -0.0154 -0.0015 35   SER A O   
290 C CB  A SER A 35 ? 0.1079 0.1160 0.1063 0.0081  -0.0201 0.0055  35   SER A CB  
291 C CB  B SER A 35 ? 0.0834 0.0936 0.0878 0.0069  -0.0246 0.0052  35   SER A CB  
292 O OG  A SER A 35 ? 0.1347 0.1693 0.1569 -0.0159 -0.0045 -0.0100 35   SER A OG  
293 O OG  B SER A 35 ? 0.0298 0.0695 0.0534 -0.0036 -0.0107 -0.0008 35   SER A OG  
294 N N   . VAL A 36 ? 0.0761 0.0715 0.0571 0.0026  -0.0223 0.0105  36   VAL A N   
295 C CA  . VAL A 36 ? 0.0654 0.0713 0.0528 0.0049  -0.0271 0.0056  36   VAL A CA  
296 C C   . VAL A 36 ? 0.0706 0.0565 0.0606 0.0057  -0.0190 0.0100  36   VAL A C   
297 O O   . VAL A 36 ? 0.0642 0.0610 0.0638 0.0089  -0.0288 0.0085  36   VAL A O   
298 C CB  . VAL A 36 ? 0.0690 0.0688 0.0587 0.0047  -0.0159 0.0066  36   VAL A CB  
299 C CG1 . VAL A 36 ? 0.0855 0.0926 0.0658 0.0111  -0.0205 -0.0007 36   VAL A CG1 
300 C CG2 . VAL A 36 ? 0.0620 0.0896 0.0325 -0.0015 -0.0104 0.0038  36   VAL A CG2 
301 N N   . PHE A 37 ? 0.0726 0.0510 0.0515 0.0109  -0.0263 0.0095  37   PHE A N   
302 C CA  . PHE A 37 ? 0.0760 0.0744 0.0685 0.0052  -0.0131 0.0118  37   PHE A CA  
303 C C   . PHE A 37 ? 0.0869 0.0713 0.0598 0.0048  -0.0114 0.0058  37   PHE A C   
304 O O   . PHE A 37 ? 0.0967 0.0657 0.0698 0.0062  -0.0076 -0.0020 37   PHE A O   
305 C CB  . PHE A 37 ? 0.0792 0.0672 0.0784 0.0002  -0.0149 0.0179  37   PHE A CB  
306 C CG  . PHE A 37 ? 0.0874 0.0828 0.0899 -0.0077 -0.0087 0.0113  37   PHE A CG  
307 C CD1 . PHE A 37 ? 0.0792 0.0869 0.1164 -0.0031 -0.0074 0.0078  37   PHE A CD1 
308 C CD2 . PHE A 37 ? 0.0900 0.0922 0.0949 -0.0110 -0.0309 0.0222  37   PHE A CD2 
309 C CE1 . PHE A 37 ? 0.0868 0.0833 0.1156 0.0000  -0.0117 0.0084  37   PHE A CE1 
310 C CE2 . PHE A 37 ? 0.0905 0.0946 0.1041 -0.0201 -0.0355 0.0311  37   PHE A CE2 
311 C CZ  . PHE A 37 ? 0.0914 0.0999 0.1256 -0.0162 -0.0348 0.0099  37   PHE A CZ  
312 N N   . MET A 38 ? 0.0974 0.0906 0.0626 0.0118  -0.0157 0.0092  38   MET A N   
313 C CA  . MET A 38 ? 0.1084 0.1071 0.0824 0.0110  -0.0071 0.0184  38   MET A CA  
314 C C   . MET A 38 ? 0.0969 0.0905 0.0640 0.0197  -0.0008 0.0108  38   MET A C   
315 O O   . MET A 38 ? 0.0942 0.0959 0.0744 0.0354  -0.0094 0.0140  38   MET A O   
316 C CB  . MET A 38 ? 0.1238 0.1223 0.1027 0.0050  -0.0051 0.0096  38   MET A CB  
317 C CG  . MET A 38 ? 0.1508 0.1433 0.1592 -0.0005 0.0019  0.0132  38   MET A CG  
318 S SD  . MET A 38 ? 0.1978 0.1975 0.2116 -0.0283 0.0008  0.0302  38   MET A SD  
319 C CE  . MET A 38 ? 0.1442 0.1753 0.2322 -0.0375 0.0101  0.0418  38   MET A CE  
320 N N   . GLY A 39 ? 0.0845 0.0971 0.0477 0.0180  -0.0020 0.0185  39   GLY A N   
321 C CA  . GLY A 39 ? 0.0916 0.0959 0.0568 0.0145  0.0086  0.0142  39   GLY A CA  
322 C C   . GLY A 39 ? 0.0693 0.0875 0.0643 0.0171  0.0028  0.0106  39   GLY A C   
323 O O   . GLY A 39 ? 0.0846 0.0915 0.0573 0.0171  0.0041  0.0105  39   GLY A O   
324 N N   . ASP A 40 ? 0.0913 0.0874 0.0633 0.0096  0.0041  0.0124  40   ASP A N   
325 C CA  . ASP A 40 ? 0.0939 0.0895 0.0821 0.0094  0.0010  0.0080  40   ASP A CA  
326 C C   . ASP A 40 ? 0.0911 0.0885 0.0956 0.0078  0.0044  0.0099  40   ASP A C   
327 O O   . ASP A 40 ? 0.0962 0.1001 0.1318 0.0043  0.0063  0.0099  40   ASP A O   
328 C CB  . ASP A 40 ? 0.1045 0.1073 0.0869 0.0104  -0.0018 -0.0010 40   ASP A CB  
329 C CG  . ASP A 40 ? 0.1542 0.1544 0.1242 0.0003  0.0008  -0.0186 40   ASP A CG  
330 O OD1 . ASP A 40 ? 0.1529 0.1761 0.1597 -0.0126 0.0168  -0.0423 40   ASP A OD1 
331 O OD2 . ASP A 40 ? 0.2201 0.2049 0.1866 0.0068  0.0080  -0.0595 40   ASP A OD2 
332 N N   . LEU A 41 ? 0.0828 0.0705 0.0819 0.0028  0.0044  0.0132  41   LEU A N   
333 C CA  . LEU A 41 ? 0.0773 0.0803 0.0761 0.0059  0.0003  0.0151  41   LEU A CA  
334 C C   . LEU A 41 ? 0.0709 0.0776 0.0855 0.0115  0.0019  0.0170  41   LEU A C   
335 O O   . LEU A 41 ? 0.0909 0.0866 0.1123 0.0186  0.0245  0.0194  41   LEU A O   
336 C CB  . LEU A 41 ? 0.0781 0.0795 0.0831 0.0051  -0.0109 0.0088  41   LEU A CB  
337 C CG  . LEU A 41 ? 0.0834 0.0945 0.0820 0.0098  -0.0127 0.0201  41   LEU A CG  
338 C CD1 . LEU A 41 ? 0.0954 0.1368 0.0703 -0.0139 -0.0119 -0.0038 41   LEU A CD1 
339 C CD2 . LEU A 41 ? 0.0664 0.1170 0.0955 0.0296  -0.0267 0.0074  41   LEU A CD2 
340 N N   . ASN A 42 ? 0.0598 0.0759 0.0804 0.0039  -0.0048 0.0173  42   ASN A N   
341 C CA  . ASN A 42 ? 0.0747 0.0749 0.0841 0.0069  -0.0146 0.0160  42   ASN A CA  
342 C C   . ASN A 42 ? 0.0858 0.0816 0.0960 0.0134  -0.0203 0.0143  42   ASN A C   
343 O O   . ASN A 42 ? 0.0939 0.0911 0.1007 0.0205  -0.0205 0.0189  42   ASN A O   
344 C CB  . ASN A 42 ? 0.0663 0.0684 0.0641 0.0021  -0.0131 0.0188  42   ASN A CB  
345 C CG  . ASN A 42 ? 0.0537 0.0542 0.0687 0.0096  -0.0199 0.0090  42   ASN A CG  
346 O OD1 . ASN A 42 ? 0.0692 0.0883 0.0740 0.0167  -0.0319 0.0252  42   ASN A OD1 
347 N ND2 . ASN A 42 ? 0.0555 0.0270 0.0485 0.0071  -0.0051 -0.0013 42   ASN A ND2 
348 N N   . SER A 43 ? 0.0961 0.0847 0.1154 0.0120  -0.0205 0.0133  43   SER A N   
349 C CA  . SER A 43 ? 0.1039 0.0920 0.1129 0.0104  -0.0249 0.0142  43   SER A CA  
350 C C   . SER A 43 ? 0.0953 0.0874 0.0961 0.0019  -0.0176 0.0170  43   SER A C   
351 O O   . SER A 43 ? 0.0976 0.0994 0.0932 0.0040  -0.0293 0.0093  43   SER A O   
352 C CB  . SER A 43 ? 0.1171 0.0931 0.1130 0.0152  -0.0235 0.0267  43   SER A CB  
353 O OG  . SER A 43 ? 0.1727 0.1567 0.1784 -0.0089 -0.0213 -0.0044 43   SER A OG  
354 N N   . SER A 44 ? 0.0937 0.0838 0.0882 0.0004  -0.0190 0.0168  44   SER A N   
355 C CA  . SER A 44 ? 0.0937 0.0983 0.0786 -0.0023 -0.0129 0.0145  44   SER A CA  
356 C C   . SER A 44 ? 0.0797 0.0879 0.0723 -0.0009 -0.0221 0.0107  44   SER A C   
357 O O   . SER A 44 ? 0.0924 0.1023 0.0644 -0.0218 -0.0268 0.0075  44   SER A O   
358 C CB  . SER A 44 ? 0.0897 0.0931 0.0666 0.0025  -0.0129 0.0214  44   SER A CB  
359 O OG  . SER A 44 ? 0.1542 0.1246 0.1413 0.0114  -0.0109 -0.0057 44   SER A OG  
360 N N   . ARG A 45 ? 0.0804 0.0863 0.0557 -0.0027 -0.0176 0.0041  45   ARG A N   
361 C CA  . ARG A 45 ? 0.0687 0.0866 0.0501 0.0040  -0.0150 0.0007  45   ARG A CA  
362 C C   . ARG A 45 ? 0.0715 0.0951 0.0509 0.0110  -0.0143 -0.0005 45   ARG A C   
363 O O   . ARG A 45 ? 0.0704 0.0996 0.0456 0.0168  -0.0276 0.0032  45   ARG A O   
364 C CB  . ARG A 45 ? 0.0775 0.0925 0.0455 -0.0014 -0.0148 -0.0092 45   ARG A CB  
365 C CG  . ARG A 45 ? 0.0774 0.1168 0.0513 0.0109  -0.0068 -0.0061 45   ARG A CG  
366 C CD  . ARG A 45 ? 0.0979 0.1286 0.0816 0.0026  -0.0177 -0.0162 45   ARG A CD  
367 N NE  . ARG A 45 ? 0.1742 0.1526 0.0843 0.0141  -0.0039 -0.0279 45   ARG A NE  
368 C CZ  . ARG A 45 ? 0.1643 0.1647 0.1338 0.0036  0.0058  -0.0201 45   ARG A CZ  
369 N NH1 . ARG A 45 ? 0.1701 0.1782 0.1916 0.0068  0.0138  0.0168  45   ARG A NH1 
370 N NH2 . ARG A 45 ? 0.1836 0.1914 0.1685 0.0120  -0.0148 -0.0191 45   ARG A NH2 
371 N N   . LEU A 46 ? 0.0582 0.0907 0.0419 0.0169  -0.0164 0.0003  46   LEU A N   
372 C CA  . LEU A 46 ? 0.0585 0.0821 0.0554 0.0194  -0.0036 -0.0064 46   LEU A CA  
373 C C   . LEU A 46 ? 0.0568 0.0819 0.0507 0.0144  -0.0040 0.0069  46   LEU A C   
374 O O   . LEU A 46 ? 0.0462 0.0852 0.0438 0.0232  -0.0099 0.0039  46   LEU A O   
375 C CB  . LEU A 46 ? 0.0524 0.0954 0.0518 0.0193  -0.0152 -0.0009 46   LEU A CB  
376 C CG  . LEU A 46 ? 0.0787 0.0821 0.0674 0.0325  -0.0019 -0.0062 46   LEU A CG  
377 C CD1 . LEU A 46 ? 0.0891 0.1072 0.1231 0.0037  -0.0193 0.0111  46   LEU A CD1 
378 C CD2 . LEU A 46 ? 0.0564 0.1151 0.0932 0.0093  -0.0122 -0.0215 46   LEU A CD2 
379 N N   . LYS A 47 ? 0.0795 0.0741 0.0760 0.0031  -0.0023 -0.0024 47   LYS A N   
380 C CA  . LYS A 47 ? 0.0951 0.1022 0.0910 -0.0003 -0.0028 0.0020  47   LYS A CA  
381 C C   . LYS A 47 ? 0.1038 0.1041 0.0905 -0.0011 -0.0031 0.0032  47   LYS A C   
382 O O   . LYS A 47 ? 0.1021 0.1274 0.0762 -0.0015 -0.0047 0.0100  47   LYS A O   
383 C CB  . LYS A 47 ? 0.1011 0.0954 0.1008 0.0038  -0.0085 0.0031  47   LYS A CB  
384 C CG  . LYS A 47 ? 0.1449 0.1489 0.1510 0.0005  -0.0001 -0.0063 47   LYS A CG  
385 C CD  . LYS A 47 ? 0.1899 0.1787 0.1850 0.0058  0.0006  0.0024  47   LYS A CD  
386 C CE  . LYS A 47 ? 0.2050 0.2304 0.2115 0.0020  -0.0027 -0.0121 47   LYS A CE  
387 N NZ  . LYS A 47 ? 0.2298 0.2587 0.2177 -0.0005 -0.0163 -0.0109 47   LYS A NZ  
388 N N   . ASP A 48 ? 0.0978 0.0964 0.1002 0.0042  0.0011  0.0048  48   ASP A N   
389 C CA  . ASP A 48 ? 0.1108 0.1179 0.1099 0.0109  -0.0072 0.0040  48   ASP A CA  
390 C C   . ASP A 48 ? 0.0980 0.1148 0.1074 0.0100  -0.0095 0.0074  48   ASP A C   
391 O O   . ASP A 48 ? 0.1053 0.1395 0.1185 0.0141  -0.0165 -0.0034 48   ASP A O   
392 C CB  . ASP A 48 ? 0.1144 0.1126 0.1224 0.0217  -0.0054 0.0015  48   ASP A CB  
393 C CG  . ASP A 48 ? 0.1514 0.1489 0.1879 0.0207  -0.0098 0.0027  48   ASP A CG  
394 O OD1 . ASP A 48 ? 0.1615 0.1605 0.2037 0.0184  -0.0231 -0.0169 48   ASP A OD1 
395 O OD2 . ASP A 48 ? 0.2237 0.2098 0.2761 0.0202  -0.0107 0.0014  48   ASP A OD2 
396 N N   . VAL A 49 ? 0.0949 0.1027 0.1169 0.0160  -0.0110 0.0133  49   VAL A N   
397 C CA  . VAL A 49 ? 0.1052 0.1189 0.1141 0.0047  -0.0045 0.0118  49   VAL A CA  
398 C C   . VAL A 49 ? 0.1146 0.1195 0.1243 0.0084  -0.0153 0.0147  49   VAL A C   
399 O O   . VAL A 49 ? 0.1247 0.1358 0.1247 0.0125  -0.0264 0.0226  49   VAL A O   
400 C CB  . VAL A 49 ? 0.1087 0.1109 0.1080 -0.0030 -0.0025 0.0092  49   VAL A CB  
401 C CG1 . VAL A 49 ? 0.1249 0.1175 0.1219 -0.0002 -0.0018 0.0303  49   VAL A CG1 
402 C CG2 . VAL A 49 ? 0.1212 0.1242 0.1184 -0.0001 0.0074  0.0017  49   VAL A CG2 
403 N N   . GLU A 50 ? 0.1143 0.1172 0.1198 0.0087  -0.0028 0.0047  50   GLU A N   
404 C CA  . GLU A 50 ? 0.1185 0.1145 0.1073 0.0020  -0.0096 0.0096  50   GLU A CA  
405 C C   . GLU A 50 ? 0.1125 0.1195 0.1036 0.0031  -0.0046 0.0167  50   GLU A C   
406 O O   . GLU A 50 ? 0.1212 0.1212 0.0962 0.0071  -0.0197 0.0236  50   GLU A O   
407 C CB  . GLU A 50 ? 0.1321 0.1219 0.1110 0.0000  -0.0036 0.0053  50   GLU A CB  
408 C CG  . GLU A 50 ? 0.1770 0.1693 0.1714 -0.0113 -0.0028 0.0015  50   GLU A CG  
409 C CD  . GLU A 50 ? 0.2053 0.1936 0.2117 -0.0111 0.0042  -0.0034 50   GLU A CD  
410 O OE1 . GLU A 50 ? 0.2201 0.2167 0.2811 -0.0019 -0.0181 0.0195  50   GLU A OE1 
411 O OE2 . GLU A 50 ? 0.2373 0.2423 0.2653 -0.0343 0.0134  -0.0060 50   GLU A OE2 
412 N N   . ALA A 51 ? 0.0956 0.1166 0.1035 -0.0010 -0.0043 0.0184  51   ALA A N   
413 C CA  . ALA A 51 ? 0.1008 0.1136 0.1070 0.0015  -0.0116 0.0159  51   ALA A CA  
414 C C   . ALA A 51 ? 0.1187 0.1175 0.1154 0.0053  -0.0093 0.0105  51   ALA A C   
415 O O   . ALA A 51 ? 0.1290 0.1243 0.1171 0.0122  -0.0224 0.0041  51   ALA A O   
416 C CB  . ALA A 51 ? 0.1093 0.1216 0.1095 -0.0018 0.0002  0.0194  51   ALA A CB  
417 N N   . GLY A 52 ? 0.1208 0.1180 0.1151 0.0119  -0.0074 0.0062  52   GLY A N   
418 C CA  . GLY A 52 ? 0.1240 0.1265 0.1159 0.0155  -0.0081 0.0105  52   GLY A CA  
419 C C   . GLY A 52 ? 0.1192 0.1292 0.1183 0.0115  -0.0134 0.0110  52   GLY A C   
420 O O   . GLY A 52 ? 0.1236 0.1336 0.1149 0.0152  -0.0231 0.0149  52   GLY A O   
421 N N   . LEU A 53 ? 0.1144 0.1305 0.1178 0.0118  -0.0123 0.0139  53   LEU A N   
422 C CA  . LEU A 53 ? 0.1228 0.1311 0.1190 0.0023  -0.0165 0.0108  53   LEU A CA  
423 C C   . LEU A 53 ? 0.1250 0.1273 0.1168 0.0053  -0.0226 0.0130  53   LEU A C   
424 O O   . LEU A 53 ? 0.1178 0.1373 0.1207 0.0075  -0.0361 0.0211  53   LEU A O   
425 C CB  . LEU A 53 ? 0.1209 0.1327 0.1166 -0.0011 -0.0133 0.0056  53   LEU A CB  
426 C CG  . LEU A 53 ? 0.1029 0.1191 0.0995 0.0050  -0.0140 0.0116  53   LEU A CG  
427 C CD1 . LEU A 53 ? 0.0941 0.1207 0.1190 0.0205  -0.0033 0.0165  53   LEU A CD1 
428 C CD2 . LEU A 53 ? 0.1309 0.1281 0.1164 0.0218  -0.0179 0.0097  53   LEU A CD2 
429 N N   . LYS A 54 ? 0.1255 0.1160 0.1146 0.0085  -0.0231 0.0088  54   LYS A N   
430 C CA  . LYS A 54 ? 0.1306 0.1203 0.1175 0.0110  -0.0200 0.0102  54   LYS A CA  
431 C C   . LYS A 54 ? 0.1247 0.1235 0.1128 0.0140  -0.0183 0.0027  54   LYS A C   
432 O O   . LYS A 54 ? 0.1363 0.1476 0.1065 0.0184  -0.0266 0.0024  54   LYS A O   
433 C CB  . LYS A 54 ? 0.1302 0.1139 0.1252 0.0134  -0.0140 0.0089  54   LYS A CB  
434 C CG  . LYS A 54 ? 0.1394 0.1435 0.1319 0.0136  -0.0231 0.0245  54   LYS A CG  
435 C CD  . LYS A 54 ? 0.1855 0.1664 0.1969 0.0013  -0.0182 0.0169  54   LYS A CD  
436 C CE  . LYS A 54 ? 0.2270 0.2265 0.2481 -0.0066 -0.0100 0.0157  54   LYS A CE  
437 N NZ  . LYS A 54 ? 0.2562 0.2580 0.2638 -0.0101 -0.0113 0.0240  54   LYS A NZ  
438 N N   . ILE A 55 ? 0.1206 0.1211 0.1126 0.0079  -0.0143 0.0139  55   ILE A N   
439 C CA  . ILE A 55 ? 0.1270 0.1252 0.1127 0.0093  -0.0133 0.0110  55   ILE A CA  
440 C C   . ILE A 55 ? 0.1152 0.1154 0.1151 0.0049  -0.0128 0.0094  55   ILE A C   
441 O O   . ILE A 55 ? 0.1246 0.1249 0.1252 0.0107  -0.0224 0.0068  55   ILE A O   
442 C CB  . ILE A 55 ? 0.1175 0.1282 0.1213 0.0058  -0.0138 0.0109  55   ILE A CB  
443 C CG1 . ILE A 55 ? 0.1458 0.1191 0.1239 0.0162  -0.0101 0.0085  55   ILE A CG1 
444 C CG2 . ILE A 55 ? 0.1429 0.1485 0.1306 0.0218  -0.0101 0.0062  55   ILE A CG2 
445 C CD1 . ILE A 55 ? 0.1620 0.1437 0.1010 0.0199  -0.0191 -0.0022 55   ILE A CD1 
446 N N   . ILE A 56 ? 0.1243 0.1151 0.1200 0.0062  -0.0120 0.0091  56   ILE A N   
447 C CA  . ILE A 56 ? 0.1205 0.1225 0.1140 0.0054  -0.0137 0.0094  56   ILE A CA  
448 C C   . ILE A 56 ? 0.1266 0.1277 0.1233 0.0070  -0.0136 0.0053  56   ILE A C   
449 O O   . ILE A 56 ? 0.1239 0.1424 0.1368 0.0129  -0.0280 0.0013  56   ILE A O   
450 C CB  . ILE A 56 ? 0.1169 0.1223 0.1096 -0.0063 -0.0050 0.0060  56   ILE A CB  
451 C CG1 . ILE A 56 ? 0.1054 0.1255 0.0990 -0.0096 -0.0031 0.0017  56   ILE A CG1 
452 C CG2 . ILE A 56 ? 0.1150 0.1182 0.0992 0.0149  -0.0101 0.0171  56   ILE A CG2 
453 C CD1 . ILE A 56 ? 0.0857 0.1161 0.1167 -0.0182 -0.0057 0.0009  56   ILE A CD1 
454 N N   . GLY A 57 ? 0.1153 0.1330 0.1174 0.0070  -0.0097 -0.0007 57   GLY A N   
455 C CA  . GLY A 57 ? 0.1301 0.1375 0.1299 0.0023  -0.0095 -0.0066 57   GLY A CA  
456 C C   . GLY A 57 ? 0.1394 0.1464 0.1351 -0.0014 -0.0085 -0.0030 57   GLY A C   
457 O O   . GLY A 57 ? 0.1352 0.1504 0.1452 0.0021  -0.0031 -0.0057 57   GLY A O   
458 N N   . ASN A 58 ? 0.1465 0.1547 0.1502 -0.0048 -0.0095 -0.0051 58   ASN A N   
459 C CA  . ASN A 58 ? 0.1677 0.1734 0.1628 -0.0081 -0.0067 -0.0022 58   ASN A CA  
460 C C   . ASN A 58 ? 0.1772 0.1898 0.1846 -0.0057 -0.0065 -0.0011 58   ASN A C   
461 O O   . ASN A 58 ? 0.1783 0.2034 0.1892 -0.0025 -0.0058 -0.0042 58   ASN A O   
462 C CB  . ASN A 58 ? 0.1724 0.1758 0.1668 -0.0108 -0.0003 -0.0002 58   ASN A CB  
463 C CG  . ASN A 58 ? 0.1983 0.1910 0.1879 -0.0027 0.0142  0.0042  58   ASN A CG  
464 O OD1 . ASN A 58 ? 0.2273 0.2002 0.2197 -0.0092 0.0392  0.0107  58   ASN A OD1 
465 N ND2 . ASN A 58 ? 0.2166 0.2122 0.2125 0.0052  0.0311  0.0275  58   ASN A ND2 
466 N N   . ARG A 59 ? 0.1954 0.2041 0.1970 -0.0040 -0.0101 -0.0006 59   ARG A N   
467 C CA  . ARG A 59 ? 0.2257 0.2286 0.2224 -0.0025 -0.0106 -0.0002 59   ARG A CA  
468 C C   . ARG A 59 ? 0.2351 0.2380 0.2309 -0.0014 -0.0091 0.0005  59   ARG A C   
469 O O   . ARG A 59 ? 0.2295 0.2370 0.2168 0.0022  -0.0075 0.0033  59   ARG A O   
470 C CB  . ARG A 59 ? 0.2277 0.2269 0.2219 -0.0029 -0.0120 0.0012  59   ARG A CB  
471 C CG  . ARG A 59 ? 0.2329 0.2347 0.2456 -0.0032 -0.0108 0.0027  59   ARG A CG  
472 C CD  . ARG A 59 ? 0.2539 0.2481 0.2636 -0.0063 -0.0156 0.0018  59   ARG A CD  
473 N NE  . ARG A 59 ? 0.2853 0.2770 0.3128 -0.0065 -0.0098 0.0005  59   ARG A NE  
474 C CZ  . ARG A 59 ? 0.2905 0.2907 0.3120 -0.0049 -0.0098 0.0031  59   ARG A CZ  
475 N NH1 . ARG A 59 ? 0.2962 0.2946 0.3212 -0.0048 -0.0210 0.0099  59   ARG A NH1 
476 N NH2 . ARG A 59 ? 0.2937 0.2932 0.3190 -0.0051 -0.0122 0.0055  59   ARG A NH2 
477 N N   . LYS A 60 ? 0.2543 0.2560 0.2465 0.0025  -0.0089 0.0000  60   LYS A N   
478 C CA  . LYS A 60 ? 0.2755 0.2778 0.2719 0.0044  -0.0072 0.0012  60   LYS A CA  
479 C C   . LYS A 60 ? 0.2758 0.2814 0.2728 0.0049  -0.0048 0.0038  60   LYS A C   
480 O O   . LYS A 60 ? 0.2873 0.2876 0.2732 0.0090  -0.0021 0.0064  60   LYS A O   
481 C CB  . LYS A 60 ? 0.2725 0.2819 0.2723 0.0050  -0.0122 -0.0015 60   LYS A CB  
482 C CG  . LYS A 60 ? 0.2881 0.2937 0.3044 0.0076  -0.0098 -0.0057 60   LYS A CG  
483 C CD  . LYS A 60 ? 0.2929 0.2939 0.3041 0.0056  -0.0126 -0.0068 60   LYS A CD  
484 C CE  . LYS A 60 ? 0.3054 0.3120 0.3222 0.0096  -0.0141 -0.0110 60   LYS A CE  
485 N NZ  . LYS A 60 ? 0.3199 0.3281 0.3303 0.0198  -0.0177 -0.0117 60   LYS A NZ  
486 N N   . LYS A 61 ? 0.2746 0.2840 0.2690 0.0022  -0.0078 0.0040  61   LYS A N   
487 C CA  . LYS A 61 ? 0.2726 0.2837 0.2673 0.0019  -0.0054 0.0046  61   LYS A CA  
488 C C   . LYS A 61 ? 0.2672 0.2795 0.2634 0.0016  -0.0032 0.0059  61   LYS A C   
489 O O   . LYS A 61 ? 0.2665 0.2775 0.2547 0.0000  0.0026  0.0028  61   LYS A O   
490 C CB  . LYS A 61 ? 0.2789 0.2937 0.2843 -0.0010 -0.0070 0.0069  61   LYS A CB  
491 C CG  . LYS A 61 ? 0.2835 0.2843 0.2692 -0.0019 -0.0075 0.0258  61   LYS A CG  
492 C CD  . LYS A 61 ? 0.2547 0.2910 0.2789 -0.0045 -0.0298 0.0139  61   LYS A CD  
493 C CE  . LYS A 61 ? 0.2827 0.2764 0.2678 0.0064  -0.0166 -0.0005 61   LYS A CE  
494 N NZ  . LYS A 61 ? 0.2846 0.2503 0.2911 0.0014  0.0140  -0.0152 61   LYS A NZ  
495 N N   . LEU A 62 ? 0.2626 0.2707 0.2608 0.0031  0.0040  0.0015  62   LEU A N   
496 C CA  . LEU A 62 ? 0.2522 0.2625 0.2582 0.0018  0.0013  0.0001  62   LEU A CA  
497 C C   . LEU A 62 ? 0.2359 0.2459 0.2441 0.0045  -0.0004 -0.0019 62   LEU A C   
498 O O   . LEU A 62 ? 0.2331 0.2490 0.2521 0.0011  0.0002  -0.0108 62   LEU A O   
499 C CB  . LEU A 62 ? 0.2592 0.2663 0.2649 0.0023  0.0016  0.0000  62   LEU A CB  
500 C CG  . LEU A 62 ? 0.2773 0.2773 0.2791 -0.0017 0.0046  -0.0012 62   LEU A CG  
501 C CD1 . LEU A 62 ? 0.2791 0.2812 0.3011 0.0001  0.0044  0.0017  62   LEU A CD1 
502 C CD2 . LEU A 62 ? 0.2973 0.2877 0.2990 -0.0098 -0.0026 -0.0021 62   LEU A CD2 
503 N N   . GLN A 63 ? 0.2162 0.2277 0.2255 0.0063  0.0015  -0.0028 63   GLN A N   
504 C CA  . GLN A 63 ? 0.1945 0.2006 0.1937 0.0062  -0.0033 0.0018  63   GLN A CA  
505 C C   . GLN A 63 ? 0.1817 0.1885 0.1761 0.0018  0.0012  -0.0006 63   GLN A C   
506 O O   . GLN A 63 ? 0.1806 0.1790 0.1530 0.0051  -0.0061 0.0036  63   GLN A O   
507 C CB  . GLN A 63 ? 0.1934 0.2190 0.2194 0.0111  -0.0078 0.0021  63   GLN A CB  
508 N NE2 . GLN A 63 ? 0.5690 0.4735 0.5171 -0.0392 -0.1094 -0.0542 63   GLN A NE2 
509 N N   . GLU A 64 ? 0.1438 0.1343 0.1350 0.0079  0.0038  -0.0024 64   GLU A N   
510 C CA  . GLU A 64 ? 0.1208 0.1230 0.1150 0.0044  -0.0025 0.0005  64   GLU A CA  
511 C C   . GLU A 64 ? 0.1235 0.1164 0.1123 0.0043  0.0005  -0.0019 64   GLU A C   
512 O O   . GLU A 64 ? 0.1171 0.1096 0.1244 0.0128  0.0003  0.0063  64   GLU A O   
513 C CB  . GLU A 64 ? 0.1204 0.1095 0.0973 0.0052  0.0045  0.0074  64   GLU A CB  
514 C CG  . GLU A 64 ? 0.0847 0.0808 0.0982 0.0156  -0.0250 0.0246  64   GLU A CG  
515 C CD  . GLU A 64 ? 0.0520 0.0683 0.1047 0.0244  -0.0081 0.0223  64   GLU A CD  
516 O OE1 . GLU A 64 ? 0.0813 0.0370 0.1408 0.0177  0.0135  0.0302  64   GLU A OE1 
517 O OE2 . GLU A 64 ? 0.0677 0.1031 0.1432 0.0306  -0.0218 0.0422  64   GLU A OE2 
518 N N   . ASP A 65 ? 0.1408 0.1247 0.1224 -0.0079 0.0020  -0.0049 65   ASP A N   
519 C CA  . ASP A 65 ? 0.1540 0.1358 0.1289 -0.0116 -0.0021 -0.0073 65   ASP A CA  
520 C C   . ASP A 65 ? 0.1585 0.1408 0.1345 -0.0116 0.0015  -0.0105 65   ASP A C   
521 O O   . ASP A 65 ? 0.1888 0.1708 0.1527 -0.0293 0.0016  -0.0208 65   ASP A O   
522 C CB  . ASP A 65 ? 0.1705 0.1343 0.1441 -0.0124 0.0093  -0.0050 65   ASP A CB  
523 C CG  . ASP A 65 ? 0.2108 0.1889 0.1796 -0.0008 0.0116  0.0131  65   ASP A CG  
524 O OD1 . ASP A 65 ? 0.2075 0.1686 0.1964 -0.0048 0.0270  0.0101  65   ASP A OD1 
525 O OD2 . ASP A 65 ? 0.2450 0.2578 0.2497 -0.0001 0.0042  -0.0003 65   ASP A OD2 
526 N N   . GLU A 66 ? 0.1441 0.1358 0.1160 0.0005  -0.0008 -0.0004 66   GLU A N   
527 C CA  . GLU A 66 ? 0.1480 0.1428 0.1190 0.0069  -0.0065 -0.0058 66   GLU A CA  
528 C C   . GLU A 66 ? 0.1432 0.1371 0.1175 0.0095  -0.0084 -0.0083 66   GLU A C   
529 O O   . GLU A 66 ? 0.1706 0.1615 0.1374 0.0128  -0.0257 -0.0126 66   GLU A O   
530 C CB  . GLU A 66 ? 0.1493 0.1504 0.1236 0.0042  0.0041  0.0002  66   GLU A CB  
531 C CG  . GLU A 66 ? 0.1803 0.1888 0.1690 0.0023  -0.0020 0.0098  66   GLU A CG  
532 C CD  . GLU A 66 ? 0.1891 0.1956 0.1685 0.0071  0.0161  -0.0018 66   GLU A CD  
533 O OE1 . GLU A 66 ? 0.1995 0.2369 0.2125 0.0109  0.0199  0.0187  66   GLU A OE1 
534 O OE2 . GLU A 66 ? 0.3025 0.2504 0.2604 0.0137  0.0329  0.0429  66   GLU A OE2 
535 N N   . ARG A 67 ? 0.1290 0.1301 0.1033 0.0077  -0.0169 -0.0018 67   ARG A N   
536 C CA  . ARG A 67 ? 0.1092 0.1368 0.1145 0.0035  -0.0081 -0.0008 67   ARG A CA  
537 C C   . ARG A 67 ? 0.0936 0.1114 0.0953 0.0019  -0.0173 -0.0046 67   ARG A C   
538 O O   . ARG A 67 ? 0.0978 0.1239 0.1069 0.0071  -0.0101 -0.0034 67   ARG A O   
539 C CB  . ARG A 67 ? 0.1182 0.1328 0.1109 -0.0053 -0.0021 -0.0051 67   ARG A CB  
540 C CG  . ARG A 67 ? 0.1180 0.1669 0.1174 0.0022  0.0059  -0.0117 67   ARG A CG  
541 C CD  . ARG A 67 ? 0.1165 0.1498 0.1558 -0.0134 0.0049  -0.0084 67   ARG A CD  
542 N NE  . ARG A 67 ? 0.1094 0.1479 0.1338 0.0067  0.0123  -0.0074 67   ARG A NE  
543 C CZ  . ARG A 67 ? 0.1121 0.1604 0.1334 0.0066  -0.0125 0.0024  67   ARG A CZ  
544 N NH1 . ARG A 67 ? 0.1256 0.1814 0.1143 0.0140  -0.0084 -0.0042 67   ARG A NH1 
545 N NH2 . ARG A 67 ? 0.1166 0.1688 0.1464 0.0268  -0.0090 -0.0079 67   ARG A NH2 
546 N N   . PHE A 68 ? 0.0945 0.1190 0.1049 0.0047  -0.0264 0.0010  68   PHE A N   
547 C CA  . PHE A 68 ? 0.0911 0.1022 0.1049 0.0095  -0.0141 0.0057  68   PHE A CA  
548 C C   . PHE A 68 ? 0.0981 0.1111 0.1091 0.0115  -0.0214 -0.0030 68   PHE A C   
549 O O   . PHE A 68 ? 0.1210 0.1082 0.1375 0.0120  -0.0293 0.0026  68   PHE A O   
550 C CB  . PHE A 68 ? 0.0937 0.1151 0.1120 0.0029  -0.0176 -0.0010 68   PHE A CB  
551 C CG  . PHE A 68 ? 0.0964 0.1012 0.1116 0.0033  -0.0176 -0.0009 68   PHE A CG  
552 C CD1 . PHE A 68 ? 0.1321 0.1101 0.1297 0.0007  0.0010  -0.0027 68   PHE A CD1 
553 C CD2 . PHE A 68 ? 0.1320 0.1027 0.1240 0.0116  -0.0154 0.0025  68   PHE A CD2 
554 C CE1 . PHE A 68 ? 0.1434 0.1033 0.1255 -0.0100 0.0033  0.0072  68   PHE A CE1 
555 C CE2 . PHE A 68 ? 0.1285 0.1079 0.1438 0.0165  -0.0170 0.0037  68   PHE A CE2 
556 C CZ  . PHE A 68 ? 0.1094 0.1069 0.1147 0.0016  -0.0091 -0.0093 68   PHE A CZ  
557 N N   . PHE A 69 ? 0.0849 0.1124 0.0887 0.0086  -0.0282 0.0076  69   PHE A N   
558 C CA  . PHE A 69 ? 0.0822 0.1110 0.0974 0.0064  -0.0251 -0.0041 69   PHE A CA  
559 C C   . PHE A 69 ? 0.0861 0.1036 0.0908 0.0111  -0.0212 0.0016  69   PHE A C   
560 O O   . PHE A 69 ? 0.1058 0.0961 0.0937 0.0005  -0.0183 0.0058  69   PHE A O   
561 C CB  . PHE A 69 ? 0.0801 0.1246 0.1069 -0.0014 -0.0245 0.0026  69   PHE A CB  
562 C CG  . PHE A 69 ? 0.0773 0.1442 0.1100 0.0025  -0.0130 0.0113  69   PHE A CG  
563 C CD1 . PHE A 69 ? 0.0841 0.1513 0.1323 0.0045  -0.0082 0.0284  69   PHE A CD1 
564 C CD2 . PHE A 69 ? 0.1018 0.1580 0.1033 -0.0048 -0.0147 0.0169  69   PHE A CD2 
565 C CE1 . PHE A 69 ? 0.1025 0.1691 0.1243 0.0182  -0.0075 0.0199  69   PHE A CE1 
566 C CE2 . PHE A 69 ? 0.1173 0.1356 0.0997 0.0160  -0.0120 0.0246  69   PHE A CE2 
567 C CZ  . PHE A 69 ? 0.1176 0.1486 0.0937 0.0145  -0.0122 0.0269  69   PHE A CZ  
568 N N   . ILE A 70 ? 0.0870 0.0976 0.0767 0.0092  -0.0208 0.0011  70   ILE A N   
569 C CA  . ILE A 70 ? 0.0890 0.1129 0.0803 0.0163  -0.0209 0.0056  70   ILE A CA  
570 C C   . ILE A 70 ? 0.0807 0.0990 0.0865 0.0142  -0.0219 0.0049  70   ILE A C   
571 O O   . ILE A 70 ? 0.1005 0.0971 0.1053 0.0118  -0.0285 0.0102  70   ILE A O   
572 C CB  . ILE A 70 ? 0.0914 0.1242 0.0919 0.0065  -0.0242 0.0024  70   ILE A CB  
573 C CG1 . ILE A 70 ? 0.1036 0.1121 0.1207 0.0253  -0.0222 0.0124  70   ILE A CG1 
574 C CG2 . ILE A 70 ? 0.1297 0.1330 0.1012 0.0025  -0.0116 -0.0104 70   ILE A CG2 
575 C CD1 . ILE A 70 ? 0.1178 0.1499 0.1116 0.0181  -0.0121 0.0287  70   ILE A CD1 
576 N N   . LEU A 71 ? 0.0849 0.1141 0.0703 0.0156  -0.0239 0.0078  71   LEU A N   
577 C CA  . LEU A 71 ? 0.0961 0.1036 0.0875 0.0129  -0.0171 0.0101  71   LEU A CA  
578 C C   . LEU A 71 ? 0.0954 0.0930 0.0822 0.0141  -0.0252 0.0070  71   LEU A C   
579 O O   . LEU A 71 ? 0.1050 0.0951 0.0988 0.0190  -0.0237 0.0217  71   LEU A O   
580 C CB  . LEU A 71 ? 0.0883 0.1157 0.1049 0.0130  -0.0130 0.0062  71   LEU A CB  
581 C CG  . LEU A 71 ? 0.1157 0.1443 0.1391 0.0186  0.0021  0.0135  71   LEU A CG  
582 C CD1 . LEU A 71 ? 0.1509 0.1558 0.1680 0.0015  0.0004  0.0218  71   LEU A CD1 
583 C CD2 . LEU A 71 ? 0.1329 0.1496 0.1596 0.0045  0.0089  0.0231  71   LEU A CD2 
584 N N   . ILE A 72 ? 0.0896 0.0956 0.0802 0.0170  -0.0277 0.0165  72   ILE A N   
585 C CA  . ILE A 72 ? 0.1000 0.1075 0.0941 0.0105  -0.0173 0.0122  72   ILE A CA  
586 C C   . ILE A 72 ? 0.0929 0.1093 0.0995 0.0108  -0.0168 0.0110  72   ILE A C   
587 O O   . ILE A 72 ? 0.0887 0.0957 0.1187 0.0058  -0.0223 0.0071  72   ILE A O   
588 C CB  . ILE A 72 ? 0.0823 0.1213 0.0853 0.0073  -0.0145 0.0197  72   ILE A CB  
589 C CG1 . ILE A 72 ? 0.0926 0.1400 0.1112 0.0224  -0.0134 0.0062  72   ILE A CG1 
590 C CG2 . ILE A 72 ? 0.1248 0.1352 0.1010 0.0160  -0.0309 0.0180  72   ILE A CG2 
591 C CD1 . ILE A 72 ? 0.0891 0.1705 0.1521 0.0109  -0.0029 0.0049  72   ILE A CD1 
592 N N   . VAL A 73 ? 0.0885 0.1159 0.1099 0.0140  -0.0159 0.0088  73   VAL A N   
593 C CA  . VAL A 73 ? 0.0959 0.1212 0.1055 0.0116  -0.0130 0.0089  73   VAL A CA  
594 C C   . VAL A 73 ? 0.0936 0.1114 0.1073 0.0119  -0.0151 0.0101  73   VAL A C   
595 O O   . VAL A 73 ? 0.0864 0.1041 0.1154 0.0246  -0.0099 0.0131  73   VAL A O   
596 C CB  . VAL A 73 ? 0.1187 0.1311 0.1130 0.0133  -0.0085 0.0172  73   VAL A CB  
597 C CG1 . VAL A 73 ? 0.1602 0.1531 0.1533 0.0100  0.0073  0.0036  73   VAL A CG1 
598 C CG2 . VAL A 73 ? 0.1229 0.1582 0.1296 0.0110  -0.0095 0.0144  73   VAL A CG2 
599 N N   . PRO A 74 ? 0.0932 0.0958 0.0988 0.0090  -0.0088 0.0183  74   PRO A N   
600 C CA  . PRO A 74 ? 0.1082 0.1083 0.1090 0.0085  -0.0154 0.0231  74   PRO A CA  
601 C C   . PRO A 74 ? 0.1016 0.1059 0.0992 0.0145  -0.0193 0.0176  74   PRO A C   
602 O O   . PRO A 74 ? 0.1053 0.1127 0.1003 0.0096  -0.0158 0.0132  74   PRO A O   
603 C CB  . PRO A 74 ? 0.1326 0.1187 0.1142 0.0094  -0.0185 0.0314  74   PRO A CB  
604 C CG  . PRO A 74 ? 0.1320 0.1065 0.1270 0.0189  -0.0162 0.0355  74   PRO A CG  
605 C CD  . PRO A 74 ? 0.1043 0.0950 0.1158 0.0109  -0.0119 0.0228  74   PRO A CD  
606 N N   . ILE A 75 ? 0.1017 0.1059 0.0993 0.0150  -0.0178 0.0126  75   ILE A N   
607 C CA  . ILE A 75 ? 0.1097 0.1263 0.1023 0.0108  -0.0131 -0.0018 75   ILE A CA  
608 C C   . ILE A 75 ? 0.1184 0.1437 0.1072 0.0065  -0.0133 -0.0001 75   ILE A C   
609 O O   . ILE A 75 ? 0.1541 0.1951 0.1136 -0.0074 -0.0168 -0.0012 75   ILE A O   
610 C CB  . ILE A 75 ? 0.1213 0.1338 0.1018 0.0160  -0.0088 -0.0061 75   ILE A CB  
611 C CG1 . ILE A 75 ? 0.1251 0.1424 0.1237 0.0229  -0.0117 -0.0050 75   ILE A CG1 
612 C CG2 . ILE A 75 ? 0.1427 0.1279 0.1063 0.0124  -0.0100 -0.0009 75   ILE A CG2 
613 C CD1 . ILE A 75 ? 0.1616 0.1701 0.1408 0.0211  -0.0176 -0.0023 75   ILE A CD1 
614 N N   . THR A 76 ? 0.1259 0.1431 0.1166 0.0083  -0.0133 0.0040  76   THR A N   
615 C CA  . THR A 76 ? 0.1291 0.1332 0.1225 0.0072  -0.0128 -0.0035 76   THR A CA  
616 C C   . THR A 76 ? 0.1306 0.1348 0.1205 0.0068  -0.0121 0.0053  76   THR A C   
617 O O   . THR A 76 ? 0.1279 0.1348 0.1196 0.0029  -0.0178 0.0095  76   THR A O   
618 C CB  . THR A 76 ? 0.1308 0.1324 0.1244 0.0098  -0.0138 0.0005  76   THR A CB  
619 O OG1 . THR A 76 ? 0.1367 0.1458 0.1468 -0.0027 -0.0143 -0.0068 76   THR A OG1 
620 C CG2 . THR A 76 ? 0.1248 0.1388 0.1384 0.0070  -0.0260 -0.0173 76   THR A CG2 
621 N N   . GLU A 77 ? 0.1295 0.1362 0.1191 0.0049  -0.0183 0.0030  77   GLU A N   
622 C CA  . GLU A 77 ? 0.1267 0.1317 0.1133 0.0050  -0.0186 0.0023  77   GLU A CA  
623 C C   . GLU A 77 ? 0.1293 0.1377 0.1188 0.0096  -0.0197 0.0054  77   GLU A C   
624 O O   . GLU A 77 ? 0.1382 0.1390 0.1234 0.0075  -0.0214 0.0144  77   GLU A O   
625 C CB  . GLU A 77 ? 0.1299 0.1367 0.1104 0.0029  -0.0194 -0.0008 77   GLU A CB  
626 C CG  . GLU A 77 ? 0.1555 0.1617 0.1244 0.0001  -0.0136 -0.0049 77   GLU A CG  
627 C CD  . GLU A 77 ? 0.2152 0.2163 0.1962 -0.0044 -0.0144 0.0102  77   GLU A CD  
628 O OE1 . GLU A 77 ? 0.2540 0.2375 0.2706 -0.0006 -0.0335 0.0114  77   GLU A OE1 
629 O OE2 . GLU A 77 ? 0.2296 0.2432 0.2464 -0.0032 -0.0297 -0.0023 77   GLU A OE2 
630 N N   . ASN A 78 ? 0.1287 0.1409 0.1304 0.0126  -0.0144 0.0088  78   ASN A N   
631 C CA  . ASN A 78 ? 0.1416 0.1583 0.1365 0.0092  -0.0134 0.0054  78   ASN A CA  
632 C C   . ASN A 78 ? 0.1468 0.1492 0.1355 0.0085  -0.0089 0.0044  78   ASN A C   
633 O O   . ASN A 78 ? 0.1575 0.1617 0.1319 0.0020  -0.0050 0.0069  78   ASN A O   
634 C CB  . ASN A 78 ? 0.1434 0.1686 0.1423 0.0160  -0.0123 0.0081  78   ASN A CB  
635 C CG  . ASN A 78 ? 0.1761 0.1956 0.1819 0.0093  -0.0052 0.0011  78   ASN A CG  
636 O OD1 . ASN A 78 ? 0.1734 0.2450 0.2136 0.0035  -0.0107 0.0003  78   ASN A OD1 
637 N ND2 . ASN A 78 ? 0.2261 0.2238 0.2040 0.0351  0.0079  -0.0076 78   ASN A ND2 
638 N N   . GLN A 79 ? 0.1325 0.1438 0.1255 0.0072  -0.0104 0.0035  79   GLN A N   
639 C CA  . GLN A 79 ? 0.1429 0.1364 0.1286 0.0091  -0.0087 0.0056  79   GLN A CA  
640 C C   . GLN A 79 ? 0.1428 0.1397 0.1344 0.0065  -0.0067 0.0027  79   GLN A C   
641 O O   . GLN A 79 ? 0.1578 0.1258 0.1450 0.0113  -0.0056 0.0135  79   GLN A O   
642 C CB  . GLN A 79 ? 0.1470 0.1371 0.1258 0.0019  -0.0157 0.0009  79   GLN A CB  
643 C CG  . GLN A 79 ? 0.1411 0.1211 0.1155 0.0051  -0.0099 0.0019  79   GLN A CG  
644 C CD  . GLN A 79 ? 0.1444 0.1344 0.1597 -0.0071 -0.0080 0.0057  79   GLN A CD  
645 O OE1 . GLN A 79 ? 0.1607 0.1680 0.2513 0.0131  0.0147  -0.0060 79   GLN A OE1 
646 N NE2 . GLN A 79 ? 0.1020 0.1166 0.1042 0.0154  -0.0181 0.0358  79   GLN A NE2 
647 N N   . PHE A 80 ? 0.1455 0.1379 0.1391 0.0045  -0.0052 0.0034  80   PHE A N   
648 C CA  . PHE A 80 ? 0.1413 0.1450 0.1443 0.0055  -0.0018 0.0028  80   PHE A CA  
649 C C   . PHE A 80 ? 0.1383 0.1396 0.1340 0.0062  -0.0090 -0.0003 80   PHE A C   
650 O O   . PHE A 80 ? 0.1331 0.1519 0.1221 0.0074  -0.0155 0.0080  80   PHE A O   
651 C CB  . PHE A 80 ? 0.1429 0.1525 0.1542 0.0082  0.0006  0.0048  80   PHE A CB  
652 C CG  . PHE A 80 ? 0.1506 0.1518 0.1615 0.0089  -0.0027 0.0007  80   PHE A CG  
653 C CD1 . PHE A 80 ? 0.1517 0.1508 0.1608 0.0038  -0.0083 0.0025  80   PHE A CD1 
654 C CD2 . PHE A 80 ? 0.1484 0.1539 0.1753 0.0021  -0.0019 0.0033  80   PHE A CD2 
655 C CE1 . PHE A 80 ? 0.1505 0.1598 0.1690 -0.0075 -0.0055 0.0005  80   PHE A CE1 
656 C CE2 . PHE A 80 ? 0.1418 0.1618 0.1634 -0.0075 0.0057  0.0169  80   PHE A CE2 
657 C CZ  . PHE A 80 ? 0.1388 0.1426 0.1539 0.0062  -0.0038 0.0098  80   PHE A CZ  
658 N N   . ARG A 81 ? 0.1364 0.1410 0.1322 0.0099  -0.0110 0.0018  81   ARG A N   
659 C CA  . ARG A 81 ? 0.1324 0.1435 0.1160 0.0055  -0.0117 0.0016  81   ARG A CA  
660 C C   . ARG A 81 ? 0.1227 0.1344 0.1174 0.0031  -0.0147 0.0067  81   ARG A C   
661 O O   . ARG A 81 ? 0.1412 0.1401 0.1236 0.0103  -0.0112 0.0123  81   ARG A O   
662 C CB  . ARG A 81 ? 0.1253 0.1471 0.1073 0.0086  -0.0159 0.0054  81   ARG A CB  
663 C CG  . ARG A 81 ? 0.1433 0.1601 0.1229 0.0070  -0.0143 -0.0045 81   ARG A CG  
664 C CD  . ARG A 81 ? 0.1365 0.1386 0.1104 0.0077  -0.0155 -0.0043 81   ARG A CD  
665 N NE  . ARG A 81 ? 0.1663 0.1792 0.1627 -0.0121 -0.0219 -0.0087 81   ARG A NE  
666 C CZ  . ARG A 81 ? 0.1697 0.1560 0.1319 0.0028  -0.0155 -0.0009 81   ARG A CZ  
667 N NH1 . ARG A 81 ? 0.2114 0.2014 0.1987 0.0068  0.0008  -0.0235 81   ARG A NH1 
668 N NH2 . ARG A 81 ? 0.1391 0.1611 0.1508 -0.0186 -0.0278 -0.0029 81   ARG A NH2 
669 N N   . GLU A 82 ? 0.1031 0.1199 0.0896 -0.0001 -0.0106 0.0031  82   GLU A N   
670 C CA  . GLU A 82 ? 0.1152 0.1290 0.1057 -0.0009 -0.0081 0.0047  82   GLU A CA  
671 C C   . GLU A 82 ? 0.1057 0.1180 0.1000 -0.0021 -0.0116 0.0010  82   GLU A C   
672 O O   . GLU A 82 ? 0.1133 0.1289 0.0907 -0.0075 -0.0043 0.0109  82   GLU A O   
673 C CB  . GLU A 82 ? 0.1102 0.1262 0.1099 0.0010  -0.0037 0.0067  82   GLU A CB  
674 C CG  . GLU A 82 ? 0.1212 0.1515 0.1238 0.0036  -0.0037 -0.0010 82   GLU A CG  
675 C CD  . GLU A 82 ? 0.1482 0.1608 0.1442 -0.0046 -0.0123 -0.0033 82   GLU A CD  
676 O OE1 . GLU A 82 ? 0.1949 0.2126 0.2086 -0.0104 -0.0120 -0.0148 82   GLU A OE1 
677 O OE2 . GLU A 82 ? 0.1819 0.2083 0.2265 0.0045  0.0048  -0.0135 82   GLU A OE2 
678 N N   . ARG A 83 ? 0.1070 0.1166 0.0928 -0.0026 -0.0166 -0.0017 83   ARG A N   
679 C CA  . ARG A 83 ? 0.1125 0.1202 0.0952 0.0050  -0.0173 0.0053  83   ARG A CA  
680 C C   . ARG A 83 ? 0.1185 0.1212 0.1037 0.0067  -0.0216 0.0034  83   ARG A C   
681 O O   . ARG A 83 ? 0.1494 0.1235 0.1095 0.0080  -0.0126 -0.0019 83   ARG A O   
682 C CB  . ARG A 83 ? 0.1095 0.1372 0.0977 0.0073  -0.0240 -0.0005 83   ARG A CB  
683 C CG  . ARG A 83 ? 0.1189 0.1460 0.1352 0.0063  -0.0286 0.0075  83   ARG A CG  
684 C CD  . ARG A 83 ? 0.1227 0.1391 0.1431 0.0015  -0.0022 0.0030  83   ARG A CD  
685 N NE  . ARG A 83 ? 0.1105 0.1410 0.1486 0.0164  -0.0096 -0.0046 83   ARG A NE  
686 C CZ  . ARG A 83 ? 0.1011 0.1256 0.1377 0.0174  -0.0091 0.0019  83   ARG A CZ  
687 N NH1 . ARG A 83 ? 0.1209 0.1326 0.1772 0.0133  -0.0238 0.0006  83   ARG A NH1 
688 N NH2 . ARG A 83 ? 0.0976 0.1161 0.1505 0.0137  -0.0285 0.0141  83   ARG A NH2 
689 N N   . ILE A 84 ? 0.1077 0.1103 0.0872 0.0056  -0.0245 0.0060  84   ILE A N   
690 C CA  . ILE A 84 ? 0.1035 0.1089 0.1004 0.0056  -0.0215 0.0095  84   ILE A CA  
691 C C   . ILE A 84 ? 0.1023 0.1056 0.0989 0.0080  -0.0238 0.0038  84   ILE A C   
692 O O   . ILE A 84 ? 0.1026 0.0980 0.1151 0.0046  -0.0241 0.0034  84   ILE A O   
693 C CB  . ILE A 84 ? 0.1015 0.1008 0.0968 0.0051  -0.0190 0.0107  84   ILE A CB  
694 C CG1 . ILE A 84 ? 0.1023 0.1090 0.1173 -0.0023 -0.0086 -0.0039 84   ILE A CG1 
695 C CG2 . ILE A 84 ? 0.1410 0.1189 0.1314 0.0008  -0.0144 0.0245  84   ILE A CG2 
696 C CD1 . ILE A 84 ? 0.1324 0.1238 0.1371 -0.0061 0.0002  0.0001  84   ILE A CD1 
697 N N   . VAL A 85 ? 0.1097 0.1128 0.1138 0.0108  -0.0218 0.0093  85   VAL A N   
698 C CA  . VAL A 85 ? 0.1165 0.1177 0.1063 0.0092  -0.0104 0.0138  85   VAL A CA  
699 C C   . VAL A 85 ? 0.1221 0.1188 0.1090 0.0067  -0.0134 0.0132  85   VAL A C   
700 O O   . VAL A 85 ? 0.1261 0.1323 0.0911 0.0022  -0.0265 0.0076  85   VAL A O   
701 C CB  . VAL A 85 ? 0.1267 0.1307 0.1323 0.0226  -0.0053 0.0123  85   VAL A CB  
702 C CG1 . VAL A 85 ? 0.1375 0.1549 0.1399 0.0161  -0.0175 0.0058  85   VAL A CG1 
703 C CG2 . VAL A 85 ? 0.1451 0.1576 0.1354 0.0127  0.0127  0.0137  85   VAL A CG2 
704 N N   . ILE A 86 ? 0.1113 0.1100 0.0960 0.0044  -0.0120 0.0165  86   ILE A N   
705 C CA  . ILE A 86 ? 0.1045 0.1066 0.1104 0.0048  -0.0094 0.0171  86   ILE A CA  
706 C C   . ILE A 86 ? 0.1024 0.1037 0.1147 0.0050  -0.0122 0.0129  86   ILE A C   
707 O O   . ILE A 86 ? 0.1016 0.0995 0.1251 0.0016  -0.0226 0.0091  86   ILE A O   
708 C CB  . ILE A 86 ? 0.1216 0.1085 0.1131 0.0019  -0.0077 0.0185  86   ILE A CB  
709 C CG1 . ILE A 86 ? 0.1349 0.1287 0.1289 0.0131  -0.0041 0.0114  86   ILE A CG1 
710 C CG2 . ILE A 86 ? 0.1320 0.1261 0.1093 -0.0125 -0.0066 0.0189  86   ILE A CG2 
711 C CD1 . ILE A 86 ? 0.1330 0.0995 0.1043 -0.0044 0.0340  -0.0185 86   ILE A CD1 
712 N N   . GLY A 87 ? 0.0971 0.1038 0.1179 0.0126  -0.0100 0.0133  87   GLY A N   
713 C CA  . GLY A 87 ? 0.0879 0.1047 0.1085 0.0118  -0.0108 0.0140  87   GLY A CA  
714 C C   . GLY A 87 ? 0.0972 0.1159 0.1133 0.0081  -0.0011 0.0135  87   GLY A C   
715 O O   . GLY A 87 ? 0.1029 0.1367 0.1336 0.0156  -0.0025 0.0185  87   GLY A O   
716 N N   . TYR A 88 ? 0.1072 0.1167 0.1114 0.0128  -0.0030 0.0119  88   TYR A N   
717 C CA  . TYR A 88 ? 0.1185 0.1267 0.1327 0.0091  0.0001  0.0058  88   TYR A CA  
718 C C   . TYR A 88 ? 0.1280 0.1344 0.1350 0.0118  -0.0047 0.0028  88   TYR A C   
719 O O   . TYR A 88 ? 0.1203 0.1386 0.1381 0.0106  -0.0020 0.0066  88   TYR A O   
720 C CB  . TYR A 88 ? 0.1247 0.1287 0.1344 0.0119  -0.0053 0.0033  88   TYR A CB  
721 C CG  . TYR A 88 ? 0.1434 0.1292 0.1485 0.0038  0.0094  -0.0070 88   TYR A CG  
722 C CD1 . TYR A 88 ? 0.1728 0.1824 0.1667 -0.0198 0.0070  -0.0204 88   TYR A CD1 
723 C CD2 . TYR A 88 ? 0.1495 0.1463 0.1967 0.0171  -0.0036 -0.0312 88   TYR A CD2 
724 C CE1 . TYR A 88 ? 0.1723 0.1948 0.1838 -0.0180 0.0132  -0.0191 88   TYR A CE1 
725 C CE2 . TYR A 88 ? 0.1552 0.1419 0.1586 0.0214  0.0051  -0.0258 88   TYR A CE2 
726 C CZ  . TYR A 88 ? 0.1618 0.1634 0.1732 -0.0039 -0.0012 -0.0160 88   TYR A CZ  
727 O OH  . TYR A 88 ? 0.1456 0.1400 0.1536 0.0009  -0.0099 -0.0186 88   TYR A OH  
728 N N   . SER A 89 ? 0.1403 0.1481 0.1503 0.0041  -0.0045 -0.0004 89   SER A N   
729 C CA  . SER A 89 ? 0.1669 0.1775 0.1693 0.0076  -0.0067 -0.0046 89   SER A CA  
730 C C   . SER A 89 ? 0.1731 0.1855 0.1728 0.0042  -0.0060 -0.0074 89   SER A C   
731 O O   . SER A 89 ? 0.1882 0.1890 0.1733 0.0022  -0.0065 -0.0067 89   SER A O   
732 C CB  . SER A 89 ? 0.1717 0.1944 0.1790 0.0066  -0.0039 -0.0101 89   SER A CB  
733 O OG  . SER A 89 ? 0.2029 0.2392 0.2004 0.0077  0.0012  -0.0213 89   SER A OG  
734 O O   . HOH B .  ? 0.4972 0.6406 0.5339 0.0666  0.0107  -0.0149 2001 HOH A O   
735 O O   . HOH B .  ? 0.5389 0.5221 0.5601 0.0445  0.0754  0.0988  2002 HOH A O   
736 O O   . HOH B .  ? 0.4623 0.3609 0.3555 0.0764  0.0369  -0.0017 2003 HOH A O   
737 O O   . HOH B .  ? 0.2925 0.2780 0.2834 0.0618  0.0395  0.0587  2004 HOH A O   
738 O O   . HOH B .  ? 0.4598 0.3614 0.4425 0.0313  -0.0673 0.0160  2005 HOH A O   
739 O O   . HOH B .  ? 0.2090 0.1655 0.1848 0.0103  0.0164  -0.0036 2006 HOH A O   
740 O O   . HOH B .  ? 0.2477 0.1917 0.2273 0.0314  -0.0539 -0.0233 2007 HOH A O   
741 O O   . HOH B .  ? 0.2424 0.2825 0.2151 0.0251  -0.0220 0.0269  2008 HOH A O   
742 O O   . HOH B .  ? 0.3453 0.3040 0.3707 0.0155  0.0279  -0.0267 2009 HOH A O   
743 O O   . HOH B .  ? 0.5444 0.4322 0.4837 0.0219  -0.0036 -0.0549 2010 HOH A O   
744 O O   . HOH B .  ? 0.3868 0.4171 0.4270 0.0522  -0.0116 0.0212  2011 HOH A O   
745 O O   . HOH B .  ? 0.4637 0.4967 0.5132 0.0854  0.0623  -0.0212 2012 HOH A O   
746 O O   . HOH B .  ? 0.3890 0.3542 0.3065 0.0326  -0.0539 -0.0126 2013 HOH A O   
747 O O   . HOH B .  ? 0.5574 0.7632 0.4042 -0.0695 -0.0613 -0.0868 2014 HOH A O   
748 O O   . HOH B .  ? 0.4434 0.6599 0.5311 -0.0331 -0.0267 0.0253  2015 HOH A O   
749 O O   . HOH B .  ? 0.4246 0.3923 0.2477 0.0821  -0.1080 0.0139  2016 HOH A O   
750 O O   . HOH B .  ? 0.5098 0.5151 0.5249 0.0473  -0.0115 0.0041  2017 HOH A O   
751 O O   . HOH B .  ? 0.6433 0.4665 0.4380 0.1123  -0.0989 0.0365  2018 HOH A O   
752 O O   . HOH B .  ? 0.2912 0.3872 0.3438 0.0546  -0.0500 0.0013  2019 HOH A O   
753 O O   . HOH B .  ? 0.4858 0.6650 0.6199 0.1417  0.0334  0.0434  2020 HOH A O   
754 O O   . HOH B .  ? 0.2945 0.4266 0.3201 0.0503  -0.1122 0.0213  2021 HOH A O   
755 O O   . HOH B .  ? 0.3198 0.3479 0.2975 0.0017  0.0043  -0.0049 2022 HOH A O   
756 O O   . HOH B .  ? 0.2921 0.2344 0.3528 0.0554  0.0206  -0.0166 2023 HOH A O   
757 O O   . HOH B .  ? 0.4062 0.3661 0.3383 -0.0161 -0.0307 0.0463  2024 HOH A O   
758 O O   . HOH B .  ? 0.4346 0.4306 0.5231 0.0373  -0.0730 -0.0232 2025 HOH A O   
759 O O   . HOH B .  ? 0.4288 0.3588 0.3268 -0.0379 -0.0172 -0.0090 2026 HOH A O   
760 O O   . HOH B .  ? 0.3548 0.3701 0.5299 0.0175  0.0061  -0.0120 2027 HOH A O   
761 O O   . HOH B .  ? 0.3958 0.4283 0.3211 -0.0148 -0.0135 0.0401  2028 HOH A O   
762 O O   . HOH B .  ? 0.4095 0.3813 0.3876 0.1259  -0.0068 -0.0069 2029 HOH A O   
763 O O   . HOH B .  ? 0.3914 0.3269 0.2716 -0.0200 0.0055  0.0512  2030 HOH A O   
764 O O   . HOH B .  ? 0.7246 0.6147 0.5459 -0.0708 0.0658  -0.0882 2031 HOH A O   
765 O O   . HOH B .  ? 0.6178 0.6620 0.5140 -0.0438 -0.0097 -0.1186 2032 HOH A O   
766 O O   . HOH B .  ? 0.2915 0.3309 0.2906 0.0651  -0.0316 0.0006  2033 HOH A O   
767 O O   . HOH B .  ? 0.2613 0.2719 0.2070 -0.0233 0.0059  0.0170  2034 HOH A O   
768 O O   . HOH B .  ? 0.6018 0.4994 0.6888 0.0771  -0.0323 0.0575  2035 HOH A O   
769 O O   . HOH B .  ? 0.3408 0.5618 0.3450 0.0456  -0.0038 -0.0036 2036 HOH A O   
770 O O   . HOH B .  ? 0.4095 0.3787 0.2889 -0.0030 0.0314  0.0168  2037 HOH A O   
771 O O   . HOH B .  ? 0.4664 0.4858 0.4533 -0.0046 0.0155  -0.0720 2038 HOH A O   
772 O O   . HOH B .  ? 0.4209 0.4304 0.4972 -0.0097 -0.0183 -0.0058 2039 HOH A O   
773 O O   . HOH B .  ? 0.4727 0.4863 0.4769 -0.0520 -0.0271 -0.0589 2040 HOH A O   
774 O O   . HOH B .  ? 0.7064 0.6146 0.6045 -0.0737 -0.0058 0.0037  2041 HOH A O   
775 O O   . HOH B .  ? 0.5352 0.7059 0.5758 0.0065  0.0835  -0.0859 2042 HOH A O   
776 O O   . HOH B .  ? 0.3184 0.4092 0.2767 0.0503  0.0544  -0.0433 2043 HOH A O   
777 O O   . HOH B .  ? 0.3735 0.3251 0.2679 0.1152  0.0596  -0.0587 2044 HOH A O   
778 O O   . HOH B .  ? 0.3769 0.3594 0.3230 0.0199  -0.0292 -0.0845 2045 HOH A O   
779 O O   . HOH B .  ? 0.3201 0.1383 0.2116 0.0575  0.0768  0.0460  2046 HOH A O   
780 O O   . HOH B .  ? 0.2838 0.1945 0.1933 -0.0114 0.0136  0.0144  2047 HOH A O   
781 O O   . HOH B .  ? 0.3251 0.2837 0.3150 0.0263  0.0051  -0.0197 2048 HOH A O   
782 O O   . HOH B .  ? 0.2397 0.2387 0.2385 0.0443  -0.0449 -0.0671 2049 HOH A O   
783 O O   . HOH B .  ? 0.2981 0.3153 0.3196 0.0377  -0.0145 0.0202  2050 HOH A O   
784 O O   . HOH B .  ? 0.3822 0.5002 0.3668 -0.0411 -0.0357 -0.0206 2051 HOH A O   
785 O O   . HOH B .  ? 0.4656 0.3546 0.3801 0.0593  0.0132  -0.0078 2052 HOH A O   
786 O O   . HOH B .  ? 0.2666 0.2739 0.2596 0.0214  -0.0103 0.0905  2053 HOH A O   
787 O O   . HOH B .  ? 0.3547 0.3772 0.3574 0.0725  -0.0919 0.0104  2054 HOH A O   
788 O O   . HOH B .  ? 0.4972 0.3445 0.5405 0.0287  -0.0003 0.0197  2055 HOH A O   
789 O O   . HOH B .  ? 0.3912 0.4169 0.3986 -0.0963 0.0274  -0.0020 2056 HOH A O   
790 O O   . HOH B .  ? 0.4906 0.4118 0.4359 -0.0052 -0.0562 0.0500  2057 HOH A O   
791 O O   . HOH B .  ? 0.2609 0.2646 0.2971 -0.0372 0.0084  0.0353  2058 HOH A O   
792 O O   . HOH B .  ? 0.4027 0.4532 0.4300 0.0105  0.0471  0.0774  2059 HOH A O   
793 O O   . HOH B .  ? 0.2670 0.1979 0.3365 0.1392  -0.1398 -0.0750 2060 HOH A O   
794 O O   . HOH B .  ? 0.3277 0.3194 0.3153 0.0044  -0.0102 -0.0097 2061 HOH A O   
795 O O   . HOH B .  ? 0.2862 0.3380 0.2528 0.0095  0.0004  0.0198  2062 HOH A O   
796 O O   . HOH B .  ? 0.5891 0.6244 0.6640 -0.0921 -0.0155 -0.0037 2063 HOH A O   
797 O O   . HOH B .  ? 0.5912 0.4721 0.5124 0.0199  -0.0057 -0.0159 2064 HOH A O   
798 O O   . HOH B .  ? 0.2660 0.2310 0.3025 -0.0025 -0.0176 -0.0001 2065 HOH A O   
799 O O   . HOH B .  ? 0.4887 0.4243 0.5398 -0.0215 0.0008  -0.0119 2066 HOH A O   
800 O O   . HOH B .  ? 0.4322 0.7170 0.6281 -0.0083 -0.0970 -0.0757 2067 HOH A O   
801 O O   . HOH B .  ? 0.3342 0.4621 0.4824 -0.0040 -0.0284 -0.0117 2068 HOH A O   
802 O O   . HOH B .  ? 0.2478 0.2366 0.2022 -0.0084 0.0155  -0.0141 2069 HOH A O   
803 O O   . HOH B .  ? 0.2427 0.2665 0.2221 0.0369  -0.0236 -0.0324 2070 HOH A O   
804 O O   . HOH B .  ? 0.4202 0.4066 0.3217 -0.0049 0.0352  -0.0111 2071 HOH A O   
805 O O   . HOH B .  ? 0.3193 0.3479 0.2637 -0.0418 -0.0351 -0.0622 2072 HOH A O   
806 O O   . HOH B .  ? 0.4376 0.5646 0.4428 0.0275  0.0181  0.0922  2073 HOH A O   
807 O O   . HOH B .  ? 0.5265 0.5629 0.6257 -0.1465 -0.0464 -0.0444 2074 HOH A O   
808 O O   . HOH B .  ? 0.1988 0.1937 0.1741 0.0594  -0.0487 -0.0073 2075 HOH A O   
809 O O   . HOH B .  ? 0.4647 0.3917 0.4873 0.1111  -0.0604 0.0064  2076 HOH A O   
810 O O   . HOH B .  ? 0.4935 0.3693 0.4208 0.0262  -0.0177 0.0043  2077 HOH A O   
811 O O   . HOH B .  ? 0.2763 0.2097 0.2296 0.0465  -0.0326 -0.0229 2078 HOH A O   
812 O O   . HOH B .  ? 0.4259 0.5264 0.5613 0.0053  -0.0446 -0.0134 2079 HOH A O   
813 O O   . HOH B .  ? 0.2152 0.2661 0.2043 0.0377  -0.0064 -0.0164 2080 HOH A O   
814 O O   . HOH B .  ? 0.4018 0.4586 0.4355 0.0303  -0.0579 -0.0127 2081 HOH A O   
815 O O   . HOH B .  ? 0.4100 0.3014 0.2783 -0.0091 0.0513  0.0126  2082 HOH A O   
816 O O   . HOH B .  ? 0.3629 0.4445 0.6313 -0.0430 0.0441  -0.0622 2083 HOH A O   
817 O O   . HOH B .  ? 0.2360 0.2285 0.2169 0.0514  -0.0294 -0.0354 2084 HOH A O   
818 O O   . HOH B .  ? 0.2377 0.3983 0.3185 0.0010  -0.0121 0.0564  2085 HOH A O   
819 O O   . HOH B .  ? 0.3403 0.4371 0.3186 0.0685  -0.0463 0.0090  2086 HOH A O   
820 O O   . HOH B .  ? 0.3380 0.3961 0.3963 0.0088  -0.0116 -0.0240 2087 HOH A O   
821 O O   . HOH B .  ? 0.4433 0.3493 0.2274 0.0437  0.0081  0.0741  2088 HOH A O   
822 O O   . HOH B .  ? 0.4243 0.3821 0.2302 0.0258  -0.0863 -0.0175 2089 HOH A O   
823 O O   . HOH B .  ? 0.4099 0.7196 0.4676 -0.0660 -0.0775 -0.1060 2090 HOH A O   
824 O O   . HOH B .  ? 0.3052 0.3550 0.3596 0.0269  0.0058  0.0097  2091 HOH A O   
825 O O   . HOH B .  ? 0.3576 0.3575 0.2419 -0.0315 -0.0712 -0.0088 2092 HOH A O   
826 O O   . HOH B .  ? 0.4282 0.4121 0.3810 -0.0046 -0.0297 -0.0002 2093 HOH A O   
827 O O   . HOH B .  ? 0.4409 0.4738 0.3698 -0.0054 -0.0399 -0.0071 2094 HOH A O   
828 O O   . HOH B .  ? 0.3887 0.5311 0.5638 -0.0476 0.0015  0.0193  2095 HOH A O   
829 O O   . HOH B .  ? 0.4959 0.4253 0.4080 0.0088  -0.0668 -0.0836 2096 HOH A O   
830 O O   . HOH B .  ? 0.2205 0.3186 0.2603 0.0695  -0.0264 0.0126  2097 HOH A O   
831 O O   . HOH B .  ? 0.7010 0.4571 0.6180 0.0231  -0.0090 -0.0587 2098 HOH A O   
832 O O   . HOH B .  ? 0.5741 0.5371 0.5094 0.0497  -0.0492 0.0043  2099 HOH A O   
833 O O   . HOH B .  ? 0.3822 0.2674 0.3257 -0.0262 -0.0890 -0.0661 2100 HOH A O   
834 O O   . HOH B .  ? 0.5105 0.3459 0.5435 0.0031  0.0122  -0.0474 2101 HOH A O   
835 O O   . HOH B .  ? 0.4639 0.2612 0.4736 -0.0832 -0.0745 -0.0067 2102 HOH A O   
836 O O   . HOH B .  ? 0.3126 0.3363 0.3071 -0.0086 0.0238  -0.0543 2103 HOH A O   
837 O O   . HOH B .  ? 0.3813 0.7117 0.9709 0.1974  0.0813  -0.1193 2104 HOH A O   
838 O O   . HOH B .  ? 0.6657 0.6012 0.5155 0.0051  0.0164  -0.1198 2105 HOH A O   
# 
loop_
_pdbx_poly_seq_scheme.asym_id 
_pdbx_poly_seq_scheme.entity_id 
_pdbx_poly_seq_scheme.seq_id 
_pdbx_poly_seq_scheme.mon_id 
_pdbx_poly_seq_scheme.ndb_seq_num 
_pdbx_poly_seq_scheme.pdb_seq_num 
_pdbx_poly_seq_scheme.auth_seq_num 
_pdbx_poly_seq_scheme.pdb_mon_id 
_pdbx_poly_seq_scheme.auth_mon_id 
_pdbx_poly_seq_scheme.pdb_strand_id 
_pdbx_poly_seq_scheme.pdb_ins_code 
_pdbx_poly_seq_scheme.hetero 
A 1 1   GLY 1   1   ?  ?   ?   A . n 
A 1 2   ALA 2   2   2  ALA ALA A . n 
A 1 3   MET 3   3   3  MET MET A . n 
A 1 4   LEU 4   4   4  LEU LEU A . n 
A 1 5   TYR 5   5   5  TYR TYR A . n 
A 1 6   LEU 6   6   6  LEU LEU A . n 
A 1 7   ILE 7   7   7  ILE ILE A . n 
A 1 8   PHE 8   8   8  PHE PHE A . n 
A 1 9   TYR 9   9   9  TYR TYR A . n 
A 1 10  ASP 10  10  10 ASP ASP A . n 
A 1 11  ILE 11  11  11 ILE ILE A . n 
A 1 12  THR 12  12  12 THR THR A . n 
A 1 13  ASP 13  13  13 ASP ASP A . n 
A 1 14  ASP 14  14  14 ASP ASP A . n 
A 1 15  ASN 15  15  15 ASN ASN A . n 
A 1 16  LEU 16  16  16 LEU LEU A . n 
A 1 17  ARG 17  17  17 ARG ARG A . n 
A 1 18  ASN 18  18  18 ASN ASN A . n 
A 1 19  ARG 19  19  19 ARG ARG A . n 
A 1 20  VAL 20  20  20 VAL VAL A . n 
A 1 21  ALA 21  21  21 ALA ALA A . n 
A 1 22  GLU 22  22  22 GLU GLU A . n 
A 1 23  PHE 23  23  23 PHE PHE A . n 
A 1 24  LEU 24  24  24 LEU LEU A . n 
A 1 25  LYS 25  25  25 LYS LYS A . n 
A 1 26  LYS 26  26  26 LYS LYS A . n 
A 1 27  LYS 27  27  27 LYS LYS A . n 
A 1 28  GLY 28  28  28 GLY GLY A . n 
A 1 29  LEU 29  29  29 LEU LEU A . n 
A 1 30  ASP 30  30  30 ASP ASP A . n 
A 1 31  ARG 31  31  31 ARG ARG A . n 
A 1 32  ILE 32  32  32 ILE ILE A . n 
A 1 33  GLN 33  33  33 GLN GLN A . n 
A 1 34  TYR 34  34  34 TYR TYR A . n 
A 1 35  SER 35  35  35 SER SER A . n 
A 1 36  VAL 36  36  36 VAL VAL A . n 
A 1 37  PHE 37  37  37 PHE PHE A . n 
A 1 38  MET 38  38  38 MET MET A . n 
A 1 39  GLY 39  39  39 GLY GLY A . n 
A 1 40  ASP 40  40  40 ASP ASP A . n 
A 1 41  LEU 41  41  41 LEU LEU A . n 
A 1 42  ASN 42  42  42 ASN ASN A . n 
A 1 43  SER 43  43  43 SER SER A . n 
A 1 44  SER 44  44  44 SER SER A . n 
A 1 45  ARG 45  45  45 ARG ARG A . n 
A 1 46  LEU 46  46  46 LEU LEU A . n 
A 1 47  LYS 47  47  47 LYS LYS A . n 
A 1 48  ASP 48  48  48 ASP ASP A . n 
A 1 49  VAL 49  49  49 VAL VAL A . n 
A 1 50  GLU 50  50  50 GLU GLU A . n 
A 1 51  ALA 51  51  51 ALA ALA A . n 
A 1 52  GLY 52  52  52 GLY GLY A . n 
A 1 53  LEU 53  53  53 LEU LEU A . n 
A 1 54  LYS 54  54  54 LYS LYS A . n 
A 1 55  ILE 55  55  55 ILE ILE A . n 
A 1 56  ILE 56  56  56 ILE ILE A . n 
A 1 57  GLY 57  57  57 GLY GLY A . n 
A 1 58  ASN 58  58  58 ASN ASN A . n 
A 1 59  ARG 59  59  59 ARG ARG A . n 
A 1 60  LYS 60  60  60 LYS LYS A . n 
A 1 61  LYS 61  61  61 LYS LYS A . n 
A 1 62  LEU 62  62  62 LEU LEU A . n 
A 1 63  GLN 63  63  63 GLN GLN A . n 
A 1 64  GLU 64  64  64 GLU GLU A . n 
A 1 65  ASP 65  65  65 ASP ASP A . n 
A 1 66  GLU 66  66  66 GLU GLU A . n 
A 1 67  ARG 67  67  67 ARG ARG A . n 
A 1 68  PHE 68  68  68 PHE PHE A . n 
A 1 69  PHE 69  69  69 PHE PHE A . n 
A 1 70  ILE 70  70  70 ILE ILE A . n 
A 1 71  LEU 71  71  71 LEU LEU A . n 
A 1 72  ILE 72  72  72 ILE ILE A . n 
A 1 73  VAL 73  73  73 VAL VAL A . n 
A 1 74  PRO 74  74  74 PRO PRO A . n 
A 1 75  ILE 75  75  75 ILE ILE A . n 
A 1 76  THR 76  76  76 THR THR A . n 
A 1 77  GLU 77  77  77 GLU GLU A . n 
A 1 78  ASN 78  78  78 ASN ASN A . n 
A 1 79  GLN 79  79  79 GLN GLN A . n 
A 1 80  PHE 80  80  80 PHE PHE A . n 
A 1 81  ARG 81  81  81 ARG ARG A . n 
A 1 82  GLU 82  82  82 GLU GLU A . n 
A 1 83  ARG 83  83  83 ARG ARG A . n 
A 1 84  ILE 84  84  84 ILE ILE A . n 
A 1 85  VAL 85  85  85 VAL VAL A . n 
A 1 86  ILE 86  86  86 ILE ILE A . n 
A 1 87  GLY 87  87  87 GLY GLY A . n 
A 1 88  TYR 88  88  88 TYR TYR A . n 
A 1 89  SER 89  89  89 SER SER A . n 
A 1 90  GLY 90  90  ?  ?   ?   A . n 
A 1 91  SER 91  91  ?  ?   ?   A . n 
A 1 92  GLU 92  92  ?  ?   ?   A . n 
A 1 93  ARG 93  93  ?  ?   ?   A . n 
A 1 94  GLU 94  94  ?  ?   ?   A . n 
A 1 95  GLU 95  95  ?  ?   ?   A . n 
A 1 96  LYS 96  96  ?  ?   ?   A . n 
A 1 97  SER 97  97  ?  ?   ?   A . n 
A 1 98  ASN 98  98  ?  ?   ?   A . n 
A 1 99  VAL 99  99  ?  ?   ?   A . n 
A 1 100 VAL 100 100 ?  ?   ?   A . n 
A 1 101 TRP 101 101 ?  ?   ?   A . n 
# 
loop_
_pdbx_nonpoly_scheme.asym_id 
_pdbx_nonpoly_scheme.entity_id 
_pdbx_nonpoly_scheme.mon_id 
_pdbx_nonpoly_scheme.ndb_seq_num 
_pdbx_nonpoly_scheme.pdb_seq_num 
_pdbx_nonpoly_scheme.auth_seq_num 
_pdbx_nonpoly_scheme.pdb_mon_id 
_pdbx_nonpoly_scheme.auth_mon_id 
_pdbx_nonpoly_scheme.pdb_strand_id 
_pdbx_nonpoly_scheme.pdb_ins_code 
B 2 HOH 1   2001 2001 HOH HOH A . 
B 2 HOH 2   2002 2002 HOH HOH A . 
B 2 HOH 3   2003 2003 HOH HOH A . 
B 2 HOH 4   2004 2004 HOH HOH A . 
B 2 HOH 5   2005 2005 HOH HOH A . 
B 2 HOH 6   2006 2006 HOH HOH A . 
B 2 HOH 7   2007 2007 HOH HOH A . 
B 2 HOH 8   2008 2008 HOH HOH A . 
B 2 HOH 9   2009 2009 HOH HOH A . 
B 2 HOH 10  2010 2010 HOH HOH A . 
B 2 HOH 11  2011 2011 HOH HOH A . 
B 2 HOH 12  2012 2012 HOH HOH A . 
B 2 HOH 13  2013 2013 HOH HOH A . 
B 2 HOH 14  2014 2014 HOH HOH A . 
B 2 HOH 15  2015 2015 HOH HOH A . 
B 2 HOH 16  2016 2016 HOH HOH A . 
B 2 HOH 17  2017 2017 HOH HOH A . 
B 2 HOH 18  2018 2018 HOH HOH A . 
B 2 HOH 19  2019 2019 HOH HOH A . 
B 2 HOH 20  2020 2020 HOH HOH A . 
B 2 HOH 21  2021 2021 HOH HOH A . 
B 2 HOH 22  2022 2022 HOH HOH A . 
B 2 HOH 23  2023 2023 HOH HOH A . 
B 2 HOH 24  2024 2024 HOH HOH A . 
B 2 HOH 25  2025 2025 HOH HOH A . 
B 2 HOH 26  2026 2026 HOH HOH A . 
B 2 HOH 27  2027 2027 HOH HOH A . 
B 2 HOH 28  2028 2028 HOH HOH A . 
B 2 HOH 29  2029 2029 HOH HOH A . 
B 2 HOH 30  2030 2030 HOH HOH A . 
B 2 HOH 31  2031 2031 HOH HOH A . 
B 2 HOH 32  2032 2032 HOH HOH A . 
B 2 HOH 33  2033 2033 HOH HOH A . 
B 2 HOH 34  2034 2034 HOH HOH A . 
B 2 HOH 35  2035 2035 HOH HOH A . 
B 2 HOH 36  2036 2036 HOH HOH A . 
B 2 HOH 37  2037 2037 HOH HOH A . 
B 2 HOH 38  2038 2038 HOH HOH A . 
B 2 HOH 39  2039 2039 HOH HOH A . 
B 2 HOH 40  2040 2040 HOH HOH A . 
B 2 HOH 41  2041 2041 HOH HOH A . 
B 2 HOH 42  2042 2042 HOH HOH A . 
B 2 HOH 43  2043 2043 HOH HOH A . 
B 2 HOH 44  2044 2044 HOH HOH A . 
B 2 HOH 45  2045 2045 HOH HOH A . 
B 2 HOH 46  2046 2046 HOH HOH A . 
B 2 HOH 47  2047 2047 HOH HOH A . 
B 2 HOH 48  2048 2048 HOH HOH A . 
B 2 HOH 49  2049 2049 HOH HOH A . 
B 2 HOH 50  2050 2050 HOH HOH A . 
B 2 HOH 51  2051 2051 HOH HOH A . 
B 2 HOH 52  2052 2052 HOH HOH A . 
B 2 HOH 53  2053 2053 HOH HOH A . 
B 2 HOH 54  2054 2054 HOH HOH A . 
B 2 HOH 55  2055 2055 HOH HOH A . 
B 2 HOH 56  2056 2056 HOH HOH A . 
B 2 HOH 57  2057 2057 HOH HOH A . 
B 2 HOH 58  2058 2058 HOH HOH A . 
B 2 HOH 59  2059 2059 HOH HOH A . 
B 2 HOH 60  2060 2060 HOH HOH A . 
B 2 HOH 61  2061 2061 HOH HOH A . 
B 2 HOH 62  2062 2062 HOH HOH A . 
B 2 HOH 63  2063 2063 HOH HOH A . 
B 2 HOH 64  2064 2064 HOH HOH A . 
B 2 HOH 65  2065 2065 HOH HOH A . 
B 2 HOH 66  2066 2066 HOH HOH A . 
B 2 HOH 67  2067 2067 HOH HOH A . 
B 2 HOH 68  2068 2068 HOH HOH A . 
B 2 HOH 69  2069 2069 HOH HOH A . 
B 2 HOH 70  2070 2070 HOH HOH A . 
B 2 HOH 71  2071 2071 HOH HOH A . 
B 2 HOH 72  2072 2072 HOH HOH A . 
B 2 HOH 73  2073 2073 HOH HOH A . 
B 2 HOH 74  2074 2074 HOH HOH A . 
B 2 HOH 75  2075 2075 HOH HOH A . 
B 2 HOH 76  2076 2076 HOH HOH A . 
B 2 HOH 77  2077 2077 HOH HOH A . 
B 2 HOH 78  2078 2078 HOH HOH A . 
B 2 HOH 79  2079 2079 HOH HOH A . 
B 2 HOH 80  2080 2080 HOH HOH A . 
B 2 HOH 81  2081 2081 HOH HOH A . 
B 2 HOH 82  2082 2082 HOH HOH A . 
B 2 HOH 83  2083 2083 HOH HOH A . 
B 2 HOH 84  2084 2084 HOH HOH A . 
B 2 HOH 85  2085 2085 HOH HOH A . 
B 2 HOH 86  2086 2086 HOH HOH A . 
B 2 HOH 87  2087 2087 HOH HOH A . 
B 2 HOH 88  2088 2088 HOH HOH A . 
B 2 HOH 89  2089 2089 HOH HOH A . 
B 2 HOH 90  2090 2090 HOH HOH A . 
B 2 HOH 91  2091 2091 HOH HOH A . 
B 2 HOH 92  2092 2092 HOH HOH A . 
B 2 HOH 93  2093 2093 HOH HOH A . 
B 2 HOH 94  2094 2094 HOH HOH A . 
B 2 HOH 95  2095 2095 HOH HOH A . 
B 2 HOH 96  2096 2096 HOH HOH A . 
B 2 HOH 97  2097 2097 HOH HOH A . 
B 2 HOH 98  2098 2098 HOH HOH A . 
B 2 HOH 99  2099 2099 HOH HOH A . 
B 2 HOH 100 2100 2100 HOH HOH A . 
B 2 HOH 101 2101 2101 HOH HOH A . 
B 2 HOH 102 2102 2102 HOH HOH A . 
B 2 HOH 103 2103 2103 HOH HOH A . 
B 2 HOH 104 2104 2104 HOH HOH A . 
B 2 HOH 105 2105 2105 HOH HOH A . 
# 
_pdbx_struct_assembly.id                   1 
_pdbx_struct_assembly.details              author_and_software_defined_assembly 
_pdbx_struct_assembly.method_details       PISA 
_pdbx_struct_assembly.oligomeric_details   dimeric 
_pdbx_struct_assembly.oligomeric_count     2 
# 
_pdbx_struct_assembly_gen.assembly_id       1 
_pdbx_struct_assembly_gen.oper_expression   1,2 
_pdbx_struct_assembly_gen.asym_id_list      A,B 
# 
loop_
_pdbx_struct_assembly_prop.biol_id 
_pdbx_struct_assembly_prop.type 
_pdbx_struct_assembly_prop.value 
_pdbx_struct_assembly_prop.details 
1 'ABSA (A^2)' 3670  ? 
1 MORE         -26.4 ? 
1 'SSA (A^2)'  9390  ? 
# 
loop_
_pdbx_struct_oper_list.id 
_pdbx_struct_oper_list.type 
_pdbx_struct_oper_list.name 
_pdbx_struct_oper_list.symmetry_operation 
_pdbx_struct_oper_list.matrix[1][1] 
_pdbx_struct_oper_list.matrix[1][2] 
_pdbx_struct_oper_list.matrix[1][3] 
_pdbx_struct_oper_list.vector[1] 
_pdbx_struct_oper_list.matrix[2][1] 
_pdbx_struct_oper_list.matrix[2][2] 
_pdbx_struct_oper_list.matrix[2][3] 
_pdbx_struct_oper_list.vector[2] 
_pdbx_struct_oper_list.matrix[3][1] 
_pdbx_struct_oper_list.matrix[3][2] 
_pdbx_struct_oper_list.matrix[3][3] 
_pdbx_struct_oper_list.vector[3] 
1 'identity operation'         1_555 x,y,z       1.0000000000  0.0000000000  0.0000000000 0.0000000000  0.0000000000  1.0000000000  0.0000000000  0.0000000000 0.0000000000 0.0000000000  1.0000000000  0.0000000000  
2 'crystal symmetry operation' 4_765 -x+2,-y+1,z -0.1288676465 -0.4913559095 0.8613724513 12.0411671072 -0.4913559095 -0.7228542496 -0.4858509072 4.1005098629 0.8613724513 -0.4858509072 -0.1482781039 -9.8385320715 
# 
_pdbx_struct_special_symmetry.id              1 
_pdbx_struct_special_symmetry.PDB_model_num   1 
_pdbx_struct_special_symmetry.auth_asym_id    A 
_pdbx_struct_special_symmetry.auth_comp_id    PHE 
_pdbx_struct_special_symmetry.auth_seq_id     8 
_pdbx_struct_special_symmetry.PDB_ins_code    ? 
_pdbx_struct_special_symmetry.label_asym_id   A 
_pdbx_struct_special_symmetry.label_comp_id   PHE 
_pdbx_struct_special_symmetry.label_seq_id    8 
# 
loop_
_pdbx_audit_revision_history.ordinal 
_pdbx_audit_revision_history.data_content_type 
_pdbx_audit_revision_history.major_revision 
_pdbx_audit_revision_history.minor_revision 
_pdbx_audit_revision_history.revision_date 
1 'Structure model' 1 0 2006-06-28 
2 'Structure model' 1 1 2011-08-10 
3 'Structure model' 1 2 2018-01-24 
4 'Structure model' 1 3 2023-12-13 
# 
_pdbx_audit_revision_details.ordinal             1 
_pdbx_audit_revision_details.revision_ordinal    1 
_pdbx_audit_revision_details.data_content_type   'Structure model' 
_pdbx_audit_revision_details.provider            repository 
_pdbx_audit_revision_details.type                'Initial release' 
_pdbx_audit_revision_details.description         ? 
_pdbx_audit_revision_details.details             ? 
# 
loop_
_pdbx_audit_revision_group.ordinal 
_pdbx_audit_revision_group.revision_ordinal 
_pdbx_audit_revision_group.data_content_type 
_pdbx_audit_revision_group.group 
1  2 'Structure model' 'Database references'       
2  2 'Structure model' 'Derived calculations'      
3  2 'Structure model' 'Non-polymer description'   
4  2 'Structure model' Other                       
5  2 'Structure model' 'Structure summary'         
6  2 'Structure model' 'Version format compliance' 
7  3 'Structure model' 'Source and taxonomy'       
8  4 'Structure model' 'Data collection'           
9  4 'Structure model' 'Database references'       
10 4 'Structure model' Other                       
11 4 'Structure model' 'Refinement description'    
# 
loop_
_pdbx_audit_revision_category.ordinal 
_pdbx_audit_revision_category.revision_ordinal 
_pdbx_audit_revision_category.data_content_type 
_pdbx_audit_revision_category.category 
1 3 'Structure model' entity_src_gen                
2 4 'Structure model' chem_comp_atom                
3 4 'Structure model' chem_comp_bond                
4 4 'Structure model' database_2                    
5 4 'Structure model' pdbx_database_status          
6 4 'Structure model' pdbx_initial_refinement_model 
# 
loop_
_pdbx_audit_revision_item.ordinal 
_pdbx_audit_revision_item.revision_ordinal 
_pdbx_audit_revision_item.data_content_type 
_pdbx_audit_revision_item.item 
1 3 'Structure model' '_entity_src_gen.pdbx_host_org_ncbi_taxonomy_id' 
2 3 'Structure model' '_entity_src_gen.pdbx_host_org_scientific_name'  
3 3 'Structure model' '_entity_src_gen.pdbx_host_org_strain'           
4 3 'Structure model' '_entity_src_gen.pdbx_host_org_variant'          
5 4 'Structure model' '_database_2.pdbx_DOI'                           
6 4 'Structure model' '_database_2.pdbx_database_accession'            
7 4 'Structure model' '_pdbx_database_status.status_code_sf'           
# 
loop_
_pdbx_refine_tls.pdbx_refine_id 
_pdbx_refine_tls.id 
_pdbx_refine_tls.details 
_pdbx_refine_tls.method 
_pdbx_refine_tls.origin_x 
_pdbx_refine_tls.origin_y 
_pdbx_refine_tls.origin_z 
_pdbx_refine_tls.T[1][1] 
_pdbx_refine_tls.T[2][2] 
_pdbx_refine_tls.T[3][3] 
_pdbx_refine_tls.T[1][2] 
_pdbx_refine_tls.T[1][3] 
_pdbx_refine_tls.T[2][3] 
_pdbx_refine_tls.L[1][1] 
_pdbx_refine_tls.L[2][2] 
_pdbx_refine_tls.L[3][3] 
_pdbx_refine_tls.L[1][2] 
_pdbx_refine_tls.L[1][3] 
_pdbx_refine_tls.L[2][3] 
_pdbx_refine_tls.S[1][1] 
_pdbx_refine_tls.S[1][2] 
_pdbx_refine_tls.S[1][3] 
_pdbx_refine_tls.S[2][1] 
_pdbx_refine_tls.S[2][2] 
_pdbx_refine_tls.S[2][3] 
_pdbx_refine_tls.S[3][1] 
_pdbx_refine_tls.S[3][2] 
_pdbx_refine_tls.S[3][3] 
'X-RAY DIFFRACTION' 1  ? refined 7.4274   -3.2217 8.1431   0.0290 0.1040 0.0462 0.0315  0.0117  0.0025  10.7161 9.1826  12.6325 -2.0172 -0.2172 0.7809   -0.0808 -0.6953 -0.2085 0.3591  0.0940  -0.1760 0.3101  0.3132  -0.0133 
'X-RAY DIFFRACTION' 2  ? refined -5.9697  2.0599  -5.9153  0.0538 0.0629 0.0237 0.0434  -0.0187 -0.0127 2.4726  1.7648  3.5317  -0.0111 -0.0970 0.5949   -0.0015 0.1275  -0.0015 -0.1864 -0.0633 0.2931  -0.1999 -0.4919 0.0648  
'X-RAY DIFFRACTION' 3  ? refined -7.4141  1.4652  2.7839   0.0386 0.0603 0.0565 0.0223  0.0133  0.0120  7.6382  5.2286  8.9262  1.5705  0.7681  -1.7144  0.0081  -0.1186 0.0069  0.0521  0.0915  0.2278  -0.2756 -0.2835 -0.0996 
'X-RAY DIFFRACTION' 4  ? refined -4.3481  3.1098  8.5084   0.1264 0.1262 0.0479 0.0349  0.0329  -0.0045 20.5800 9.7718  11.5380 7.2073  -3.7685 -4.8326  0.1410  -0.9547 -0.1300 0.0575  -0.0736 0.1583  0.0366  -0.2468 -0.0673 
'X-RAY DIFFRACTION' 5  ? refined 1.1614   1.0419  5.5098   0.0683 0.0784 0.0413 0.0183  0.0222  -0.0079 1.7319  4.0783  3.3032  -0.2403 0.1818  -2.5676  0.0658  -0.1775 -0.0055 0.0424  -0.0907 -0.0091 0.0011  0.0609  0.0249  
'X-RAY DIFFRACTION' 6  ? refined -6.5993  -8.5694 1.4229   0.0506 0.0531 0.0513 0.0032  0.0106  0.0060  6.0161  2.8492  12.0134 0.9247  4.0175  -1.7662  0.0434  0.0622  -0.3277 -0.0389 -0.0071 -0.0928 0.5690  -0.1090 -0.0362 
'X-RAY DIFFRACTION' 7  ? refined -11.2267 -6.0381 -14.9624 0.0357 0.1724 0.0401 0.0424  0.0124  -0.0169 6.6553  8.2631  40.6176 5.5104  0.7460  -11.6296 0.2418  0.0099  0.4139  0.6108  0.4728  0.4764  -0.5916 -2.7657 -0.7146 
'X-RAY DIFFRACTION' 8  ? refined 0.6522   -3.1358 -7.5355  0.0470 0.0471 0.0343 -0.0019 0.0126  -0.0057 3.2462  0.7232  10.8476 -0.6893 5.3521  -0.5066  -0.0439 0.1674  -0.0872 -0.0630 0.0230  0.0137  -0.1392 0.1498  0.0209  
'X-RAY DIFFRACTION' 9  ? refined 14.9782  3.5642  7.8592   0.0763 0.1132 0.0032 -0.0127 -0.0242 -0.0271 5.9990  22.9261 10.2626 3.6776  -0.0077 -0.3283  0.0915  -0.4404 0.0581  0.8272  0.1073  -0.0937 -0.2865 0.2612  -0.1988 
'X-RAY DIFFRACTION' 10 ? refined 12.9598  12.3078 -3.7211  0.0641 0.0495 0.0829 -0.0292 -0.0141 -0.0138 5.1938  13.0193 16.2149 -6.3493 6.2669  -11.1896 0.0605  0.0364  0.3780  0.0005  -0.2116 -0.1734 -0.2854 0.3069  0.1512  
# 
loop_
_pdbx_refine_tls_group.pdbx_refine_id 
_pdbx_refine_tls_group.id 
_pdbx_refine_tls_group.refine_tls_id 
_pdbx_refine_tls_group.beg_auth_asym_id 
_pdbx_refine_tls_group.beg_auth_seq_id 
_pdbx_refine_tls_group.beg_label_asym_id 
_pdbx_refine_tls_group.beg_label_seq_id 
_pdbx_refine_tls_group.end_auth_asym_id 
_pdbx_refine_tls_group.end_auth_seq_id 
_pdbx_refine_tls_group.end_label_asym_id 
_pdbx_refine_tls_group.end_label_seq_id 
_pdbx_refine_tls_group.selection 
_pdbx_refine_tls_group.selection_details 
'X-RAY DIFFRACTION' 1  1  A 2  ? ? A 6  ? ? ? ? 
'X-RAY DIFFRACTION' 2  2  A 7  ? ? A 19 ? ? ? ? 
'X-RAY DIFFRACTION' 3  3  A 20 ? ? A 24 ? ? ? ? 
'X-RAY DIFFRACTION' 4  4  A 25 ? ? A 30 ? ? ? ? 
'X-RAY DIFFRACTION' 5  5  A 31 ? ? A 46 ? ? ? ? 
'X-RAY DIFFRACTION' 6  6  A 47 ? ? A 58 ? ? ? ? 
'X-RAY DIFFRACTION' 7  7  A 59 ? ? A 63 ? ? ? ? 
'X-RAY DIFFRACTION' 8  8  A 64 ? ? A 75 ? ? ? ? 
'X-RAY DIFFRACTION' 9  9  A 76 ? ? A 81 ? ? ? ? 
'X-RAY DIFFRACTION' 10 10 A 82 ? ? A 89 ? ? ? ? 
# 
loop_
_software.name 
_software.classification 
_software.version 
_software.citation_id 
_software.pdbx_ordinal 
REFMAC refinement       5.2.0005 ? 1 
MOSFLM 'data reduction' .        ? 2 
SCALA  'data scaling'   .        ? 3 
PHASER phasing          .        ? 4 
# 
_pdbx_validate_symm_contact.id                1 
_pdbx_validate_symm_contact.PDB_model_num     1 
_pdbx_validate_symm_contact.auth_atom_id_1    NE2 
_pdbx_validate_symm_contact.auth_asym_id_1    A 
_pdbx_validate_symm_contact.auth_comp_id_1    GLN 
_pdbx_validate_symm_contact.auth_seq_id_1     63 
_pdbx_validate_symm_contact.PDB_ins_code_1    ? 
_pdbx_validate_symm_contact.label_alt_id_1    ? 
_pdbx_validate_symm_contact.site_symmetry_1   1_555 
_pdbx_validate_symm_contact.auth_atom_id_2    NH1 
_pdbx_validate_symm_contact.auth_asym_id_2    A 
_pdbx_validate_symm_contact.auth_comp_id_2    ARG 
_pdbx_validate_symm_contact.auth_seq_id_2     81 
_pdbx_validate_symm_contact.PDB_ins_code_2    ? 
_pdbx_validate_symm_contact.label_alt_id_2    ? 
_pdbx_validate_symm_contact.site_symmetry_2   4_764 
_pdbx_validate_symm_contact.dist              1.84 
# 
loop_
_pdbx_unobs_or_zero_occ_atoms.id 
_pdbx_unobs_or_zero_occ_atoms.PDB_model_num 
_pdbx_unobs_or_zero_occ_atoms.polymer_flag 
_pdbx_unobs_or_zero_occ_atoms.occupancy_flag 
_pdbx_unobs_or_zero_occ_atoms.auth_asym_id 
_pdbx_unobs_or_zero_occ_atoms.auth_comp_id 
_pdbx_unobs_or_zero_occ_atoms.auth_seq_id 
_pdbx_unobs_or_zero_occ_atoms.PDB_ins_code 
_pdbx_unobs_or_zero_occ_atoms.auth_atom_id 
_pdbx_unobs_or_zero_occ_atoms.label_alt_id 
_pdbx_unobs_or_zero_occ_atoms.label_asym_id 
_pdbx_unobs_or_zero_occ_atoms.label_comp_id 
_pdbx_unobs_or_zero_occ_atoms.label_seq_id 
_pdbx_unobs_or_zero_occ_atoms.label_atom_id 
1 1 Y 1 A GLN 63 ? CG  ? A GLN 63 CG  
2 1 Y 1 A GLN 63 ? CD  ? A GLN 63 CD  
3 1 Y 1 A GLN 63 ? OE1 ? A GLN 63 OE1 
# 
loop_
_pdbx_unobs_or_zero_occ_residues.id 
_pdbx_unobs_or_zero_occ_residues.PDB_model_num 
_pdbx_unobs_or_zero_occ_residues.polymer_flag 
_pdbx_unobs_or_zero_occ_residues.occupancy_flag 
_pdbx_unobs_or_zero_occ_residues.auth_asym_id 
_pdbx_unobs_or_zero_occ_residues.auth_comp_id 
_pdbx_unobs_or_zero_occ_residues.auth_seq_id 
_pdbx_unobs_or_zero_occ_residues.PDB_ins_code 
_pdbx_unobs_or_zero_occ_residues.label_asym_id 
_pdbx_unobs_or_zero_occ_residues.label_comp_id 
_pdbx_unobs_or_zero_occ_residues.label_seq_id 
1  1 Y 1 A GLY 1   ? A GLY 1   
2  1 Y 1 A GLY 90  ? A GLY 90  
3  1 Y 1 A SER 91  ? A SER 91  
4  1 Y 1 A GLU 92  ? A GLU 92  
5  1 Y 1 A ARG 93  ? A ARG 93  
6  1 Y 1 A GLU 94  ? A GLU 94  
7  1 Y 1 A GLU 95  ? A GLU 95  
8  1 Y 1 A LYS 96  ? A LYS 96  
9  1 Y 1 A SER 97  ? A SER 97  
10 1 Y 1 A ASN 98  ? A ASN 98  
11 1 Y 1 A VAL 99  ? A VAL 99  
12 1 Y 1 A VAL 100 ? A VAL 100 
13 1 Y 1 A TRP 101 ? A TRP 101 
# 
loop_
_chem_comp_atom.comp_id 
_chem_comp_atom.atom_id 
_chem_comp_atom.type_symbol 
_chem_comp_atom.pdbx_aromatic_flag 
_chem_comp_atom.pdbx_stereo_config 
_chem_comp_atom.pdbx_ordinal 
ALA N    N N N 1   
ALA CA   C N S 2   
ALA C    C N N 3   
ALA O    O N N 4   
ALA CB   C N N 5   
ALA OXT  O N N 6   
ALA H    H N N 7   
ALA H2   H N N 8   
ALA HA   H N N 9   
ALA HB1  H N N 10  
ALA HB2  H N N 11  
ALA HB3  H N N 12  
ALA HXT  H N N 13  
ARG N    N N N 14  
ARG CA   C N S 15  
ARG C    C N N 16  
ARG O    O N N 17  
ARG CB   C N N 18  
ARG CG   C N N 19  
ARG CD   C N N 20  
ARG NE   N N N 21  
ARG CZ   C N N 22  
ARG NH1  N N N 23  
ARG NH2  N N N 24  
ARG OXT  O N N 25  
ARG H    H N N 26  
ARG H2   H N N 27  
ARG HA   H N N 28  
ARG HB2  H N N 29  
ARG HB3  H N N 30  
ARG HG2  H N N 31  
ARG HG3  H N N 32  
ARG HD2  H N N 33  
ARG HD3  H N N 34  
ARG HE   H N N 35  
ARG HH11 H N N 36  
ARG HH12 H N N 37  
ARG HH21 H N N 38  
ARG HH22 H N N 39  
ARG HXT  H N N 40  
ASN N    N N N 41  
ASN CA   C N S 42  
ASN C    C N N 43  
ASN O    O N N 44  
ASN CB   C N N 45  
ASN CG   C N N 46  
ASN OD1  O N N 47  
ASN ND2  N N N 48  
ASN OXT  O N N 49  
ASN H    H N N 50  
ASN H2   H N N 51  
ASN HA   H N N 52  
ASN HB2  H N N 53  
ASN HB3  H N N 54  
ASN HD21 H N N 55  
ASN HD22 H N N 56  
ASN HXT  H N N 57  
ASP N    N N N 58  
ASP CA   C N S 59  
ASP C    C N N 60  
ASP O    O N N 61  
ASP CB   C N N 62  
ASP CG   C N N 63  
ASP OD1  O N N 64  
ASP OD2  O N N 65  
ASP OXT  O N N 66  
ASP H    H N N 67  
ASP H2   H N N 68  
ASP HA   H N N 69  
ASP HB2  H N N 70  
ASP HB3  H N N 71  
ASP HD2  H N N 72  
ASP HXT  H N N 73  
GLN N    N N N 74  
GLN CA   C N S 75  
GLN C    C N N 76  
GLN O    O N N 77  
GLN CB   C N N 78  
GLN CG   C N N 79  
GLN CD   C N N 80  
GLN OE1  O N N 81  
GLN NE2  N N N 82  
GLN OXT  O N N 83  
GLN H    H N N 84  
GLN H2   H N N 85  
GLN HA   H N N 86  
GLN HB2  H N N 87  
GLN HB3  H N N 88  
GLN HG2  H N N 89  
GLN HG3  H N N 90  
GLN HE21 H N N 91  
GLN HE22 H N N 92  
GLN HXT  H N N 93  
GLU N    N N N 94  
GLU CA   C N S 95  
GLU C    C N N 96  
GLU O    O N N 97  
GLU CB   C N N 98  
GLU CG   C N N 99  
GLU CD   C N N 100 
GLU OE1  O N N 101 
GLU OE2  O N N 102 
GLU OXT  O N N 103 
GLU H    H N N 104 
GLU H2   H N N 105 
GLU HA   H N N 106 
GLU HB2  H N N 107 
GLU HB3  H N N 108 
GLU HG2  H N N 109 
GLU HG3  H N N 110 
GLU HE2  H N N 111 
GLU HXT  H N N 112 
GLY N    N N N 113 
GLY CA   C N N 114 
GLY C    C N N 115 
GLY O    O N N 116 
GLY OXT  O N N 117 
GLY H    H N N 118 
GLY H2   H N N 119 
GLY HA2  H N N 120 
GLY HA3  H N N 121 
GLY HXT  H N N 122 
HOH O    O N N 123 
HOH H1   H N N 124 
HOH H2   H N N 125 
ILE N    N N N 126 
ILE CA   C N S 127 
ILE C    C N N 128 
ILE O    O N N 129 
ILE CB   C N S 130 
ILE CG1  C N N 131 
ILE CG2  C N N 132 
ILE CD1  C N N 133 
ILE OXT  O N N 134 
ILE H    H N N 135 
ILE H2   H N N 136 
ILE HA   H N N 137 
ILE HB   H N N 138 
ILE HG12 H N N 139 
ILE HG13 H N N 140 
ILE HG21 H N N 141 
ILE HG22 H N N 142 
ILE HG23 H N N 143 
ILE HD11 H N N 144 
ILE HD12 H N N 145 
ILE HD13 H N N 146 
ILE HXT  H N N 147 
LEU N    N N N 148 
LEU CA   C N S 149 
LEU C    C N N 150 
LEU O    O N N 151 
LEU CB   C N N 152 
LEU CG   C N N 153 
LEU CD1  C N N 154 
LEU CD2  C N N 155 
LEU OXT  O N N 156 
LEU H    H N N 157 
LEU H2   H N N 158 
LEU HA   H N N 159 
LEU HB2  H N N 160 
LEU HB3  H N N 161 
LEU HG   H N N 162 
LEU HD11 H N N 163 
LEU HD12 H N N 164 
LEU HD13 H N N 165 
LEU HD21 H N N 166 
LEU HD22 H N N 167 
LEU HD23 H N N 168 
LEU HXT  H N N 169 
LYS N    N N N 170 
LYS CA   C N S 171 
LYS C    C N N 172 
LYS O    O N N 173 
LYS CB   C N N 174 
LYS CG   C N N 175 
LYS CD   C N N 176 
LYS CE   C N N 177 
LYS NZ   N N N 178 
LYS OXT  O N N 179 
LYS H    H N N 180 
LYS H2   H N N 181 
LYS HA   H N N 182 
LYS HB2  H N N 183 
LYS HB3  H N N 184 
LYS HG2  H N N 185 
LYS HG3  H N N 186 
LYS HD2  H N N 187 
LYS HD3  H N N 188 
LYS HE2  H N N 189 
LYS HE3  H N N 190 
LYS HZ1  H N N 191 
LYS HZ2  H N N 192 
LYS HZ3  H N N 193 
LYS HXT  H N N 194 
MET N    N N N 195 
MET CA   C N S 196 
MET C    C N N 197 
MET O    O N N 198 
MET CB   C N N 199 
MET CG   C N N 200 
MET SD   S N N 201 
MET CE   C N N 202 
MET OXT  O N N 203 
MET H    H N N 204 
MET H2   H N N 205 
MET HA   H N N 206 
MET HB2  H N N 207 
MET HB3  H N N 208 
MET HG2  H N N 209 
MET HG3  H N N 210 
MET HE1  H N N 211 
MET HE2  H N N 212 
MET HE3  H N N 213 
MET HXT  H N N 214 
PHE N    N N N 215 
PHE CA   C N S 216 
PHE C    C N N 217 
PHE O    O N N 218 
PHE CB   C N N 219 
PHE CG   C Y N 220 
PHE CD1  C Y N 221 
PHE CD2  C Y N 222 
PHE CE1  C Y N 223 
PHE CE2  C Y N 224 
PHE CZ   C Y N 225 
PHE OXT  O N N 226 
PHE H    H N N 227 
PHE H2   H N N 228 
PHE HA   H N N 229 
PHE HB2  H N N 230 
PHE HB3  H N N 231 
PHE HD1  H N N 232 
PHE HD2  H N N 233 
PHE HE1  H N N 234 
PHE HE2  H N N 235 
PHE HZ   H N N 236 
PHE HXT  H N N 237 
PRO N    N N N 238 
PRO CA   C N S 239 
PRO C    C N N 240 
PRO O    O N N 241 
PRO CB   C N N 242 
PRO CG   C N N 243 
PRO CD   C N N 244 
PRO OXT  O N N 245 
PRO H    H N N 246 
PRO HA   H N N 247 
PRO HB2  H N N 248 
PRO HB3  H N N 249 
PRO HG2  H N N 250 
PRO HG3  H N N 251 
PRO HD2  H N N 252 
PRO HD3  H N N 253 
PRO HXT  H N N 254 
SER N    N N N 255 
SER CA   C N S 256 
SER C    C N N 257 
SER O    O N N 258 
SER CB   C N N 259 
SER OG   O N N 260 
SER OXT  O N N 261 
SER H    H N N 262 
SER H2   H N N 263 
SER HA   H N N 264 
SER HB2  H N N 265 
SER HB3  H N N 266 
SER HG   H N N 267 
SER HXT  H N N 268 
THR N    N N N 269 
THR CA   C N S 270 
THR C    C N N 271 
THR O    O N N 272 
THR CB   C N R 273 
THR OG1  O N N 274 
THR CG2  C N N 275 
THR OXT  O N N 276 
THR H    H N N 277 
THR H2   H N N 278 
THR HA   H N N 279 
THR HB   H N N 280 
THR HG1  H N N 281 
THR HG21 H N N 282 
THR HG22 H N N 283 
THR HG23 H N N 284 
THR HXT  H N N 285 
TRP N    N N N 286 
TRP CA   C N S 287 
TRP C    C N N 288 
TRP O    O N N 289 
TRP CB   C N N 290 
TRP CG   C Y N 291 
TRP CD1  C Y N 292 
TRP CD2  C Y N 293 
TRP NE1  N Y N 294 
TRP CE2  C Y N 295 
TRP CE3  C Y N 296 
TRP CZ2  C Y N 297 
TRP CZ3  C Y N 298 
TRP CH2  C Y N 299 
TRP OXT  O N N 300 
TRP H    H N N 301 
TRP H2   H N N 302 
TRP HA   H N N 303 
TRP HB2  H N N 304 
TRP HB3  H N N 305 
TRP HD1  H N N 306 
TRP HE1  H N N 307 
TRP HE3  H N N 308 
TRP HZ2  H N N 309 
TRP HZ3  H N N 310 
TRP HH2  H N N 311 
TRP HXT  H N N 312 
TYR N    N N N 313 
TYR CA   C N S 314 
TYR C    C N N 315 
TYR O    O N N 316 
TYR CB   C N N 317 
TYR CG   C Y N 318 
TYR CD1  C Y N 319 
TYR CD2  C Y N 320 
TYR CE1  C Y N 321 
TYR CE2  C Y N 322 
TYR CZ   C Y N 323 
TYR OH   O N N 324 
TYR OXT  O N N 325 
TYR H    H N N 326 
TYR H2   H N N 327 
TYR HA   H N N 328 
TYR HB2  H N N 329 
TYR HB3  H N N 330 
TYR HD1  H N N 331 
TYR HD2  H N N 332 
TYR HE1  H N N 333 
TYR HE2  H N N 334 
TYR HH   H N N 335 
TYR HXT  H N N 336 
VAL N    N N N 337 
VAL CA   C N S 338 
VAL C    C N N 339 
VAL O    O N N 340 
VAL CB   C N N 341 
VAL CG1  C N N 342 
VAL CG2  C N N 343 
VAL OXT  O N N 344 
VAL H    H N N 345 
VAL H2   H N N 346 
VAL HA   H N N 347 
VAL HB   H N N 348 
VAL HG11 H N N 349 
VAL HG12 H N N 350 
VAL HG13 H N N 351 
VAL HG21 H N N 352 
VAL HG22 H N N 353 
VAL HG23 H N N 354 
VAL HXT  H N N 355 
# 
loop_
_chem_comp_bond.comp_id 
_chem_comp_bond.atom_id_1 
_chem_comp_bond.atom_id_2 
_chem_comp_bond.value_order 
_chem_comp_bond.pdbx_aromatic_flag 
_chem_comp_bond.pdbx_stereo_config 
_chem_comp_bond.pdbx_ordinal 
ALA N   CA   sing N N 1   
ALA N   H    sing N N 2   
ALA N   H2   sing N N 3   
ALA CA  C    sing N N 4   
ALA CA  CB   sing N N 5   
ALA CA  HA   sing N N 6   
ALA C   O    doub N N 7   
ALA C   OXT  sing N N 8   
ALA CB  HB1  sing N N 9   
ALA CB  HB2  sing N N 10  
ALA CB  HB3  sing N N 11  
ALA OXT HXT  sing N N 12  
ARG N   CA   sing N N 13  
ARG N   H    sing N N 14  
ARG N   H2   sing N N 15  
ARG CA  C    sing N N 16  
ARG CA  CB   sing N N 17  
ARG CA  HA   sing N N 18  
ARG C   O    doub N N 19  
ARG C   OXT  sing N N 20  
ARG CB  CG   sing N N 21  
ARG CB  HB2  sing N N 22  
ARG CB  HB3  sing N N 23  
ARG CG  CD   sing N N 24  
ARG CG  HG2  sing N N 25  
ARG CG  HG3  sing N N 26  
ARG CD  NE   sing N N 27  
ARG CD  HD2  sing N N 28  
ARG CD  HD3  sing N N 29  
ARG NE  CZ   sing N N 30  
ARG NE  HE   sing N N 31  
ARG CZ  NH1  sing N N 32  
ARG CZ  NH2  doub N N 33  
ARG NH1 HH11 sing N N 34  
ARG NH1 HH12 sing N N 35  
ARG NH2 HH21 sing N N 36  
ARG NH2 HH22 sing N N 37  
ARG OXT HXT  sing N N 38  
ASN N   CA   sing N N 39  
ASN N   H    sing N N 40  
ASN N   H2   sing N N 41  
ASN CA  C    sing N N 42  
ASN CA  CB   sing N N 43  
ASN CA  HA   sing N N 44  
ASN C   O    doub N N 45  
ASN C   OXT  sing N N 46  
ASN CB  CG   sing N N 47  
ASN CB  HB2  sing N N 48  
ASN CB  HB3  sing N N 49  
ASN CG  OD1  doub N N 50  
ASN CG  ND2  sing N N 51  
ASN ND2 HD21 sing N N 52  
ASN ND2 HD22 sing N N 53  
ASN OXT HXT  sing N N 54  
ASP N   CA   sing N N 55  
ASP N   H    sing N N 56  
ASP N   H2   sing N N 57  
ASP CA  C    sing N N 58  
ASP CA  CB   sing N N 59  
ASP CA  HA   sing N N 60  
ASP C   O    doub N N 61  
ASP C   OXT  sing N N 62  
ASP CB  CG   sing N N 63  
ASP CB  HB2  sing N N 64  
ASP CB  HB3  sing N N 65  
ASP CG  OD1  doub N N 66  
ASP CG  OD2  sing N N 67  
ASP OD2 HD2  sing N N 68  
ASP OXT HXT  sing N N 69  
GLN N   CA   sing N N 70  
GLN N   H    sing N N 71  
GLN N   H2   sing N N 72  
GLN CA  C    sing N N 73  
GLN CA  CB   sing N N 74  
GLN CA  HA   sing N N 75  
GLN C   O    doub N N 76  
GLN C   OXT  sing N N 77  
GLN CB  CG   sing N N 78  
GLN CB  HB2  sing N N 79  
GLN CB  HB3  sing N N 80  
GLN CG  CD   sing N N 81  
GLN CG  HG2  sing N N 82  
GLN CG  HG3  sing N N 83  
GLN CD  OE1  doub N N 84  
GLN CD  NE2  sing N N 85  
GLN NE2 HE21 sing N N 86  
GLN NE2 HE22 sing N N 87  
GLN OXT HXT  sing N N 88  
GLU N   CA   sing N N 89  
GLU N   H    sing N N 90  
GLU N   H2   sing N N 91  
GLU CA  C    sing N N 92  
GLU CA  CB   sing N N 93  
GLU CA  HA   sing N N 94  
GLU C   O    doub N N 95  
GLU C   OXT  sing N N 96  
GLU CB  CG   sing N N 97  
GLU CB  HB2  sing N N 98  
GLU CB  HB3  sing N N 99  
GLU CG  CD   sing N N 100 
GLU CG  HG2  sing N N 101 
GLU CG  HG3  sing N N 102 
GLU CD  OE1  doub N N 103 
GLU CD  OE2  sing N N 104 
GLU OE2 HE2  sing N N 105 
GLU OXT HXT  sing N N 106 
GLY N   CA   sing N N 107 
GLY N   H    sing N N 108 
GLY N   H2   sing N N 109 
GLY CA  C    sing N N 110 
GLY CA  HA2  sing N N 111 
GLY CA  HA3  sing N N 112 
GLY C   O    doub N N 113 
GLY C   OXT  sing N N 114 
GLY OXT HXT  sing N N 115 
HOH O   H1   sing N N 116 
HOH O   H2   sing N N 117 
ILE N   CA   sing N N 118 
ILE N   H    sing N N 119 
ILE N   H2   sing N N 120 
ILE CA  C    sing N N 121 
ILE CA  CB   sing N N 122 
ILE CA  HA   sing N N 123 
ILE C   O    doub N N 124 
ILE C   OXT  sing N N 125 
ILE CB  CG1  sing N N 126 
ILE CB  CG2  sing N N 127 
ILE CB  HB   sing N N 128 
ILE CG1 CD1  sing N N 129 
ILE CG1 HG12 sing N N 130 
ILE CG1 HG13 sing N N 131 
ILE CG2 HG21 sing N N 132 
ILE CG2 HG22 sing N N 133 
ILE CG2 HG23 sing N N 134 
ILE CD1 HD11 sing N N 135 
ILE CD1 HD12 sing N N 136 
ILE CD1 HD13 sing N N 137 
ILE OXT HXT  sing N N 138 
LEU N   CA   sing N N 139 
LEU N   H    sing N N 140 
LEU N   H2   sing N N 141 
LEU CA  C    sing N N 142 
LEU CA  CB   sing N N 143 
LEU CA  HA   sing N N 144 
LEU C   O    doub N N 145 
LEU C   OXT  sing N N 146 
LEU CB  CG   sing N N 147 
LEU CB  HB2  sing N N 148 
LEU CB  HB3  sing N N 149 
LEU CG  CD1  sing N N 150 
LEU CG  CD2  sing N N 151 
LEU CG  HG   sing N N 152 
LEU CD1 HD11 sing N N 153 
LEU CD1 HD12 sing N N 154 
LEU CD1 HD13 sing N N 155 
LEU CD2 HD21 sing N N 156 
LEU CD2 HD22 sing N N 157 
LEU CD2 HD23 sing N N 158 
LEU OXT HXT  sing N N 159 
LYS N   CA   sing N N 160 
LYS N   H    sing N N 161 
LYS N   H2   sing N N 162 
LYS CA  C    sing N N 163 
LYS CA  CB   sing N N 164 
LYS CA  HA   sing N N 165 
LYS C   O    doub N N 166 
LYS C   OXT  sing N N 167 
LYS CB  CG   sing N N 168 
LYS CB  HB2  sing N N 169 
LYS CB  HB3  sing N N 170 
LYS CG  CD   sing N N 171 
LYS CG  HG2  sing N N 172 
LYS CG  HG3  sing N N 173 
LYS CD  CE   sing N N 174 
LYS CD  HD2  sing N N 175 
LYS CD  HD3  sing N N 176 
LYS CE  NZ   sing N N 177 
LYS CE  HE2  sing N N 178 
LYS CE  HE3  sing N N 179 
LYS NZ  HZ1  sing N N 180 
LYS NZ  HZ2  sing N N 181 
LYS NZ  HZ3  sing N N 182 
LYS OXT HXT  sing N N 183 
MET N   CA   sing N N 184 
MET N   H    sing N N 185 
MET N   H2   sing N N 186 
MET CA  C    sing N N 187 
MET CA  CB   sing N N 188 
MET CA  HA   sing N N 189 
MET C   O    doub N N 190 
MET C   OXT  sing N N 191 
MET CB  CG   sing N N 192 
MET CB  HB2  sing N N 193 
MET CB  HB3  sing N N 194 
MET CG  SD   sing N N 195 
MET CG  HG2  sing N N 196 
MET CG  HG3  sing N N 197 
MET SD  CE   sing N N 198 
MET CE  HE1  sing N N 199 
MET CE  HE2  sing N N 200 
MET CE  HE3  sing N N 201 
MET OXT HXT  sing N N 202 
PHE N   CA   sing N N 203 
PHE N   H    sing N N 204 
PHE N   H2   sing N N 205 
PHE CA  C    sing N N 206 
PHE CA  CB   sing N N 207 
PHE CA  HA   sing N N 208 
PHE C   O    doub N N 209 
PHE C   OXT  sing N N 210 
PHE CB  CG   sing N N 211 
PHE CB  HB2  sing N N 212 
PHE CB  HB3  sing N N 213 
PHE CG  CD1  doub Y N 214 
PHE CG  CD2  sing Y N 215 
PHE CD1 CE1  sing Y N 216 
PHE CD1 HD1  sing N N 217 
PHE CD2 CE2  doub Y N 218 
PHE CD2 HD2  sing N N 219 
PHE CE1 CZ   doub Y N 220 
PHE CE1 HE1  sing N N 221 
PHE CE2 CZ   sing Y N 222 
PHE CE2 HE2  sing N N 223 
PHE CZ  HZ   sing N N 224 
PHE OXT HXT  sing N N 225 
PRO N   CA   sing N N 226 
PRO N   CD   sing N N 227 
PRO N   H    sing N N 228 
PRO CA  C    sing N N 229 
PRO CA  CB   sing N N 230 
PRO CA  HA   sing N N 231 
PRO C   O    doub N N 232 
PRO C   OXT  sing N N 233 
PRO CB  CG   sing N N 234 
PRO CB  HB2  sing N N 235 
PRO CB  HB3  sing N N 236 
PRO CG  CD   sing N N 237 
PRO CG  HG2  sing N N 238 
PRO CG  HG3  sing N N 239 
PRO CD  HD2  sing N N 240 
PRO CD  HD3  sing N N 241 
PRO OXT HXT  sing N N 242 
SER N   CA   sing N N 243 
SER N   H    sing N N 244 
SER N   H2   sing N N 245 
SER CA  C    sing N N 246 
SER CA  CB   sing N N 247 
SER CA  HA   sing N N 248 
SER C   O    doub N N 249 
SER C   OXT  sing N N 250 
SER CB  OG   sing N N 251 
SER CB  HB2  sing N N 252 
SER CB  HB3  sing N N 253 
SER OG  HG   sing N N 254 
SER OXT HXT  sing N N 255 
THR N   CA   sing N N 256 
THR N   H    sing N N 257 
THR N   H2   sing N N 258 
THR CA  C    sing N N 259 
THR CA  CB   sing N N 260 
THR CA  HA   sing N N 261 
THR C   O    doub N N 262 
THR C   OXT  sing N N 263 
THR CB  OG1  sing N N 264 
THR CB  CG2  sing N N 265 
THR CB  HB   sing N N 266 
THR OG1 HG1  sing N N 267 
THR CG2 HG21 sing N N 268 
THR CG2 HG22 sing N N 269 
THR CG2 HG23 sing N N 270 
THR OXT HXT  sing N N 271 
TRP N   CA   sing N N 272 
TRP N   H    sing N N 273 
TRP N   H2   sing N N 274 
TRP CA  C    sing N N 275 
TRP CA  CB   sing N N 276 
TRP CA  HA   sing N N 277 
TRP C   O    doub N N 278 
TRP C   OXT  sing N N 279 
TRP CB  CG   sing N N 280 
TRP CB  HB2  sing N N 281 
TRP CB  HB3  sing N N 282 
TRP CG  CD1  doub Y N 283 
TRP CG  CD2  sing Y N 284 
TRP CD1 NE1  sing Y N 285 
TRP CD1 HD1  sing N N 286 
TRP CD2 CE2  doub Y N 287 
TRP CD2 CE3  sing Y N 288 
TRP NE1 CE2  sing Y N 289 
TRP NE1 HE1  sing N N 290 
TRP CE2 CZ2  sing Y N 291 
TRP CE3 CZ3  doub Y N 292 
TRP CE3 HE3  sing N N 293 
TRP CZ2 CH2  doub Y N 294 
TRP CZ2 HZ2  sing N N 295 
TRP CZ3 CH2  sing Y N 296 
TRP CZ3 HZ3  sing N N 297 
TRP CH2 HH2  sing N N 298 
TRP OXT HXT  sing N N 299 
TYR N   CA   sing N N 300 
TYR N   H    sing N N 301 
TYR N   H2   sing N N 302 
TYR CA  C    sing N N 303 
TYR CA  CB   sing N N 304 
TYR CA  HA   sing N N 305 
TYR C   O    doub N N 306 
TYR C   OXT  sing N N 307 
TYR CB  CG   sing N N 308 
TYR CB  HB2  sing N N 309 
TYR CB  HB3  sing N N 310 
TYR CG  CD1  doub Y N 311 
TYR CG  CD2  sing Y N 312 
TYR CD1 CE1  sing Y N 313 
TYR CD1 HD1  sing N N 314 
TYR CD2 CE2  doub Y N 315 
TYR CD2 HD2  sing N N 316 
TYR CE1 CZ   doub Y N 317 
TYR CE1 HE1  sing N N 318 
TYR CE2 CZ   sing Y N 319 
TYR CE2 HE2  sing N N 320 
TYR CZ  OH   sing N N 321 
TYR OH  HH   sing N N 322 
TYR OXT HXT  sing N N 323 
VAL N   CA   sing N N 324 
VAL N   H    sing N N 325 
VAL N   H2   sing N N 326 
VAL CA  C    sing N N 327 
VAL CA  CB   sing N N 328 
VAL CA  HA   sing N N 329 
VAL C   O    doub N N 330 
VAL C   OXT  sing N N 331 
VAL CB  CG1  sing N N 332 
VAL CB  CG2  sing N N 333 
VAL CB  HB   sing N N 334 
VAL CG1 HG11 sing N N 335 
VAL CG1 HG12 sing N N 336 
VAL CG1 HG13 sing N N 337 
VAL CG2 HG21 sing N N 338 
VAL CG2 HG22 sing N N 339 
VAL CG2 HG23 sing N N 340 
VAL OXT HXT  sing N N 341 
# 
_pdbx_entity_nonpoly.entity_id   2 
_pdbx_entity_nonpoly.name        water 
_pdbx_entity_nonpoly.comp_id     HOH 
# 
_pdbx_initial_refinement_model.id               1 
_pdbx_initial_refinement_model.entity_id_list   ? 
_pdbx_initial_refinement_model.type             'experimental model' 
_pdbx_initial_refinement_model.source_name      PDB 
_pdbx_initial_refinement_model.accession_code   1ZPW 
_pdbx_initial_refinement_model.details          'PDB ENTRY 1ZPW' 
# 
